data_2IMG
# 
_entry.id   2IMG 
# 
_audit_conform.dict_name       mmcif_pdbx.dic 
_audit_conform.dict_version    5.397 
_audit_conform.dict_location   http://mmcif.pdb.org/dictionaries/ascii/mmcif_pdbx.dic 
# 
loop_
_database_2.database_id 
_database_2.database_code 
_database_2.pdbx_database_accession 
_database_2.pdbx_DOI 
PDB   2IMG         pdb_00002img 10.2210/pdb2img/pdb 
RCSB  RCSB039750   ?            ?                   
WWPDB D_1000039750 ?            ?                   
# 
loop_
_pdbx_audit_revision_history.ordinal 
_pdbx_audit_revision_history.data_content_type 
_pdbx_audit_revision_history.major_revision 
_pdbx_audit_revision_history.minor_revision 
_pdbx_audit_revision_history.revision_date 
1 'Structure model' 1 0 2006-10-17 
2 'Structure model' 1 1 2008-03-20 
3 'Structure model' 1 2 2011-07-13 
4 'Structure model' 1 3 2021-02-03 
5 'Structure model' 1 4 2024-10-30 
# 
_pdbx_audit_revision_details.ordinal             1 
_pdbx_audit_revision_details.revision_ordinal    1 
_pdbx_audit_revision_details.data_content_type   'Structure model' 
_pdbx_audit_revision_details.provider            repository 
_pdbx_audit_revision_details.type                'Initial release' 
_pdbx_audit_revision_details.description         ? 
_pdbx_audit_revision_details.details             ? 
# 
loop_
_pdbx_audit_revision_group.ordinal 
_pdbx_audit_revision_group.revision_ordinal 
_pdbx_audit_revision_group.data_content_type 
_pdbx_audit_revision_group.group 
1 2 'Structure model' 'Version format compliance' 
2 3 'Structure model' 'Version format compliance' 
3 4 'Structure model' 'Database references'       
4 4 'Structure model' 'Derived calculations'      
5 4 'Structure model' 'Structure summary'         
6 5 'Structure model' 'Data collection'           
7 5 'Structure model' 'Database references'       
8 5 'Structure model' 'Structure summary'         
# 
loop_
_pdbx_audit_revision_category.ordinal 
_pdbx_audit_revision_category.revision_ordinal 
_pdbx_audit_revision_category.data_content_type 
_pdbx_audit_revision_category.category 
1  4 'Structure model' audit_author              
2  4 'Structure model' citation_author           
3  4 'Structure model' struct_conn               
4  4 'Structure model' struct_ref_seq_dif        
5  4 'Structure model' struct_site               
6  5 'Structure model' chem_comp_atom            
7  5 'Structure model' chem_comp_bond            
8  5 'Structure model' database_2                
9  5 'Structure model' pdbx_entry_details        
10 5 'Structure model' pdbx_modification_feature 
# 
loop_
_pdbx_audit_revision_item.ordinal 
_pdbx_audit_revision_item.revision_ordinal 
_pdbx_audit_revision_item.data_content_type 
_pdbx_audit_revision_item.item 
1 4 'Structure model' '_audit_author.identifier_ORCID'      
2 4 'Structure model' '_citation_author.identifier_ORCID'   
3 4 'Structure model' '_struct_conn.pdbx_leaving_atom_flag' 
4 4 'Structure model' '_struct_ref_seq_dif.details'         
5 4 'Structure model' '_struct_site.pdbx_auth_asym_id'      
6 4 'Structure model' '_struct_site.pdbx_auth_comp_id'      
7 4 'Structure model' '_struct_site.pdbx_auth_seq_id'       
8 5 'Structure model' '_database_2.pdbx_DOI'                
9 5 'Structure model' '_database_2.pdbx_database_accession' 
# 
_pdbx_database_status.status_code                     REL 
_pdbx_database_status.entry_id                        2IMG 
_pdbx_database_status.recvd_initial_deposition_date   2006-10-04 
_pdbx_database_status.deposit_site                    RCSB 
_pdbx_database_status.process_site                    RCSB 
_pdbx_database_status.status_code_sf                  REL 
_pdbx_database_status.status_code_mr                  ? 
_pdbx_database_status.SG_entry                        Y 
_pdbx_database_status.pdb_format_compatible           Y 
_pdbx_database_status.status_code_cs                  ? 
_pdbx_database_status.status_code_nmr_data            ? 
_pdbx_database_status.methods_development_category    ? 
# 
_pdbx_database_related.db_name        TargetDB 
_pdbx_database_related.db_id          NYSGXRC-8673a 
_pdbx_database_related.details        . 
_pdbx_database_related.content_type   unspecified 
# 
loop_
_audit_author.name 
_audit_author.pdbx_ordinal 
_audit_author.identifier_ORCID 
'Agarwal, R.'                                                    1 ?                   
'Burley, S.K.'                                                   2 0000-0002-2487-9713 
'Swaminathan, S.'                                                3 ?                   
'New York SGX Research Center for Structural Genomics (NYSGXRC)' 4 ?                   
# 
_citation.id                        primary 
_citation.title                     
'Structure of human dual specificity protein phosphatase 23, VHZ, enzyme-substrate/product complex.' 
_citation.journal_abbrev            J.Biol.Chem. 
_citation.journal_volume            283 
_citation.page_first                8946 
_citation.page_last                 8953 
_citation.year                      2008 
_citation.journal_id_ASTM           JBCHA3 
_citation.country                   US 
_citation.journal_id_ISSN           0021-9258 
_citation.journal_id_CSD            0071 
_citation.book_publisher            ? 
_citation.pdbx_database_id_PubMed   18245086 
_citation.pdbx_database_id_DOI      10.1074/jbc.M708945200 
# 
loop_
_citation_author.citation_id 
_citation_author.name 
_citation_author.ordinal 
_citation_author.identifier_ORCID 
primary 'Agarwal, R.'     1 ?                   
primary 'Burley, S.K.'    2 0000-0002-2487-9713 
primary 'Swaminathan, S.' 3 ?                   
# 
loop_
_entity.id 
_entity.type 
_entity.src_method 
_entity.pdbx_description 
_entity.formula_weight 
_entity.pdbx_number_of_molecules 
_entity.pdbx_ec 
_entity.pdbx_mutation 
_entity.pdbx_fragment 
_entity.details 
1 polymer     man 'Dual specificity protein phosphatase 23' 16726.074 1   '3.1.3.48, 3.1.3.16' ? ? ? 
2 non-polymer syn D-MALATE                                  134.087   1   ?                    ? ? ? 
3 water       nat water                                     18.015    114 ?                    ? ? ? 
# 
_entity_name_com.entity_id   1 
_entity_name_com.name        'Low molecular mass dual specificity phosphatase 3, LDP-3, VH1-like phosphatase Z' 
# 
_entity_poly.entity_id                      1 
_entity_poly.type                           'polypeptide(L)' 
_entity_poly.nstd_linkage                   no 
_entity_poly.nstd_monomer                   yes 
_entity_poly.pdbx_seq_one_letter_code       
;SLGVQPPNFSWVLPGRLAGLALPRLPAHYQFLLDLGVRHLVSLTERGPPHSDSCPGLTLHRLRIPDFCPPAPDQIDRFVQ
IVDEANARGEAVGVHCALGFGRTGT(MSE)LACYLVKERGLAAGDAIAEIRRLRPGSIETYEQEKAVFQFYQRTK
;
_entity_poly.pdbx_seq_one_letter_code_can   
;SLGVQPPNFSWVLPGRLAGLALPRLPAHYQFLLDLGVRHLVSLTERGPPHSDSCPGLTLHRLRIPDFCPPAPDQIDRFVQ
IVDEANARGEAVGVHCALGFGRTGTMLACYLVKERGLAAGDAIAEIRRLRPGSIETYEQEKAVFQFYQRTK
;
_entity_poly.pdbx_strand_id                 A 
_entity_poly.pdbx_target_identifier         NYSGXRC-8673a 
# 
loop_
_pdbx_entity_nonpoly.entity_id 
_pdbx_entity_nonpoly.name 
_pdbx_entity_nonpoly.comp_id 
2 D-MALATE MLT 
3 water    HOH 
# 
loop_
_entity_poly_seq.entity_id 
_entity_poly_seq.num 
_entity_poly_seq.mon_id 
_entity_poly_seq.hetero 
1 1   SER n 
1 2   LEU n 
1 3   GLY n 
1 4   VAL n 
1 5   GLN n 
1 6   PRO n 
1 7   PRO n 
1 8   ASN n 
1 9   PHE n 
1 10  SER n 
1 11  TRP n 
1 12  VAL n 
1 13  LEU n 
1 14  PRO n 
1 15  GLY n 
1 16  ARG n 
1 17  LEU n 
1 18  ALA n 
1 19  GLY n 
1 20  LEU n 
1 21  ALA n 
1 22  LEU n 
1 23  PRO n 
1 24  ARG n 
1 25  LEU n 
1 26  PRO n 
1 27  ALA n 
1 28  HIS n 
1 29  TYR n 
1 30  GLN n 
1 31  PHE n 
1 32  LEU n 
1 33  LEU n 
1 34  ASP n 
1 35  LEU n 
1 36  GLY n 
1 37  VAL n 
1 38  ARG n 
1 39  HIS n 
1 40  LEU n 
1 41  VAL n 
1 42  SER n 
1 43  LEU n 
1 44  THR n 
1 45  GLU n 
1 46  ARG n 
1 47  GLY n 
1 48  PRO n 
1 49  PRO n 
1 50  HIS n 
1 51  SER n 
1 52  ASP n 
1 53  SER n 
1 54  CYS n 
1 55  PRO n 
1 56  GLY n 
1 57  LEU n 
1 58  THR n 
1 59  LEU n 
1 60  HIS n 
1 61  ARG n 
1 62  LEU n 
1 63  ARG n 
1 64  ILE n 
1 65  PRO n 
1 66  ASP n 
1 67  PHE n 
1 68  CYS n 
1 69  PRO n 
1 70  PRO n 
1 71  ALA n 
1 72  PRO n 
1 73  ASP n 
1 74  GLN n 
1 75  ILE n 
1 76  ASP n 
1 77  ARG n 
1 78  PHE n 
1 79  VAL n 
1 80  GLN n 
1 81  ILE n 
1 82  VAL n 
1 83  ASP n 
1 84  GLU n 
1 85  ALA n 
1 86  ASN n 
1 87  ALA n 
1 88  ARG n 
1 89  GLY n 
1 90  GLU n 
1 91  ALA n 
1 92  VAL n 
1 93  GLY n 
1 94  VAL n 
1 95  HIS n 
1 96  CYS n 
1 97  ALA n 
1 98  LEU n 
1 99  GLY n 
1 100 PHE n 
1 101 GLY n 
1 102 ARG n 
1 103 THR n 
1 104 GLY n 
1 105 THR n 
1 106 MSE n 
1 107 LEU n 
1 108 ALA n 
1 109 CYS n 
1 110 TYR n 
1 111 LEU n 
1 112 VAL n 
1 113 LYS n 
1 114 GLU n 
1 115 ARG n 
1 116 GLY n 
1 117 LEU n 
1 118 ALA n 
1 119 ALA n 
1 120 GLY n 
1 121 ASP n 
1 122 ALA n 
1 123 ILE n 
1 124 ALA n 
1 125 GLU n 
1 126 ILE n 
1 127 ARG n 
1 128 ARG n 
1 129 LEU n 
1 130 ARG n 
1 131 PRO n 
1 132 GLY n 
1 133 SER n 
1 134 ILE n 
1 135 GLU n 
1 136 THR n 
1 137 TYR n 
1 138 GLU n 
1 139 GLN n 
1 140 GLU n 
1 141 LYS n 
1 142 ALA n 
1 143 VAL n 
1 144 PHE n 
1 145 GLN n 
1 146 PHE n 
1 147 TYR n 
1 148 GLN n 
1 149 ARG n 
1 150 THR n 
1 151 LYS n 
# 
_entity_src_gen.entity_id                          1 
_entity_src_gen.pdbx_src_id                        1 
_entity_src_gen.pdbx_alt_source_flag               sample 
_entity_src_gen.pdbx_seq_type                      ? 
_entity_src_gen.pdbx_beg_seq_num                   ? 
_entity_src_gen.pdbx_end_seq_num                   ? 
_entity_src_gen.gene_src_common_name               human 
_entity_src_gen.gene_src_genus                     Homo 
_entity_src_gen.pdbx_gene_src_gene                 DUSP23 
_entity_src_gen.gene_src_species                   ? 
_entity_src_gen.gene_src_strain                    ? 
_entity_src_gen.gene_src_tissue                    ? 
_entity_src_gen.gene_src_tissue_fraction           ? 
_entity_src_gen.gene_src_details                   ? 
_entity_src_gen.pdbx_gene_src_fragment             ? 
_entity_src_gen.pdbx_gene_src_scientific_name      'Homo sapiens' 
_entity_src_gen.pdbx_gene_src_ncbi_taxonomy_id     9606 
_entity_src_gen.pdbx_gene_src_variant              ? 
_entity_src_gen.pdbx_gene_src_cell_line            ? 
_entity_src_gen.pdbx_gene_src_atcc                 ? 
_entity_src_gen.pdbx_gene_src_organ                ? 
_entity_src_gen.pdbx_gene_src_organelle            ? 
_entity_src_gen.pdbx_gene_src_cell                 ? 
_entity_src_gen.pdbx_gene_src_cellular_location    ? 
_entity_src_gen.host_org_common_name               ? 
_entity_src_gen.pdbx_host_org_scientific_name      'Escherichia coli' 
_entity_src_gen.pdbx_host_org_ncbi_taxonomy_id     562 
_entity_src_gen.host_org_genus                     Escherichia 
_entity_src_gen.pdbx_host_org_gene                 ? 
_entity_src_gen.pdbx_host_org_organ                ? 
_entity_src_gen.host_org_species                   ? 
_entity_src_gen.pdbx_host_org_tissue               ? 
_entity_src_gen.pdbx_host_org_tissue_fraction      ? 
_entity_src_gen.pdbx_host_org_strain               'BL21(DE3)RIL' 
_entity_src_gen.pdbx_host_org_variant              ? 
_entity_src_gen.pdbx_host_org_cell_line            ? 
_entity_src_gen.pdbx_host_org_atcc                 ? 
_entity_src_gen.pdbx_host_org_culture_collection   ? 
_entity_src_gen.pdbx_host_org_cell                 ? 
_entity_src_gen.pdbx_host_org_organelle            ? 
_entity_src_gen.pdbx_host_org_cellular_location    ? 
_entity_src_gen.pdbx_host_org_vector_type          plasmid 
_entity_src_gen.pdbx_host_org_vector               ? 
_entity_src_gen.host_org_details                   ? 
_entity_src_gen.expression_system_id               ? 
_entity_src_gen.plasmid_name                       pSGX4 
_entity_src_gen.plasmid_details                    ? 
_entity_src_gen.pdbx_description                   ? 
# 
loop_
_chem_comp.id 
_chem_comp.type 
_chem_comp.mon_nstd_flag 
_chem_comp.name 
_chem_comp.pdbx_synonyms 
_chem_comp.formula 
_chem_comp.formula_weight 
ALA 'L-peptide linking' y ALANINE          ?                                                         'C3 H7 N O2'     89.093  
ARG 'L-peptide linking' y ARGININE         ?                                                         'C6 H15 N4 O2 1' 175.209 
ASN 'L-peptide linking' y ASPARAGINE       ?                                                         'C4 H8 N2 O3'    132.118 
ASP 'L-peptide linking' y 'ASPARTIC ACID'  ?                                                         'C4 H7 N O4'     133.103 
CYS 'L-peptide linking' y CYSTEINE         ?                                                         'C3 H7 N O2 S'   121.158 
GLN 'L-peptide linking' y GLUTAMINE        ?                                                         'C5 H10 N2 O3'   146.144 
GLU 'L-peptide linking' y 'GLUTAMIC ACID'  ?                                                         'C5 H9 N O4'     147.129 
GLY 'peptide linking'   y GLYCINE          ?                                                         'C2 H5 N O2'     75.067  
HIS 'L-peptide linking' y HISTIDINE        ?                                                         'C6 H10 N3 O2 1' 156.162 
HOH non-polymer         . WATER            ?                                                         'H2 O'           18.015  
ILE 'L-peptide linking' y ISOLEUCINE       ?                                                         'C6 H13 N O2'    131.173 
LEU 'L-peptide linking' y LEUCINE          ?                                                         'C6 H13 N O2'    131.173 
LYS 'L-peptide linking' y LYSINE           ?                                                         'C6 H15 N2 O2 1' 147.195 
MET 'L-peptide linking' y METHIONINE       ?                                                         'C5 H11 N O2 S'  149.211 
MLT non-polymer         . D-MALATE         '(2R)-2-HYDROXYBUTANEDIOIC ACID; 2-HYDROXY-SUCCINIC ACID' 'C4 H6 O5'       134.087 
MSE 'L-peptide linking' n SELENOMETHIONINE ?                                                         'C5 H11 N O2 Se' 196.106 
PHE 'L-peptide linking' y PHENYLALANINE    ?                                                         'C9 H11 N O2'    165.189 
PRO 'L-peptide linking' y PROLINE          ?                                                         'C5 H9 N O2'     115.130 
SER 'L-peptide linking' y SERINE           ?                                                         'C3 H7 N O3'     105.093 
THR 'L-peptide linking' y THREONINE        ?                                                         'C4 H9 N O3'     119.119 
TRP 'L-peptide linking' y TRYPTOPHAN       ?                                                         'C11 H12 N2 O2'  204.225 
TYR 'L-peptide linking' y TYROSINE         ?                                                         'C9 H11 N O3'    181.189 
VAL 'L-peptide linking' y VALINE           ?                                                         'C5 H11 N O2'    117.146 
# 
loop_
_pdbx_poly_seq_scheme.asym_id 
_pdbx_poly_seq_scheme.entity_id 
_pdbx_poly_seq_scheme.seq_id 
_pdbx_poly_seq_scheme.mon_id 
_pdbx_poly_seq_scheme.ndb_seq_num 
_pdbx_poly_seq_scheme.pdb_seq_num 
_pdbx_poly_seq_scheme.auth_seq_num 
_pdbx_poly_seq_scheme.pdb_mon_id 
_pdbx_poly_seq_scheme.auth_mon_id 
_pdbx_poly_seq_scheme.pdb_strand_id 
_pdbx_poly_seq_scheme.pdb_ins_code 
_pdbx_poly_seq_scheme.hetero 
A 1 1   SER 1   0   ?   ?   ?   A . n 
A 1 2   LEU 2   1   ?   ?   ?   A . n 
A 1 3   GLY 3   2   2   GLY GLY A . n 
A 1 4   VAL 4   3   3   VAL VAL A . n 
A 1 5   GLN 5   4   4   GLN GLN A . n 
A 1 6   PRO 6   5   5   PRO PRO A . n 
A 1 7   PRO 7   6   6   PRO PRO A . n 
A 1 8   ASN 8   7   7   ASN ASN A . n 
A 1 9   PHE 9   8   8   PHE PHE A . n 
A 1 10  SER 10  9   9   SER SER A . n 
A 1 11  TRP 11  10  10  TRP TRP A . n 
A 1 12  VAL 12  11  11  VAL VAL A . n 
A 1 13  LEU 13  12  12  LEU LEU A . n 
A 1 14  PRO 14  13  13  PRO PRO A . n 
A 1 15  GLY 15  14  14  GLY GLY A . n 
A 1 16  ARG 16  15  15  ARG ARG A . n 
A 1 17  LEU 17  16  16  LEU LEU A . n 
A 1 18  ALA 18  17  17  ALA ALA A . n 
A 1 19  GLY 19  18  18  GLY GLY A . n 
A 1 20  LEU 20  19  19  LEU LEU A . n 
A 1 21  ALA 21  20  20  ALA ALA A . n 
A 1 22  LEU 22  21  21  LEU LEU A . n 
A 1 23  PRO 23  22  22  PRO PRO A . n 
A 1 24  ARG 24  23  23  ARG ARG A . n 
A 1 25  LEU 25  24  24  LEU LEU A . n 
A 1 26  PRO 26  25  25  PRO PRO A . n 
A 1 27  ALA 27  26  26  ALA ALA A . n 
A 1 28  HIS 28  27  27  HIS HIS A . n 
A 1 29  TYR 29  28  28  TYR TYR A . n 
A 1 30  GLN 30  29  29  GLN GLN A . n 
A 1 31  PHE 31  30  30  PHE PHE A . n 
A 1 32  LEU 32  31  31  LEU LEU A . n 
A 1 33  LEU 33  32  32  LEU LEU A . n 
A 1 34  ASP 34  33  33  ASP ASP A . n 
A 1 35  LEU 35  34  34  LEU LEU A . n 
A 1 36  GLY 36  35  35  GLY GLY A . n 
A 1 37  VAL 37  36  36  VAL VAL A . n 
A 1 38  ARG 38  37  37  ARG ARG A . n 
A 1 39  HIS 39  38  38  HIS HIS A . n 
A 1 40  LEU 40  39  39  LEU LEU A . n 
A 1 41  VAL 41  40  40  VAL VAL A . n 
A 1 42  SER 42  41  41  SER SER A . n 
A 1 43  LEU 43  42  42  LEU LEU A . n 
A 1 44  THR 44  43  43  THR THR A . n 
A 1 45  GLU 45  44  44  GLU GLU A . n 
A 1 46  ARG 46  45  45  ARG ARG A . n 
A 1 47  GLY 47  46  46  GLY GLY A . n 
A 1 48  PRO 48  47  47  PRO PRO A . n 
A 1 49  PRO 49  48  48  PRO PRO A . n 
A 1 50  HIS 50  49  49  HIS HIS A . n 
A 1 51  SER 51  50  50  SER SER A . n 
A 1 52  ASP 52  51  51  ASP ASP A . n 
A 1 53  SER 53  52  52  SER SER A . n 
A 1 54  CYS 54  53  53  CYS CYS A . n 
A 1 55  PRO 55  54  54  PRO PRO A . n 
A 1 56  GLY 56  55  55  GLY GLY A . n 
A 1 57  LEU 57  56  56  LEU LEU A . n 
A 1 58  THR 58  57  57  THR THR A . n 
A 1 59  LEU 59  58  58  LEU LEU A . n 
A 1 60  HIS 60  59  59  HIS HIS A . n 
A 1 61  ARG 61  60  60  ARG ARG A . n 
A 1 62  LEU 62  61  61  LEU LEU A . n 
A 1 63  ARG 63  62  62  ARG ARG A . n 
A 1 64  ILE 64  63  63  ILE ILE A . n 
A 1 65  PRO 65  64  64  PRO PRO A . n 
A 1 66  ASP 66  65  65  ASP ASP A . n 
A 1 67  PHE 67  66  66  PHE PHE A . n 
A 1 68  CYS 68  67  67  CYS CYS A . n 
A 1 69  PRO 69  68  68  PRO PRO A . n 
A 1 70  PRO 70  69  69  PRO PRO A . n 
A 1 71  ALA 71  70  70  ALA ALA A . n 
A 1 72  PRO 72  71  71  PRO PRO A . n 
A 1 73  ASP 73  72  72  ASP ASP A . n 
A 1 74  GLN 74  73  73  GLN GLN A . n 
A 1 75  ILE 75  74  74  ILE ILE A . n 
A 1 76  ASP 76  75  75  ASP ASP A . n 
A 1 77  ARG 77  76  76  ARG ARG A . n 
A 1 78  PHE 78  77  77  PHE PHE A . n 
A 1 79  VAL 79  78  78  VAL VAL A . n 
A 1 80  GLN 80  79  79  GLN GLN A . n 
A 1 81  ILE 81  80  80  ILE ILE A . n 
A 1 82  VAL 82  81  81  VAL VAL A . n 
A 1 83  ASP 83  82  82  ASP ASP A . n 
A 1 84  GLU 84  83  83  GLU GLU A . n 
A 1 85  ALA 85  84  84  ALA ALA A . n 
A 1 86  ASN 86  85  85  ASN ASN A . n 
A 1 87  ALA 87  86  86  ALA ALA A . n 
A 1 88  ARG 88  87  87  ARG ARG A . n 
A 1 89  GLY 89  88  88  GLY GLY A . n 
A 1 90  GLU 90  89  89  GLU GLU A . n 
A 1 91  ALA 91  90  90  ALA ALA A . n 
A 1 92  VAL 92  91  91  VAL VAL A . n 
A 1 93  GLY 93  92  92  GLY GLY A . n 
A 1 94  VAL 94  93  93  VAL VAL A . n 
A 1 95  HIS 95  94  94  HIS HIS A . n 
A 1 96  CYS 96  95  95  CYS CYS A . n 
A 1 97  ALA 97  96  96  ALA ALA A . n 
A 1 98  LEU 98  97  97  LEU LEU A . n 
A 1 99  GLY 99  98  98  GLY GLY A . n 
A 1 100 PHE 100 99  99  PHE PHE A . n 
A 1 101 GLY 101 100 100 GLY GLY A . n 
A 1 102 ARG 102 101 101 ARG ARG A . n 
A 1 103 THR 103 102 102 THR THR A . n 
A 1 104 GLY 104 103 103 GLY GLY A . n 
A 1 105 THR 105 104 104 THR THR A . n 
A 1 106 MSE 106 105 105 MSE MSE A . n 
A 1 107 LEU 107 106 106 LEU LEU A . n 
A 1 108 ALA 108 107 107 ALA ALA A . n 
A 1 109 CYS 109 108 108 CYS CYS A . n 
A 1 110 TYR 110 109 109 TYR TYR A . n 
A 1 111 LEU 111 110 110 LEU LEU A . n 
A 1 112 VAL 112 111 111 VAL VAL A . n 
A 1 113 LYS 113 112 112 LYS LYS A . n 
A 1 114 GLU 114 113 113 GLU GLU A . n 
A 1 115 ARG 115 114 114 ARG ARG A . n 
A 1 116 GLY 116 115 115 GLY GLY A . n 
A 1 117 LEU 117 116 116 LEU LEU A . n 
A 1 118 ALA 118 117 117 ALA ALA A . n 
A 1 119 ALA 119 118 118 ALA ALA A . n 
A 1 120 GLY 120 119 119 GLY GLY A . n 
A 1 121 ASP 121 120 120 ASP ASP A . n 
A 1 122 ALA 122 121 121 ALA ALA A . n 
A 1 123 ILE 123 122 122 ILE ILE A . n 
A 1 124 ALA 124 123 123 ALA ALA A . n 
A 1 125 GLU 125 124 124 GLU GLU A . n 
A 1 126 ILE 126 125 125 ILE ILE A . n 
A 1 127 ARG 127 126 126 ARG ARG A . n 
A 1 128 ARG 128 127 127 ARG ARG A . n 
A 1 129 LEU 129 128 128 LEU LEU A . n 
A 1 130 ARG 130 129 129 ARG ARG A . n 
A 1 131 PRO 131 130 130 PRO PRO A . n 
A 1 132 GLY 132 131 131 GLY GLY A . n 
A 1 133 SER 133 132 132 SER SER A . n 
A 1 134 ILE 134 133 133 ILE ILE A . n 
A 1 135 GLU 135 134 134 GLU GLU A . n 
A 1 136 THR 136 135 135 THR THR A . n 
A 1 137 TYR 137 136 136 TYR TYR A . n 
A 1 138 GLU 138 137 137 GLU GLU A . n 
A 1 139 GLN 139 138 138 GLN GLN A . n 
A 1 140 GLU 140 139 139 GLU GLU A . n 
A 1 141 LYS 141 140 140 LYS LYS A . n 
A 1 142 ALA 142 141 141 ALA ALA A . n 
A 1 143 VAL 143 142 142 VAL VAL A . n 
A 1 144 PHE 144 143 143 PHE PHE A . n 
A 1 145 GLN 145 144 144 GLN GLN A . n 
A 1 146 PHE 146 145 145 PHE PHE A . n 
A 1 147 TYR 147 146 146 TYR TYR A . n 
A 1 148 GLN 148 147 147 GLN GLN A . n 
A 1 149 ARG 149 148 148 ARG ARG A . n 
A 1 150 THR 150 149 149 THR THR A . n 
A 1 151 LYS 151 150 150 LYS LYS A . n 
# 
loop_
_pdbx_nonpoly_scheme.asym_id 
_pdbx_nonpoly_scheme.entity_id 
_pdbx_nonpoly_scheme.mon_id 
_pdbx_nonpoly_scheme.ndb_seq_num 
_pdbx_nonpoly_scheme.pdb_seq_num 
_pdbx_nonpoly_scheme.auth_seq_num 
_pdbx_nonpoly_scheme.pdb_mon_id 
_pdbx_nonpoly_scheme.auth_mon_id 
_pdbx_nonpoly_scheme.pdb_strand_id 
_pdbx_nonpoly_scheme.pdb_ins_code 
B 2 MLT 1   501 501 MLT MLT A . 
C 3 HOH 1   502 1   HOH HOH A . 
C 3 HOH 2   503 2   HOH HOH A . 
C 3 HOH 3   504 3   HOH HOH A . 
C 3 HOH 4   505 4   HOH HOH A . 
C 3 HOH 5   506 5   HOH HOH A . 
C 3 HOH 6   507 8   HOH HOH A . 
C 3 HOH 7   508 9   HOH HOH A . 
C 3 HOH 8   509 11  HOH HOH A . 
C 3 HOH 9   510 12  HOH HOH A . 
C 3 HOH 10  511 13  HOH HOH A . 
C 3 HOH 11  512 14  HOH HOH A . 
C 3 HOH 12  513 15  HOH HOH A . 
C 3 HOH 13  514 16  HOH HOH A . 
C 3 HOH 14  515 17  HOH HOH A . 
C 3 HOH 15  516 18  HOH HOH A . 
C 3 HOH 16  517 19  HOH HOH A . 
C 3 HOH 17  518 21  HOH HOH A . 
C 3 HOH 18  519 22  HOH HOH A . 
C 3 HOH 19  520 23  HOH HOH A . 
C 3 HOH 20  521 24  HOH HOH A . 
C 3 HOH 21  522 25  HOH HOH A . 
C 3 HOH 22  523 26  HOH HOH A . 
C 3 HOH 23  524 27  HOH HOH A . 
C 3 HOH 24  525 28  HOH HOH A . 
C 3 HOH 25  526 29  HOH HOH A . 
C 3 HOH 26  527 30  HOH HOH A . 
C 3 HOH 27  528 31  HOH HOH A . 
C 3 HOH 28  529 32  HOH HOH A . 
C 3 HOH 29  530 33  HOH HOH A . 
C 3 HOH 30  531 34  HOH HOH A . 
C 3 HOH 31  532 35  HOH HOH A . 
C 3 HOH 32  533 36  HOH HOH A . 
C 3 HOH 33  534 37  HOH HOH A . 
C 3 HOH 34  535 39  HOH HOH A . 
C 3 HOH 35  536 40  HOH HOH A . 
C 3 HOH 36  537 41  HOH HOH A . 
C 3 HOH 37  538 42  HOH HOH A . 
C 3 HOH 38  539 43  HOH HOH A . 
C 3 HOH 39  540 44  HOH HOH A . 
C 3 HOH 40  541 45  HOH HOH A . 
C 3 HOH 41  542 46  HOH HOH A . 
C 3 HOH 42  543 47  HOH HOH A . 
C 3 HOH 43  544 48  HOH HOH A . 
C 3 HOH 44  545 49  HOH HOH A . 
C 3 HOH 45  546 50  HOH HOH A . 
C 3 HOH 46  547 51  HOH HOH A . 
C 3 HOH 47  548 56  HOH HOH A . 
C 3 HOH 48  549 57  HOH HOH A . 
C 3 HOH 49  550 58  HOH HOH A . 
C 3 HOH 50  551 59  HOH HOH A . 
C 3 HOH 51  552 60  HOH HOH A . 
C 3 HOH 52  553 61  HOH HOH A . 
C 3 HOH 53  554 62  HOH HOH A . 
C 3 HOH 54  555 63  HOH HOH A . 
C 3 HOH 55  556 66  HOH HOH A . 
C 3 HOH 56  557 67  HOH HOH A . 
C 3 HOH 57  558 68  HOH HOH A . 
C 3 HOH 58  559 69  HOH HOH A . 
C 3 HOH 59  560 70  HOH HOH A . 
C 3 HOH 60  561 71  HOH HOH A . 
C 3 HOH 61  562 72  HOH HOH A . 
C 3 HOH 62  563 73  HOH HOH A . 
C 3 HOH 63  564 74  HOH HOH A . 
C 3 HOH 64  565 75  HOH HOH A . 
C 3 HOH 65  566 77  HOH HOH A . 
C 3 HOH 66  567 78  HOH HOH A . 
C 3 HOH 67  568 80  HOH HOH A . 
C 3 HOH 68  569 81  HOH HOH A . 
C 3 HOH 69  570 82  HOH HOH A . 
C 3 HOH 70  571 83  HOH HOH A . 
C 3 HOH 71  572 84  HOH HOH A . 
C 3 HOH 72  573 85  HOH HOH A . 
C 3 HOH 73  574 86  HOH HOH A . 
C 3 HOH 74  575 87  HOH HOH A . 
C 3 HOH 75  576 88  HOH HOH A . 
C 3 HOH 76  577 89  HOH HOH A . 
C 3 HOH 77  578 90  HOH HOH A . 
C 3 HOH 78  579 91  HOH HOH A . 
C 3 HOH 79  580 94  HOH HOH A . 
C 3 HOH 80  581 95  HOH HOH A . 
C 3 HOH 81  582 104 HOH HOH A . 
C 3 HOH 82  583 105 HOH HOH A . 
C 3 HOH 83  584 106 HOH HOH A . 
C 3 HOH 84  585 108 HOH HOH A . 
C 3 HOH 85  586 110 HOH HOH A . 
C 3 HOH 86  587 111 HOH HOH A . 
C 3 HOH 87  588 116 HOH HOH A . 
C 3 HOH 88  589 117 HOH HOH A . 
C 3 HOH 89  590 122 HOH HOH A . 
C 3 HOH 90  591 123 HOH HOH A . 
C 3 HOH 91  592 124 HOH HOH A . 
C 3 HOH 92  593 126 HOH HOH A . 
C 3 HOH 93  594 128 HOH HOH A . 
C 3 HOH 94  595 130 HOH HOH A . 
C 3 HOH 95  596 131 HOH HOH A . 
C 3 HOH 96  597 134 HOH HOH A . 
C 3 HOH 97  598 144 HOH HOH A . 
C 3 HOH 98  599 146 HOH HOH A . 
C 3 HOH 99  600 151 HOH HOH A . 
C 3 HOH 100 601 154 HOH HOH A . 
C 3 HOH 101 602 156 HOH HOH A . 
C 3 HOH 102 603 158 HOH HOH A . 
C 3 HOH 103 604 160 HOH HOH A . 
C 3 HOH 104 605 161 HOH HOH A . 
C 3 HOH 105 606 162 HOH HOH A . 
C 3 HOH 106 607 163 HOH HOH A . 
C 3 HOH 107 608 164 HOH HOH A . 
C 3 HOH 108 609 166 HOH HOH A . 
C 3 HOH 109 610 173 HOH HOH A . 
C 3 HOH 110 611 177 HOH HOH A . 
C 3 HOH 111 612 178 HOH HOH A . 
C 3 HOH 112 613 179 HOH HOH A . 
C 3 HOH 113 614 180 HOH HOH A . 
C 3 HOH 114 615 181 HOH HOH A . 
# 
loop_
_software.name 
_software.classification 
_software.version 
_software.citation_id 
_software.pdbx_ordinal 
CNS      refinement        1.1 ? 1 
CBASS    'data collection' .   ? 2 
HKL-2000 'data reduction'  .   ? 3 
HKL-2000 'data scaling'    .   ? 4 
SOLVE    phasing           .   ? 5 
SHARP    phasing           .   ? 6 
# 
_cell.entry_id           2IMG 
_cell.length_a           35.970 
_cell.length_b           59.253 
_cell.length_c           64.400 
_cell.angle_alpha        90.00 
_cell.angle_beta         90.00 
_cell.angle_gamma        90.00 
_cell.Z_PDB              4 
_cell.pdbx_unique_axis   ? 
_cell.length_a_esd       ? 
_cell.length_b_esd       ? 
_cell.length_c_esd       ? 
_cell.angle_alpha_esd    ? 
_cell.angle_beta_esd     ? 
_cell.angle_gamma_esd    ? 
# 
_symmetry.entry_id                         2IMG 
_symmetry.space_group_name_H-M             'P 21 21 21' 
_symmetry.pdbx_full_space_group_name_H-M   ? 
_symmetry.cell_setting                     ? 
_symmetry.Int_Tables_number                19 
_symmetry.space_group_name_Hall            ? 
# 
_exptl.entry_id          2IMG 
_exptl.method            'X-RAY DIFFRACTION' 
_exptl.crystals_number   2 
# 
_exptl_crystal.id                    1 
_exptl_crystal.density_meas          ? 
_exptl_crystal.density_Matthews      2.05 
_exptl_crystal.density_percent_sol   40.00 
_exptl_crystal.description           ? 
_exptl_crystal.F_000                 ? 
_exptl_crystal.preparation           ? 
# 
_exptl_crystal_grow.crystal_id      1 
_exptl_crystal_grow.method          'VAPOR DIFFUSION, SITTING DROP' 
_exptl_crystal_grow.temp            298 
_exptl_crystal_grow.temp_details    ? 
_exptl_crystal_grow.pH              7.0 
_exptl_crystal_grow.pdbx_details    '0.1M DL Malic acid, 20% PEG 3350, pH 7.0, VAPOR DIFFUSION, SITTING DROP, temperature 298K' 
_exptl_crystal_grow.pdbx_pH_range   . 
# 
_diffrn.id                     1 
_diffrn.ambient_temp           100 
_diffrn.ambient_temp_details   ? 
_diffrn.crystal_id             1 
# 
_diffrn_detector.diffrn_id              1 
_diffrn_detector.detector               CCD 
_diffrn_detector.type                   'ADSC QUANTUM 315' 
_diffrn_detector.pdbx_collection_date   2006-09-22 
_diffrn_detector.details                mirrors 
# 
_diffrn_radiation.diffrn_id                        1 
_diffrn_radiation.wavelength_id                    1 
_diffrn_radiation.pdbx_monochromatic_or_laue_m_l   M 
_diffrn_radiation.monochromator                    'Si (111)' 
_diffrn_radiation.pdbx_diffrn_protocol             'SINGLE WAVELENGTH' 
_diffrn_radiation.pdbx_scattering_type             x-ray 
# 
_diffrn_radiation_wavelength.id           1 
_diffrn_radiation_wavelength.wavelength   0.9791 
_diffrn_radiation_wavelength.wt           1.0 
# 
_diffrn_source.diffrn_id                   1 
_diffrn_source.source                      SYNCHROTRON 
_diffrn_source.type                        'NSLS BEAMLINE X29A' 
_diffrn_source.pdbx_synchrotron_site       NSLS 
_diffrn_source.pdbx_synchrotron_beamline   X29A 
_diffrn_source.pdbx_wavelength             ? 
_diffrn_source.pdbx_wavelength_list        0.9791 
# 
_reflns.entry_id                     2IMG 
_reflns.observed_criterion_sigma_I   ? 
_reflns.observed_criterion_sigma_F   0 
_reflns.d_resolution_low             50 
_reflns.d_resolution_high            1.93 
_reflns.number_obs                   10874 
_reflns.number_all                   10874 
_reflns.percent_possible_obs         99.9 
_reflns.pdbx_Rmerge_I_obs            0.09 
_reflns.pdbx_Rsym_value              ? 
_reflns.pdbx_netI_over_sigmaI        9.5 
_reflns.B_iso_Wilson_estimate        11.3 
_reflns.pdbx_redundancy              33.8 
_reflns.R_free_details               ? 
_reflns.limit_h_max                  ? 
_reflns.limit_h_min                  ? 
_reflns.limit_k_max                  ? 
_reflns.limit_k_min                  ? 
_reflns.limit_l_max                  ? 
_reflns.limit_l_min                  ? 
_reflns.observed_criterion_F_max     ? 
_reflns.observed_criterion_F_min     ? 
_reflns.pdbx_chi_squared             ? 
_reflns.pdbx_scaling_rejects         ? 
_reflns.pdbx_diffrn_id               1 
_reflns.pdbx_ordinal                 1 
# 
_reflns_shell.d_res_high             1.93 
_reflns_shell.d_res_low              2.00 
_reflns_shell.percent_possible_all   99.3 
_reflns_shell.Rmerge_I_obs           0.25 
_reflns_shell.pdbx_Rsym_value        ? 
_reflns_shell.meanI_over_sigI_obs    4 
_reflns_shell.pdbx_redundancy        19 
_reflns_shell.percent_possible_obs   ? 
_reflns_shell.number_unique_all      1058 
_reflns_shell.number_measured_all    ? 
_reflns_shell.number_measured_obs    ? 
_reflns_shell.number_unique_obs      ? 
_reflns_shell.pdbx_chi_squared       ? 
_reflns_shell.pdbx_diffrn_id         ? 
_reflns_shell.pdbx_ordinal           1 
# 
_refine.entry_id                                 2IMG 
_refine.ls_number_reflns_obs                     10835 
_refine.ls_number_reflns_all                     10835 
_refine.pdbx_ls_sigma_I                          ? 
_refine.pdbx_ls_sigma_F                          0.0 
_refine.pdbx_data_cutoff_high_absF               96730.07 
_refine.pdbx_data_cutoff_low_absF                0.000000 
_refine.pdbx_data_cutoff_high_rms_absF           ? 
_refine.ls_d_res_low                             31.40 
_refine.ls_d_res_high                            1.93 
_refine.ls_percent_reflns_obs                    98.6 
_refine.ls_R_factor_obs                          0.195 
_refine.ls_R_factor_all                          ? 
_refine.ls_R_factor_R_work                       0.195 
_refine.ls_R_factor_R_free                       0.229 
_refine.ls_R_factor_R_free_error                 0.010 
_refine.ls_R_factor_R_free_error_details         ? 
_refine.ls_percent_reflns_R_free                 2.9 
_refine.ls_number_reflns_R_free                  324 
_refine.ls_number_parameters                     ? 
_refine.ls_number_restraints                     ? 
_refine.occupancy_min                            ? 
_refine.occupancy_max                            ? 
_refine.correlation_coeff_Fo_to_Fc               ? 
_refine.correlation_coeff_Fo_to_Fc_free          ? 
_refine.B_iso_mean                               18.8 
_refine.aniso_B[1][1]                            -1.98 
_refine.aniso_B[2][2]                            6.74 
_refine.aniso_B[3][3]                            -4.76 
_refine.aniso_B[1][2]                            0.00 
_refine.aniso_B[1][3]                            0.00 
_refine.aniso_B[2][3]                            0.00 
_refine.solvent_model_details                    'FLAT MODEL' 
_refine.solvent_model_param_ksol                 0.34178 
_refine.solvent_model_param_bsol                 36.5848 
_refine.pdbx_solvent_vdw_probe_radii             ? 
_refine.pdbx_solvent_ion_probe_radii             ? 
_refine.pdbx_solvent_shrinkage_radii             ? 
_refine.pdbx_ls_cross_valid_method               THROUGHOUT 
_refine.details                                  'the missing residues listed in Remark 465 are due to lack of electron density.' 
_refine.pdbx_starting_model                      ? 
_refine.pdbx_method_to_determine_struct          SAD 
_refine.pdbx_isotropic_thermal_model             RESTRAINED 
_refine.pdbx_stereochemistry_target_values       'Engh & Huber' 
_refine.pdbx_stereochem_target_val_spec_case     ? 
_refine.pdbx_R_Free_selection_details            RANDOM 
_refine.pdbx_overall_ESU_R                       ? 
_refine.pdbx_overall_ESU_R_Free                  ? 
_refine.overall_SU_ML                            ? 
_refine.overall_SU_B                             ? 
_refine.ls_redundancy_reflns_obs                 ? 
_refine.B_iso_min                                ? 
_refine.B_iso_max                                ? 
_refine.overall_SU_R_Cruickshank_DPI             ? 
_refine.overall_SU_R_free                        ? 
_refine.ls_wR_factor_R_free                      ? 
_refine.ls_wR_factor_R_work                      ? 
_refine.overall_FOM_free_R_set                   ? 
_refine.overall_FOM_work_R_set                   ? 
_refine.pdbx_overall_phase_error                 ? 
_refine.pdbx_refine_id                           'X-RAY DIFFRACTION' 
_refine.pdbx_diffrn_id                           1 
_refine.pdbx_TLS_residual_ADP_flag               ? 
_refine.pdbx_overall_SU_R_free_Cruickshank_DPI   ? 
_refine.pdbx_overall_SU_R_Blow_DPI               ? 
_refine.pdbx_overall_SU_R_free_Blow_DPI          ? 
# 
_refine_analyze.entry_id                        2IMG 
_refine_analyze.Luzzati_coordinate_error_obs    0.21 
_refine_analyze.Luzzati_sigma_a_obs             0.09 
_refine_analyze.Luzzati_d_res_low_obs           5.00 
_refine_analyze.Luzzati_coordinate_error_free   0.27 
_refine_analyze.Luzzati_sigma_a_free            0.12 
_refine_analyze.Luzzati_d_res_low_free          ? 
_refine_analyze.number_disordered_residues      ? 
_refine_analyze.occupancy_sum_hydrogen          ? 
_refine_analyze.occupancy_sum_non_hydrogen      ? 
_refine_analyze.pdbx_Luzzati_d_res_high_obs     ? 
_refine_analyze.pdbx_refine_id                  'X-RAY DIFFRACTION' 
# 
_refine_hist.pdbx_refine_id                   'X-RAY DIFFRACTION' 
_refine_hist.cycle_id                         LAST 
_refine_hist.pdbx_number_atoms_protein        1161 
_refine_hist.pdbx_number_atoms_nucleic_acid   0 
_refine_hist.pdbx_number_atoms_ligand         9 
_refine_hist.number_atoms_solvent             114 
_refine_hist.number_atoms_total               1284 
_refine_hist.d_res_high                       1.93 
_refine_hist.d_res_low                        31.40 
# 
loop_
_refine_ls_restr.type 
_refine_ls_restr.dev_ideal 
_refine_ls_restr.dev_ideal_target 
_refine_ls_restr.weight 
_refine_ls_restr.number 
_refine_ls_restr.pdbx_refine_id 
_refine_ls_restr.pdbx_restraint_function 
c_bond_d           0.006 ? ? ? 'X-RAY DIFFRACTION' ? 
c_angle_deg        1.2   ? ? ? 'X-RAY DIFFRACTION' ? 
c_dihedral_angle_d 22.2  ? ? ? 'X-RAY DIFFRACTION' ? 
c_improper_angle_d 0.83  ? ? ? 'X-RAY DIFFRACTION' ? 
# 
_refine_ls_shell.pdbx_total_number_of_bins_used   6 
_refine_ls_shell.d_res_high                       1.93 
_refine_ls_shell.d_res_low                        2.05 
_refine_ls_shell.number_reflns_R_work             3071 
_refine_ls_shell.R_factor_R_work                  0.205 
_refine_ls_shell.percent_reflns_obs               95.2 
_refine_ls_shell.R_factor_R_free                  0.272 
_refine_ls_shell.R_factor_R_free_error            0.028 
_refine_ls_shell.percent_reflns_R_free            3.0 
_refine_ls_shell.number_reflns_R_free             96 
_refine_ls_shell.number_reflns_all                ? 
_refine_ls_shell.R_factor_all                     ? 
_refine_ls_shell.number_reflns_obs                ? 
_refine_ls_shell.redundancy_reflns_obs            ? 
_refine_ls_shell.pdbx_refine_id                   'X-RAY DIFFRACTION' 
# 
loop_
_pdbx_xplor_file.serial_no 
_pdbx_xplor_file.param_file 
_pdbx_xplor_file.topol_file 
_pdbx_xplor_file.pdbx_refine_id 
1 protein_rep.param protein.top 'X-RAY DIFFRACTION' 
2 ion.param         mlt-new.top 'X-RAY DIFFRACTION' 
3 water_rep.param   ?           'X-RAY DIFFRACTION' 
4 mlt-new.param     ?           'X-RAY DIFFRACTION' 
# 
_struct.entry_id                  2IMG 
_struct.title                     
'Crystal structure of dual specificity protein phosphatase 23 from Homo sapiens in complex with ligand malate ion' 
_struct.pdbx_model_details        ? 
_struct.pdbx_CASP_flag            ? 
_struct.pdbx_model_type_details   ? 
# 
_struct_keywords.entry_id        2IMG 
_struct_keywords.pdbx_keywords   HYDROLASE 
_struct_keywords.text            
;DUSP23, VHZ, LDP-3, dual specicity protein phosphatase 23, dus23_human, malate, 8673a, Structural Genomics, PSI, Protein Structure Initiative, New York SGX Research Center for Structural Genomics, NYSGXRC, HYDROLASE
;
# 
loop_
_struct_asym.id 
_struct_asym.pdbx_blank_PDB_chainid_flag 
_struct_asym.pdbx_modified 
_struct_asym.entity_id 
_struct_asym.details 
A N N 1 ? 
B N N 2 ? 
C N N 3 ? 
# 
_struct_ref.id                         1 
_struct_ref.db_name                    UNP 
_struct_ref.db_code                    DUS23_HUMAN 
_struct_ref.pdbx_db_accession          Q9BVJ7 
_struct_ref.entity_id                  1 
_struct_ref.pdbx_align_begin           2 
_struct_ref.pdbx_seq_one_letter_code   ? 
_struct_ref.pdbx_db_isoform            ? 
# 
_struct_ref_seq.align_id                      1 
_struct_ref_seq.ref_id                        1 
_struct_ref_seq.pdbx_PDB_id_code              2IMG 
_struct_ref_seq.pdbx_strand_id                A 
_struct_ref_seq.seq_align_beg                 3 
_struct_ref_seq.pdbx_seq_align_beg_ins_code   ? 
_struct_ref_seq.seq_align_end                 151 
_struct_ref_seq.pdbx_seq_align_end_ins_code   ? 
_struct_ref_seq.pdbx_db_accession             Q9BVJ7 
_struct_ref_seq.db_align_beg                  2 
_struct_ref_seq.pdbx_db_align_beg_ins_code    ? 
_struct_ref_seq.db_align_end                  150 
_struct_ref_seq.pdbx_db_align_end_ins_code    ? 
_struct_ref_seq.pdbx_auth_seq_align_beg       2 
_struct_ref_seq.pdbx_auth_seq_align_end       150 
# 
loop_
_struct_ref_seq_dif.align_id 
_struct_ref_seq_dif.pdbx_pdb_id_code 
_struct_ref_seq_dif.mon_id 
_struct_ref_seq_dif.pdbx_pdb_strand_id 
_struct_ref_seq_dif.seq_num 
_struct_ref_seq_dif.pdbx_pdb_ins_code 
_struct_ref_seq_dif.pdbx_seq_db_name 
_struct_ref_seq_dif.pdbx_seq_db_accession_code 
_struct_ref_seq_dif.db_mon_id 
_struct_ref_seq_dif.pdbx_seq_db_seq_num 
_struct_ref_seq_dif.details 
_struct_ref_seq_dif.pdbx_auth_seq_num 
_struct_ref_seq_dif.pdbx_ordinal 
1 2IMG SER A 1   ? UNP Q9BVJ7 ?   ?   'cloning artifact' 0   1 
1 2IMG LEU A 2   ? UNP Q9BVJ7 ?   ?   'cloning artifact' 1   2 
1 2IMG MSE A 106 ? UNP Q9BVJ7 MET 105 'modified residue' 105 3 
# 
_pdbx_struct_assembly.id                   1 
_pdbx_struct_assembly.details              author_defined_assembly 
_pdbx_struct_assembly.method_details       ? 
_pdbx_struct_assembly.oligomeric_details   monomeric 
_pdbx_struct_assembly.oligomeric_count     1 
# 
_pdbx_struct_assembly_gen.assembly_id       1 
_pdbx_struct_assembly_gen.oper_expression   1 
_pdbx_struct_assembly_gen.asym_id_list      A,B,C 
# 
_pdbx_struct_oper_list.id                   1 
_pdbx_struct_oper_list.type                 'identity operation' 
_pdbx_struct_oper_list.name                 1_555 
_pdbx_struct_oper_list.symmetry_operation   x,y,z 
_pdbx_struct_oper_list.matrix[1][1]         1.0000000000 
_pdbx_struct_oper_list.matrix[1][2]         0.0000000000 
_pdbx_struct_oper_list.matrix[1][3]         0.0000000000 
_pdbx_struct_oper_list.vector[1]            0.0000000000 
_pdbx_struct_oper_list.matrix[2][1]         0.0000000000 
_pdbx_struct_oper_list.matrix[2][2]         1.0000000000 
_pdbx_struct_oper_list.matrix[2][3]         0.0000000000 
_pdbx_struct_oper_list.vector[2]            0.0000000000 
_pdbx_struct_oper_list.matrix[3][1]         0.0000000000 
_pdbx_struct_oper_list.matrix[3][2]         0.0000000000 
_pdbx_struct_oper_list.matrix[3][3]         1.0000000000 
_pdbx_struct_oper_list.vector[3]            0.0000000000 
# 
_struct_biol.id        1 
_struct_biol.details   ? 
# 
loop_
_struct_conf.conf_type_id 
_struct_conf.id 
_struct_conf.pdbx_PDB_helix_id 
_struct_conf.beg_label_comp_id 
_struct_conf.beg_label_asym_id 
_struct_conf.beg_label_seq_id 
_struct_conf.pdbx_beg_PDB_ins_code 
_struct_conf.end_label_comp_id 
_struct_conf.end_label_asym_id 
_struct_conf.end_label_seq_id 
_struct_conf.pdbx_end_PDB_ins_code 
_struct_conf.beg_auth_comp_id 
_struct_conf.beg_auth_asym_id 
_struct_conf.beg_auth_seq_id 
_struct_conf.end_auth_comp_id 
_struct_conf.end_auth_asym_id 
_struct_conf.end_auth_seq_id 
_struct_conf.pdbx_PDB_helix_class 
_struct_conf.details 
_struct_conf.pdbx_PDB_helix_length 
HELX_P HELX_P1 1 LEU A 25  ? LEU A 35  ? LEU A 24  LEU A 34  1 ? 11 
HELX_P HELX_P2 2 HIS A 50  ? CYS A 54  ? HIS A 49  CYS A 53  5 ? 5  
HELX_P HELX_P3 3 ALA A 71  ? ARG A 88  ? ALA A 70  ARG A 87  1 ? 18 
HELX_P HELX_P4 4 GLY A 101 ? GLY A 116 ? GLY A 100 GLY A 115 1 ? 16 
HELX_P HELX_P5 5 ALA A 118 ? ARG A 130 ? ALA A 117 ARG A 129 1 ? 13 
HELX_P HELX_P6 6 THR A 136 ? ARG A 149 ? THR A 135 ARG A 148 1 ? 14 
# 
_struct_conf_type.id          HELX_P 
_struct_conf_type.criteria    ? 
_struct_conf_type.reference   ? 
# 
loop_
_struct_conn.id 
_struct_conn.conn_type_id 
_struct_conn.pdbx_leaving_atom_flag 
_struct_conn.pdbx_PDB_id 
_struct_conn.ptnr1_label_asym_id 
_struct_conn.ptnr1_label_comp_id 
_struct_conn.ptnr1_label_seq_id 
_struct_conn.ptnr1_label_atom_id 
_struct_conn.pdbx_ptnr1_label_alt_id 
_struct_conn.pdbx_ptnr1_PDB_ins_code 
_struct_conn.pdbx_ptnr1_standard_comp_id 
_struct_conn.ptnr1_symmetry 
_struct_conn.ptnr2_label_asym_id 
_struct_conn.ptnr2_label_comp_id 
_struct_conn.ptnr2_label_seq_id 
_struct_conn.ptnr2_label_atom_id 
_struct_conn.pdbx_ptnr2_label_alt_id 
_struct_conn.pdbx_ptnr2_PDB_ins_code 
_struct_conn.ptnr1_auth_asym_id 
_struct_conn.ptnr1_auth_comp_id 
_struct_conn.ptnr1_auth_seq_id 
_struct_conn.ptnr2_auth_asym_id 
_struct_conn.ptnr2_auth_comp_id 
_struct_conn.ptnr2_auth_seq_id 
_struct_conn.ptnr2_symmetry 
_struct_conn.pdbx_ptnr3_label_atom_id 
_struct_conn.pdbx_ptnr3_label_seq_id 
_struct_conn.pdbx_ptnr3_label_comp_id 
_struct_conn.pdbx_ptnr3_label_asym_id 
_struct_conn.pdbx_ptnr3_label_alt_id 
_struct_conn.pdbx_ptnr3_PDB_ins_code 
_struct_conn.details 
_struct_conn.pdbx_dist_value 
_struct_conn.pdbx_value_order 
_struct_conn.pdbx_role 
covale1 covale both ? A THR 105 C ? ? ? 1_555 A MSE 106 N ? ? A THR 104 A MSE 105 1_555 ? ? ? ? ? ? ? 1.332 ? ? 
covale2 covale both ? A MSE 106 C ? ? ? 1_555 A LEU 107 N ? ? A MSE 105 A LEU 106 1_555 ? ? ? ? ? ? ? 1.324 ? ? 
# 
_struct_conn_type.id          covale 
_struct_conn_type.criteria    ? 
_struct_conn_type.reference   ? 
# 
_pdbx_modification_feature.ordinal                            1 
_pdbx_modification_feature.label_comp_id                      MSE 
_pdbx_modification_feature.label_asym_id                      A 
_pdbx_modification_feature.label_seq_id                       106 
_pdbx_modification_feature.label_alt_id                       ? 
_pdbx_modification_feature.modified_residue_label_comp_id     . 
_pdbx_modification_feature.modified_residue_label_asym_id     . 
_pdbx_modification_feature.modified_residue_label_seq_id      . 
_pdbx_modification_feature.modified_residue_label_alt_id      . 
_pdbx_modification_feature.auth_comp_id                       MSE 
_pdbx_modification_feature.auth_asym_id                       A 
_pdbx_modification_feature.auth_seq_id                        105 
_pdbx_modification_feature.PDB_ins_code                       ? 
_pdbx_modification_feature.symmetry                           1_555 
_pdbx_modification_feature.modified_residue_auth_comp_id      . 
_pdbx_modification_feature.modified_residue_auth_asym_id      . 
_pdbx_modification_feature.modified_residue_auth_seq_id       . 
_pdbx_modification_feature.modified_residue_PDB_ins_code      . 
_pdbx_modification_feature.modified_residue_symmetry          . 
_pdbx_modification_feature.comp_id_linking_atom               . 
_pdbx_modification_feature.modified_residue_id_linking_atom   . 
_pdbx_modification_feature.modified_residue_id                MET 
_pdbx_modification_feature.ref_pcm_id                         1 
_pdbx_modification_feature.ref_comp_id                        MSE 
_pdbx_modification_feature.type                               Selenomethionine 
_pdbx_modification_feature.category                           'Named protein modification' 
# 
_struct_sheet.id               A 
_struct_sheet.type             ? 
_struct_sheet.number_strands   5 
_struct_sheet.details          ? 
# 
loop_
_struct_sheet_order.sheet_id 
_struct_sheet_order.range_id_1 
_struct_sheet_order.range_id_2 
_struct_sheet_order.offset 
_struct_sheet_order.sense 
A 1 2 ? anti-parallel 
A 2 3 ? parallel      
A 3 4 ? parallel      
A 4 5 ? parallel      
# 
loop_
_struct_sheet_range.sheet_id 
_struct_sheet_range.id 
_struct_sheet_range.beg_label_comp_id 
_struct_sheet_range.beg_label_asym_id 
_struct_sheet_range.beg_label_seq_id 
_struct_sheet_range.pdbx_beg_PDB_ins_code 
_struct_sheet_range.end_label_comp_id 
_struct_sheet_range.end_label_asym_id 
_struct_sheet_range.end_label_seq_id 
_struct_sheet_range.pdbx_end_PDB_ins_code 
_struct_sheet_range.beg_auth_comp_id 
_struct_sheet_range.beg_auth_asym_id 
_struct_sheet_range.beg_auth_seq_id 
_struct_sheet_range.end_auth_comp_id 
_struct_sheet_range.end_auth_asym_id 
_struct_sheet_range.end_auth_seq_id 
A 1 SER A 10 ? LEU A 13 ? SER A 9  LEU A 12 
A 2 LEU A 17 ? LEU A 20 ? LEU A 16 LEU A 19 
A 3 ALA A 91 ? HIS A 95 ? ALA A 90 HIS A 94 
A 4 VAL A 37 ? SER A 42 ? VAL A 36 SER A 41 
A 5 THR A 58 ? ARG A 61 ? THR A 57 ARG A 60 
# 
loop_
_pdbx_struct_sheet_hbond.sheet_id 
_pdbx_struct_sheet_hbond.range_id_1 
_pdbx_struct_sheet_hbond.range_id_2 
_pdbx_struct_sheet_hbond.range_1_label_atom_id 
_pdbx_struct_sheet_hbond.range_1_label_comp_id 
_pdbx_struct_sheet_hbond.range_1_label_asym_id 
_pdbx_struct_sheet_hbond.range_1_label_seq_id 
_pdbx_struct_sheet_hbond.range_1_PDB_ins_code 
_pdbx_struct_sheet_hbond.range_1_auth_atom_id 
_pdbx_struct_sheet_hbond.range_1_auth_comp_id 
_pdbx_struct_sheet_hbond.range_1_auth_asym_id 
_pdbx_struct_sheet_hbond.range_1_auth_seq_id 
_pdbx_struct_sheet_hbond.range_2_label_atom_id 
_pdbx_struct_sheet_hbond.range_2_label_comp_id 
_pdbx_struct_sheet_hbond.range_2_label_asym_id 
_pdbx_struct_sheet_hbond.range_2_label_seq_id 
_pdbx_struct_sheet_hbond.range_2_PDB_ins_code 
_pdbx_struct_sheet_hbond.range_2_auth_atom_id 
_pdbx_struct_sheet_hbond.range_2_auth_comp_id 
_pdbx_struct_sheet_hbond.range_2_auth_asym_id 
_pdbx_struct_sheet_hbond.range_2_auth_seq_id 
A 1 2 N VAL A 12 ? N VAL A 11 O LEU A 17 ? O LEU A 16 
A 2 3 N ALA A 18 ? N ALA A 17 O VAL A 94 ? O VAL A 93 
A 3 4 O GLY A 93 ? O GLY A 92 N VAL A 41 ? N VAL A 40 
A 4 5 N LEU A 40 ? N LEU A 39 O HIS A 60 ? O HIS A 59 
# 
_struct_site.id                   AC1 
_struct_site.pdbx_evidence_code   Software 
_struct_site.pdbx_auth_asym_id    A 
_struct_site.pdbx_auth_comp_id    MLT 
_struct_site.pdbx_auth_seq_id     501 
_struct_site.pdbx_auth_ins_code   ? 
_struct_site.pdbx_num_residues    11 
_struct_site.details              'BINDING SITE FOR RESIDUE MLT A 501' 
# 
loop_
_struct_site_gen.id 
_struct_site_gen.site_id 
_struct_site_gen.pdbx_num_res 
_struct_site_gen.label_comp_id 
_struct_site_gen.label_asym_id 
_struct_site_gen.label_seq_id 
_struct_site_gen.pdbx_auth_ins_code 
_struct_site_gen.auth_comp_id 
_struct_site_gen.auth_asym_id 
_struct_site_gen.auth_seq_id 
_struct_site_gen.label_atom_id 
_struct_site_gen.label_alt_id 
_struct_site_gen.symmetry 
_struct_site_gen.details 
1  AC1 11 PHE A 67  ? PHE A 66  . ? 1_555 ? 
2  AC1 11 CYS A 96  ? CYS A 95  . ? 1_555 ? 
3  AC1 11 ALA A 97  ? ALA A 96  . ? 1_555 ? 
4  AC1 11 LEU A 98  ? LEU A 97  . ? 1_555 ? 
5  AC1 11 GLY A 99  ? GLY A 98  . ? 1_555 ? 
6  AC1 11 PHE A 100 ? PHE A 99  . ? 1_555 ? 
7  AC1 11 GLY A 101 ? GLY A 100 . ? 1_555 ? 
8  AC1 11 ARG A 102 ? ARG A 101 . ? 1_555 ? 
9  AC1 11 TYR A 137 ? TYR A 136 . ? 4_555 ? 
10 AC1 11 LYS A 141 ? LYS A 140 . ? 4_555 ? 
11 AC1 11 HOH C .   ? HOH A 519 . ? 1_555 ? 
# 
_pdbx_entry_details.entry_id                   2IMG 
_pdbx_entry_details.compound_details           ? 
_pdbx_entry_details.source_details             ? 
_pdbx_entry_details.nonpolymer_details         ? 
_pdbx_entry_details.sequence_details           ? 
_pdbx_entry_details.has_ligand_of_interest     ? 
_pdbx_entry_details.has_protein_modification   Y 
# 
loop_
_pdbx_validate_torsion.id 
_pdbx_validate_torsion.PDB_model_num 
_pdbx_validate_torsion.auth_comp_id 
_pdbx_validate_torsion.auth_asym_id 
_pdbx_validate_torsion.auth_seq_id 
_pdbx_validate_torsion.PDB_ins_code 
_pdbx_validate_torsion.label_alt_id 
_pdbx_validate_torsion.phi 
_pdbx_validate_torsion.psi 
1 1 PRO A 13 ? ? -38.58  117.16  
2 1 ARG A 15 ? ? -133.20 -46.82  
3 1 ARG A 23 ? ? -142.02 -1.94   
4 1 CYS A 95 ? ? -137.59 -146.36 
# 
_pdbx_validate_chiral.id              1 
_pdbx_validate_chiral.PDB_model_num   1 
_pdbx_validate_chiral.auth_atom_id    C2 
_pdbx_validate_chiral.label_alt_id    ? 
_pdbx_validate_chiral.auth_asym_id    A 
_pdbx_validate_chiral.auth_comp_id    MLT 
_pdbx_validate_chiral.auth_seq_id     501 
_pdbx_validate_chiral.PDB_ins_code    ? 
_pdbx_validate_chiral.details         'WRONG HAND' 
_pdbx_validate_chiral.omega           . 
# 
_pdbx_SG_project.id                    1 
_pdbx_SG_project.project_name          'PSI, Protein Structure Initiative' 
_pdbx_SG_project.full_name_of_center   'New York SGX Research Center for Structural Genomics' 
_pdbx_SG_project.initial_of_center     NYSGXRC 
# 
_pdbx_struct_mod_residue.id               1 
_pdbx_struct_mod_residue.label_asym_id    A 
_pdbx_struct_mod_residue.label_comp_id    MSE 
_pdbx_struct_mod_residue.label_seq_id     106 
_pdbx_struct_mod_residue.auth_asym_id     A 
_pdbx_struct_mod_residue.auth_comp_id     MSE 
_pdbx_struct_mod_residue.auth_seq_id      105 
_pdbx_struct_mod_residue.PDB_ins_code     ? 
_pdbx_struct_mod_residue.parent_comp_id   MET 
_pdbx_struct_mod_residue.details          SELENOMETHIONINE 
# 
loop_
_pdbx_unobs_or_zero_occ_residues.id 
_pdbx_unobs_or_zero_occ_residues.PDB_model_num 
_pdbx_unobs_or_zero_occ_residues.polymer_flag 
_pdbx_unobs_or_zero_occ_residues.occupancy_flag 
_pdbx_unobs_or_zero_occ_residues.auth_asym_id 
_pdbx_unobs_or_zero_occ_residues.auth_comp_id 
_pdbx_unobs_or_zero_occ_residues.auth_seq_id 
_pdbx_unobs_or_zero_occ_residues.PDB_ins_code 
_pdbx_unobs_or_zero_occ_residues.label_asym_id 
_pdbx_unobs_or_zero_occ_residues.label_comp_id 
_pdbx_unobs_or_zero_occ_residues.label_seq_id 
1 1 Y 1 A SER 0 ? A SER 1 
2 1 Y 1 A LEU 1 ? A LEU 2 
# 
loop_
_chem_comp_atom.comp_id 
_chem_comp_atom.atom_id 
_chem_comp_atom.type_symbol 
_chem_comp_atom.pdbx_aromatic_flag 
_chem_comp_atom.pdbx_stereo_config 
_chem_comp_atom.pdbx_ordinal 
ALA N    N  N N 1   
ALA CA   C  N S 2   
ALA C    C  N N 3   
ALA O    O  N N 4   
ALA CB   C  N N 5   
ALA OXT  O  N N 6   
ALA H    H  N N 7   
ALA H2   H  N N 8   
ALA HA   H  N N 9   
ALA HB1  H  N N 10  
ALA HB2  H  N N 11  
ALA HB3  H  N N 12  
ALA HXT  H  N N 13  
ARG N    N  N N 14  
ARG CA   C  N S 15  
ARG C    C  N N 16  
ARG O    O  N N 17  
ARG CB   C  N N 18  
ARG CG   C  N N 19  
ARG CD   C  N N 20  
ARG NE   N  N N 21  
ARG CZ   C  N N 22  
ARG NH1  N  N N 23  
ARG NH2  N  N N 24  
ARG OXT  O  N N 25  
ARG H    H  N N 26  
ARG H2   H  N N 27  
ARG HA   H  N N 28  
ARG HB2  H  N N 29  
ARG HB3  H  N N 30  
ARG HG2  H  N N 31  
ARG HG3  H  N N 32  
ARG HD2  H  N N 33  
ARG HD3  H  N N 34  
ARG HE   H  N N 35  
ARG HH11 H  N N 36  
ARG HH12 H  N N 37  
ARG HH21 H  N N 38  
ARG HH22 H  N N 39  
ARG HXT  H  N N 40  
ASN N    N  N N 41  
ASN CA   C  N S 42  
ASN C    C  N N 43  
ASN O    O  N N 44  
ASN CB   C  N N 45  
ASN CG   C  N N 46  
ASN OD1  O  N N 47  
ASN ND2  N  N N 48  
ASN OXT  O  N N 49  
ASN H    H  N N 50  
ASN H2   H  N N 51  
ASN HA   H  N N 52  
ASN HB2  H  N N 53  
ASN HB3  H  N N 54  
ASN HD21 H  N N 55  
ASN HD22 H  N N 56  
ASN HXT  H  N N 57  
ASP N    N  N N 58  
ASP CA   C  N S 59  
ASP C    C  N N 60  
ASP O    O  N N 61  
ASP CB   C  N N 62  
ASP CG   C  N N 63  
ASP OD1  O  N N 64  
ASP OD2  O  N N 65  
ASP OXT  O  N N 66  
ASP H    H  N N 67  
ASP H2   H  N N 68  
ASP HA   H  N N 69  
ASP HB2  H  N N 70  
ASP HB3  H  N N 71  
ASP HD2  H  N N 72  
ASP HXT  H  N N 73  
CYS N    N  N N 74  
CYS CA   C  N R 75  
CYS C    C  N N 76  
CYS O    O  N N 77  
CYS CB   C  N N 78  
CYS SG   S  N N 79  
CYS OXT  O  N N 80  
CYS H    H  N N 81  
CYS H2   H  N N 82  
CYS HA   H  N N 83  
CYS HB2  H  N N 84  
CYS HB3  H  N N 85  
CYS HG   H  N N 86  
CYS HXT  H  N N 87  
GLN N    N  N N 88  
GLN CA   C  N S 89  
GLN C    C  N N 90  
GLN O    O  N N 91  
GLN CB   C  N N 92  
GLN CG   C  N N 93  
GLN CD   C  N N 94  
GLN OE1  O  N N 95  
GLN NE2  N  N N 96  
GLN OXT  O  N N 97  
GLN H    H  N N 98  
GLN H2   H  N N 99  
GLN HA   H  N N 100 
GLN HB2  H  N N 101 
GLN HB3  H  N N 102 
GLN HG2  H  N N 103 
GLN HG3  H  N N 104 
GLN HE21 H  N N 105 
GLN HE22 H  N N 106 
GLN HXT  H  N N 107 
GLU N    N  N N 108 
GLU CA   C  N S 109 
GLU C    C  N N 110 
GLU O    O  N N 111 
GLU CB   C  N N 112 
GLU CG   C  N N 113 
GLU CD   C  N N 114 
GLU OE1  O  N N 115 
GLU OE2  O  N N 116 
GLU OXT  O  N N 117 
GLU H    H  N N 118 
GLU H2   H  N N 119 
GLU HA   H  N N 120 
GLU HB2  H  N N 121 
GLU HB3  H  N N 122 
GLU HG2  H  N N 123 
GLU HG3  H  N N 124 
GLU HE2  H  N N 125 
GLU HXT  H  N N 126 
GLY N    N  N N 127 
GLY CA   C  N N 128 
GLY C    C  N N 129 
GLY O    O  N N 130 
GLY OXT  O  N N 131 
GLY H    H  N N 132 
GLY H2   H  N N 133 
GLY HA2  H  N N 134 
GLY HA3  H  N N 135 
GLY HXT  H  N N 136 
HIS N    N  N N 137 
HIS CA   C  N S 138 
HIS C    C  N N 139 
HIS O    O  N N 140 
HIS CB   C  N N 141 
HIS CG   C  Y N 142 
HIS ND1  N  Y N 143 
HIS CD2  C  Y N 144 
HIS CE1  C  Y N 145 
HIS NE2  N  Y N 146 
HIS OXT  O  N N 147 
HIS H    H  N N 148 
HIS H2   H  N N 149 
HIS HA   H  N N 150 
HIS HB2  H  N N 151 
HIS HB3  H  N N 152 
HIS HD1  H  N N 153 
HIS HD2  H  N N 154 
HIS HE1  H  N N 155 
HIS HE2  H  N N 156 
HIS HXT  H  N N 157 
HOH O    O  N N 158 
HOH H1   H  N N 159 
HOH H2   H  N N 160 
ILE N    N  N N 161 
ILE CA   C  N S 162 
ILE C    C  N N 163 
ILE O    O  N N 164 
ILE CB   C  N S 165 
ILE CG1  C  N N 166 
ILE CG2  C  N N 167 
ILE CD1  C  N N 168 
ILE OXT  O  N N 169 
ILE H    H  N N 170 
ILE H2   H  N N 171 
ILE HA   H  N N 172 
ILE HB   H  N N 173 
ILE HG12 H  N N 174 
ILE HG13 H  N N 175 
ILE HG21 H  N N 176 
ILE HG22 H  N N 177 
ILE HG23 H  N N 178 
ILE HD11 H  N N 179 
ILE HD12 H  N N 180 
ILE HD13 H  N N 181 
ILE HXT  H  N N 182 
LEU N    N  N N 183 
LEU CA   C  N S 184 
LEU C    C  N N 185 
LEU O    O  N N 186 
LEU CB   C  N N 187 
LEU CG   C  N N 188 
LEU CD1  C  N N 189 
LEU CD2  C  N N 190 
LEU OXT  O  N N 191 
LEU H    H  N N 192 
LEU H2   H  N N 193 
LEU HA   H  N N 194 
LEU HB2  H  N N 195 
LEU HB3  H  N N 196 
LEU HG   H  N N 197 
LEU HD11 H  N N 198 
LEU HD12 H  N N 199 
LEU HD13 H  N N 200 
LEU HD21 H  N N 201 
LEU HD22 H  N N 202 
LEU HD23 H  N N 203 
LEU HXT  H  N N 204 
LYS N    N  N N 205 
LYS CA   C  N S 206 
LYS C    C  N N 207 
LYS O    O  N N 208 
LYS CB   C  N N 209 
LYS CG   C  N N 210 
LYS CD   C  N N 211 
LYS CE   C  N N 212 
LYS NZ   N  N N 213 
LYS OXT  O  N N 214 
LYS H    H  N N 215 
LYS H2   H  N N 216 
LYS HA   H  N N 217 
LYS HB2  H  N N 218 
LYS HB3  H  N N 219 
LYS HG2  H  N N 220 
LYS HG3  H  N N 221 
LYS HD2  H  N N 222 
LYS HD3  H  N N 223 
LYS HE2  H  N N 224 
LYS HE3  H  N N 225 
LYS HZ1  H  N N 226 
LYS HZ2  H  N N 227 
LYS HZ3  H  N N 228 
LYS HXT  H  N N 229 
MET N    N  N N 230 
MET CA   C  N S 231 
MET C    C  N N 232 
MET O    O  N N 233 
MET CB   C  N N 234 
MET CG   C  N N 235 
MET SD   S  N N 236 
MET CE   C  N N 237 
MET OXT  O  N N 238 
MET H    H  N N 239 
MET H2   H  N N 240 
MET HA   H  N N 241 
MET HB2  H  N N 242 
MET HB3  H  N N 243 
MET HG2  H  N N 244 
MET HG3  H  N N 245 
MET HE1  H  N N 246 
MET HE2  H  N N 247 
MET HE3  H  N N 248 
MET HXT  H  N N 249 
MLT C1   C  N N 250 
MLT O1   O  N N 251 
MLT O2   O  N N 252 
MLT C2   C  N R 253 
MLT O3   O  N N 254 
MLT C3   C  N N 255 
MLT C4   C  N N 256 
MLT O4   O  N N 257 
MLT O5   O  N N 258 
MLT H2   H  N N 259 
MLT HO3  H  N N 260 
MLT H31  H  N N 261 
MLT H32  H  N N 262 
MLT HO5  H  N N 263 
MLT H6   H  N N 264 
MSE N    N  N N 265 
MSE CA   C  N S 266 
MSE C    C  N N 267 
MSE O    O  N N 268 
MSE OXT  O  N N 269 
MSE CB   C  N N 270 
MSE CG   C  N N 271 
MSE SE   SE N N 272 
MSE CE   C  N N 273 
MSE H    H  N N 274 
MSE H2   H  N N 275 
MSE HA   H  N N 276 
MSE HXT  H  N N 277 
MSE HB2  H  N N 278 
MSE HB3  H  N N 279 
MSE HG2  H  N N 280 
MSE HG3  H  N N 281 
MSE HE1  H  N N 282 
MSE HE2  H  N N 283 
MSE HE3  H  N N 284 
PHE N    N  N N 285 
PHE CA   C  N S 286 
PHE C    C  N N 287 
PHE O    O  N N 288 
PHE CB   C  N N 289 
PHE CG   C  Y N 290 
PHE CD1  C  Y N 291 
PHE CD2  C  Y N 292 
PHE CE1  C  Y N 293 
PHE CE2  C  Y N 294 
PHE CZ   C  Y N 295 
PHE OXT  O  N N 296 
PHE H    H  N N 297 
PHE H2   H  N N 298 
PHE HA   H  N N 299 
PHE HB2  H  N N 300 
PHE HB3  H  N N 301 
PHE HD1  H  N N 302 
PHE HD2  H  N N 303 
PHE HE1  H  N N 304 
PHE HE2  H  N N 305 
PHE HZ   H  N N 306 
PHE HXT  H  N N 307 
PRO N    N  N N 308 
PRO CA   C  N S 309 
PRO C    C  N N 310 
PRO O    O  N N 311 
PRO CB   C  N N 312 
PRO CG   C  N N 313 
PRO CD   C  N N 314 
PRO OXT  O  N N 315 
PRO H    H  N N 316 
PRO HA   H  N N 317 
PRO HB2  H  N N 318 
PRO HB3  H  N N 319 
PRO HG2  H  N N 320 
PRO HG3  H  N N 321 
PRO HD2  H  N N 322 
PRO HD3  H  N N 323 
PRO HXT  H  N N 324 
SER N    N  N N 325 
SER CA   C  N S 326 
SER C    C  N N 327 
SER O    O  N N 328 
SER CB   C  N N 329 
SER OG   O  N N 330 
SER OXT  O  N N 331 
SER H    H  N N 332 
SER H2   H  N N 333 
SER HA   H  N N 334 
SER HB2  H  N N 335 
SER HB3  H  N N 336 
SER HG   H  N N 337 
SER HXT  H  N N 338 
THR N    N  N N 339 
THR CA   C  N S 340 
THR C    C  N N 341 
THR O    O  N N 342 
THR CB   C  N R 343 
THR OG1  O  N N 344 
THR CG2  C  N N 345 
THR OXT  O  N N 346 
THR H    H  N N 347 
THR H2   H  N N 348 
THR HA   H  N N 349 
THR HB   H  N N 350 
THR HG1  H  N N 351 
THR HG21 H  N N 352 
THR HG22 H  N N 353 
THR HG23 H  N N 354 
THR HXT  H  N N 355 
TRP N    N  N N 356 
TRP CA   C  N S 357 
TRP C    C  N N 358 
TRP O    O  N N 359 
TRP CB   C  N N 360 
TRP CG   C  Y N 361 
TRP CD1  C  Y N 362 
TRP CD2  C  Y N 363 
TRP NE1  N  Y N 364 
TRP CE2  C  Y N 365 
TRP CE3  C  Y N 366 
TRP CZ2  C  Y N 367 
TRP CZ3  C  Y N 368 
TRP CH2  C  Y N 369 
TRP OXT  O  N N 370 
TRP H    H  N N 371 
TRP H2   H  N N 372 
TRP HA   H  N N 373 
TRP HB2  H  N N 374 
TRP HB3  H  N N 375 
TRP HD1  H  N N 376 
TRP HE1  H  N N 377 
TRP HE3  H  N N 378 
TRP HZ2  H  N N 379 
TRP HZ3  H  N N 380 
TRP HH2  H  N N 381 
TRP HXT  H  N N 382 
TYR N    N  N N 383 
TYR CA   C  N S 384 
TYR C    C  N N 385 
TYR O    O  N N 386 
TYR CB   C  N N 387 
TYR CG   C  Y N 388 
TYR CD1  C  Y N 389 
TYR CD2  C  Y N 390 
TYR CE1  C  Y N 391 
TYR CE2  C  Y N 392 
TYR CZ   C  Y N 393 
TYR OH   O  N N 394 
TYR OXT  O  N N 395 
TYR H    H  N N 396 
TYR H2   H  N N 397 
TYR HA   H  N N 398 
TYR HB2  H  N N 399 
TYR HB3  H  N N 400 
TYR HD1  H  N N 401 
TYR HD2  H  N N 402 
TYR HE1  H  N N 403 
TYR HE2  H  N N 404 
TYR HH   H  N N 405 
TYR HXT  H  N N 406 
VAL N    N  N N 407 
VAL CA   C  N S 408 
VAL C    C  N N 409 
VAL O    O  N N 410 
VAL CB   C  N N 411 
VAL CG1  C  N N 412 
VAL CG2  C  N N 413 
VAL OXT  O  N N 414 
VAL H    H  N N 415 
VAL H2   H  N N 416 
VAL HA   H  N N 417 
VAL HB   H  N N 418 
VAL HG11 H  N N 419 
VAL HG12 H  N N 420 
VAL HG13 H  N N 421 
VAL HG21 H  N N 422 
VAL HG22 H  N N 423 
VAL HG23 H  N N 424 
VAL HXT  H  N N 425 
# 
loop_
_chem_comp_bond.comp_id 
_chem_comp_bond.atom_id_1 
_chem_comp_bond.atom_id_2 
_chem_comp_bond.value_order 
_chem_comp_bond.pdbx_aromatic_flag 
_chem_comp_bond.pdbx_stereo_config 
_chem_comp_bond.pdbx_ordinal 
ALA N   CA   sing N N 1   
ALA N   H    sing N N 2   
ALA N   H2   sing N N 3   
ALA CA  C    sing N N 4   
ALA CA  CB   sing N N 5   
ALA CA  HA   sing N N 6   
ALA C   O    doub N N 7   
ALA C   OXT  sing N N 8   
ALA CB  HB1  sing N N 9   
ALA CB  HB2  sing N N 10  
ALA CB  HB3  sing N N 11  
ALA OXT HXT  sing N N 12  
ARG N   CA   sing N N 13  
ARG N   H    sing N N 14  
ARG N   H2   sing N N 15  
ARG CA  C    sing N N 16  
ARG CA  CB   sing N N 17  
ARG CA  HA   sing N N 18  
ARG C   O    doub N N 19  
ARG C   OXT  sing N N 20  
ARG CB  CG   sing N N 21  
ARG CB  HB2  sing N N 22  
ARG CB  HB3  sing N N 23  
ARG CG  CD   sing N N 24  
ARG CG  HG2  sing N N 25  
ARG CG  HG3  sing N N 26  
ARG CD  NE   sing N N 27  
ARG CD  HD2  sing N N 28  
ARG CD  HD3  sing N N 29  
ARG NE  CZ   sing N N 30  
ARG NE  HE   sing N N 31  
ARG CZ  NH1  sing N N 32  
ARG CZ  NH2  doub N N 33  
ARG NH1 HH11 sing N N 34  
ARG NH1 HH12 sing N N 35  
ARG NH2 HH21 sing N N 36  
ARG NH2 HH22 sing N N 37  
ARG OXT HXT  sing N N 38  
ASN N   CA   sing N N 39  
ASN N   H    sing N N 40  
ASN N   H2   sing N N 41  
ASN CA  C    sing N N 42  
ASN CA  CB   sing N N 43  
ASN CA  HA   sing N N 44  
ASN C   O    doub N N 45  
ASN C   OXT  sing N N 46  
ASN CB  CG   sing N N 47  
ASN CB  HB2  sing N N 48  
ASN CB  HB3  sing N N 49  
ASN CG  OD1  doub N N 50  
ASN CG  ND2  sing N N 51  
ASN ND2 HD21 sing N N 52  
ASN ND2 HD22 sing N N 53  
ASN OXT HXT  sing N N 54  
ASP N   CA   sing N N 55  
ASP N   H    sing N N 56  
ASP N   H2   sing N N 57  
ASP CA  C    sing N N 58  
ASP CA  CB   sing N N 59  
ASP CA  HA   sing N N 60  
ASP C   O    doub N N 61  
ASP C   OXT  sing N N 62  
ASP CB  CG   sing N N 63  
ASP CB  HB2  sing N N 64  
ASP CB  HB3  sing N N 65  
ASP CG  OD1  doub N N 66  
ASP CG  OD2  sing N N 67  
ASP OD2 HD2  sing N N 68  
ASP OXT HXT  sing N N 69  
CYS N   CA   sing N N 70  
CYS N   H    sing N N 71  
CYS N   H2   sing N N 72  
CYS CA  C    sing N N 73  
CYS CA  CB   sing N N 74  
CYS CA  HA   sing N N 75  
CYS C   O    doub N N 76  
CYS C   OXT  sing N N 77  
CYS CB  SG   sing N N 78  
CYS CB  HB2  sing N N 79  
CYS CB  HB3  sing N N 80  
CYS SG  HG   sing N N 81  
CYS OXT HXT  sing N N 82  
GLN N   CA   sing N N 83  
GLN N   H    sing N N 84  
GLN N   H2   sing N N 85  
GLN CA  C    sing N N 86  
GLN CA  CB   sing N N 87  
GLN CA  HA   sing N N 88  
GLN C   O    doub N N 89  
GLN C   OXT  sing N N 90  
GLN CB  CG   sing N N 91  
GLN CB  HB2  sing N N 92  
GLN CB  HB3  sing N N 93  
GLN CG  CD   sing N N 94  
GLN CG  HG2  sing N N 95  
GLN CG  HG3  sing N N 96  
GLN CD  OE1  doub N N 97  
GLN CD  NE2  sing N N 98  
GLN NE2 HE21 sing N N 99  
GLN NE2 HE22 sing N N 100 
GLN OXT HXT  sing N N 101 
GLU N   CA   sing N N 102 
GLU N   H    sing N N 103 
GLU N   H2   sing N N 104 
GLU CA  C    sing N N 105 
GLU CA  CB   sing N N 106 
GLU CA  HA   sing N N 107 
GLU C   O    doub N N 108 
GLU C   OXT  sing N N 109 
GLU CB  CG   sing N N 110 
GLU CB  HB2  sing N N 111 
GLU CB  HB3  sing N N 112 
GLU CG  CD   sing N N 113 
GLU CG  HG2  sing N N 114 
GLU CG  HG3  sing N N 115 
GLU CD  OE1  doub N N 116 
GLU CD  OE2  sing N N 117 
GLU OE2 HE2  sing N N 118 
GLU OXT HXT  sing N N 119 
GLY N   CA   sing N N 120 
GLY N   H    sing N N 121 
GLY N   H2   sing N N 122 
GLY CA  C    sing N N 123 
GLY CA  HA2  sing N N 124 
GLY CA  HA3  sing N N 125 
GLY C   O    doub N N 126 
GLY C   OXT  sing N N 127 
GLY OXT HXT  sing N N 128 
HIS N   CA   sing N N 129 
HIS N   H    sing N N 130 
HIS N   H2   sing N N 131 
HIS CA  C    sing N N 132 
HIS CA  CB   sing N N 133 
HIS CA  HA   sing N N 134 
HIS C   O    doub N N 135 
HIS C   OXT  sing N N 136 
HIS CB  CG   sing N N 137 
HIS CB  HB2  sing N N 138 
HIS CB  HB3  sing N N 139 
HIS CG  ND1  sing Y N 140 
HIS CG  CD2  doub Y N 141 
HIS ND1 CE1  doub Y N 142 
HIS ND1 HD1  sing N N 143 
HIS CD2 NE2  sing Y N 144 
HIS CD2 HD2  sing N N 145 
HIS CE1 NE2  sing Y N 146 
HIS CE1 HE1  sing N N 147 
HIS NE2 HE2  sing N N 148 
HIS OXT HXT  sing N N 149 
HOH O   H1   sing N N 150 
HOH O   H2   sing N N 151 
ILE N   CA   sing N N 152 
ILE N   H    sing N N 153 
ILE N   H2   sing N N 154 
ILE CA  C    sing N N 155 
ILE CA  CB   sing N N 156 
ILE CA  HA   sing N N 157 
ILE C   O    doub N N 158 
ILE C   OXT  sing N N 159 
ILE CB  CG1  sing N N 160 
ILE CB  CG2  sing N N 161 
ILE CB  HB   sing N N 162 
ILE CG1 CD1  sing N N 163 
ILE CG1 HG12 sing N N 164 
ILE CG1 HG13 sing N N 165 
ILE CG2 HG21 sing N N 166 
ILE CG2 HG22 sing N N 167 
ILE CG2 HG23 sing N N 168 
ILE CD1 HD11 sing N N 169 
ILE CD1 HD12 sing N N 170 
ILE CD1 HD13 sing N N 171 
ILE OXT HXT  sing N N 172 
LEU N   CA   sing N N 173 
LEU N   H    sing N N 174 
LEU N   H2   sing N N 175 
LEU CA  C    sing N N 176 
LEU CA  CB   sing N N 177 
LEU CA  HA   sing N N 178 
LEU C   O    doub N N 179 
LEU C   OXT  sing N N 180 
LEU CB  CG   sing N N 181 
LEU CB  HB2  sing N N 182 
LEU CB  HB3  sing N N 183 
LEU CG  CD1  sing N N 184 
LEU CG  CD2  sing N N 185 
LEU CG  HG   sing N N 186 
LEU CD1 HD11 sing N N 187 
LEU CD1 HD12 sing N N 188 
LEU CD1 HD13 sing N N 189 
LEU CD2 HD21 sing N N 190 
LEU CD2 HD22 sing N N 191 
LEU CD2 HD23 sing N N 192 
LEU OXT HXT  sing N N 193 
LYS N   CA   sing N N 194 
LYS N   H    sing N N 195 
LYS N   H2   sing N N 196 
LYS CA  C    sing N N 197 
LYS CA  CB   sing N N 198 
LYS CA  HA   sing N N 199 
LYS C   O    doub N N 200 
LYS C   OXT  sing N N 201 
LYS CB  CG   sing N N 202 
LYS CB  HB2  sing N N 203 
LYS CB  HB3  sing N N 204 
LYS CG  CD   sing N N 205 
LYS CG  HG2  sing N N 206 
LYS CG  HG3  sing N N 207 
LYS CD  CE   sing N N 208 
LYS CD  HD2  sing N N 209 
LYS CD  HD3  sing N N 210 
LYS CE  NZ   sing N N 211 
LYS CE  HE2  sing N N 212 
LYS CE  HE3  sing N N 213 
LYS NZ  HZ1  sing N N 214 
LYS NZ  HZ2  sing N N 215 
LYS NZ  HZ3  sing N N 216 
LYS OXT HXT  sing N N 217 
MET N   CA   sing N N 218 
MET N   H    sing N N 219 
MET N   H2   sing N N 220 
MET CA  C    sing N N 221 
MET CA  CB   sing N N 222 
MET CA  HA   sing N N 223 
MET C   O    doub N N 224 
MET C   OXT  sing N N 225 
MET CB  CG   sing N N 226 
MET CB  HB2  sing N N 227 
MET CB  HB3  sing N N 228 
MET CG  SD   sing N N 229 
MET CG  HG2  sing N N 230 
MET CG  HG3  sing N N 231 
MET SD  CE   sing N N 232 
MET CE  HE1  sing N N 233 
MET CE  HE2  sing N N 234 
MET CE  HE3  sing N N 235 
MET OXT HXT  sing N N 236 
MLT C1  O1   doub N N 237 
MLT C1  O2   sing N N 238 
MLT C1  C2   sing N N 239 
MLT C2  O3   sing N N 240 
MLT C2  C3   sing N N 241 
MLT C2  H2   sing N N 242 
MLT O3  HO3  sing N N 243 
MLT C3  C4   sing N N 244 
MLT C3  H31  sing N N 245 
MLT C3  H32  sing N N 246 
MLT C4  O4   doub N N 247 
MLT C4  O5   sing N N 248 
MLT O5  HO5  sing N N 249 
MLT O2  H6   sing N N 250 
MSE N   CA   sing N N 251 
MSE N   H    sing N N 252 
MSE N   H2   sing N N 253 
MSE CA  C    sing N N 254 
MSE CA  CB   sing N N 255 
MSE CA  HA   sing N N 256 
MSE C   O    doub N N 257 
MSE C   OXT  sing N N 258 
MSE OXT HXT  sing N N 259 
MSE CB  CG   sing N N 260 
MSE CB  HB2  sing N N 261 
MSE CB  HB3  sing N N 262 
MSE CG  SE   sing N N 263 
MSE CG  HG2  sing N N 264 
MSE CG  HG3  sing N N 265 
MSE SE  CE   sing N N 266 
MSE CE  HE1  sing N N 267 
MSE CE  HE2  sing N N 268 
MSE CE  HE3  sing N N 269 
PHE N   CA   sing N N 270 
PHE N   H    sing N N 271 
PHE N   H2   sing N N 272 
PHE CA  C    sing N N 273 
PHE CA  CB   sing N N 274 
PHE CA  HA   sing N N 275 
PHE C   O    doub N N 276 
PHE C   OXT  sing N N 277 
PHE CB  CG   sing N N 278 
PHE CB  HB2  sing N N 279 
PHE CB  HB3  sing N N 280 
PHE CG  CD1  doub Y N 281 
PHE CG  CD2  sing Y N 282 
PHE CD1 CE1  sing Y N 283 
PHE CD1 HD1  sing N N 284 
PHE CD2 CE2  doub Y N 285 
PHE CD2 HD2  sing N N 286 
PHE CE1 CZ   doub Y N 287 
PHE CE1 HE1  sing N N 288 
PHE CE2 CZ   sing Y N 289 
PHE CE2 HE2  sing N N 290 
PHE CZ  HZ   sing N N 291 
PHE OXT HXT  sing N N 292 
PRO N   CA   sing N N 293 
PRO N   CD   sing N N 294 
PRO N   H    sing N N 295 
PRO CA  C    sing N N 296 
PRO CA  CB   sing N N 297 
PRO CA  HA   sing N N 298 
PRO C   O    doub N N 299 
PRO C   OXT  sing N N 300 
PRO CB  CG   sing N N 301 
PRO CB  HB2  sing N N 302 
PRO CB  HB3  sing N N 303 
PRO CG  CD   sing N N 304 
PRO CG  HG2  sing N N 305 
PRO CG  HG3  sing N N 306 
PRO CD  HD2  sing N N 307 
PRO CD  HD3  sing N N 308 
PRO OXT HXT  sing N N 309 
SER N   CA   sing N N 310 
SER N   H    sing N N 311 
SER N   H2   sing N N 312 
SER CA  C    sing N N 313 
SER CA  CB   sing N N 314 
SER CA  HA   sing N N 315 
SER C   O    doub N N 316 
SER C   OXT  sing N N 317 
SER CB  OG   sing N N 318 
SER CB  HB2  sing N N 319 
SER CB  HB3  sing N N 320 
SER OG  HG   sing N N 321 
SER OXT HXT  sing N N 322 
THR N   CA   sing N N 323 
THR N   H    sing N N 324 
THR N   H2   sing N N 325 
THR CA  C    sing N N 326 
THR CA  CB   sing N N 327 
THR CA  HA   sing N N 328 
THR C   O    doub N N 329 
THR C   OXT  sing N N 330 
THR CB  OG1  sing N N 331 
THR CB  CG2  sing N N 332 
THR CB  HB   sing N N 333 
THR OG1 HG1  sing N N 334 
THR CG2 HG21 sing N N 335 
THR CG2 HG22 sing N N 336 
THR CG2 HG23 sing N N 337 
THR OXT HXT  sing N N 338 
TRP N   CA   sing N N 339 
TRP N   H    sing N N 340 
TRP N   H2   sing N N 341 
TRP CA  C    sing N N 342 
TRP CA  CB   sing N N 343 
TRP CA  HA   sing N N 344 
TRP C   O    doub N N 345 
TRP C   OXT  sing N N 346 
TRP CB  CG   sing N N 347 
TRP CB  HB2  sing N N 348 
TRP CB  HB3  sing N N 349 
TRP CG  CD1  doub Y N 350 
TRP CG  CD2  sing Y N 351 
TRP CD1 NE1  sing Y N 352 
TRP CD1 HD1  sing N N 353 
TRP CD2 CE2  doub Y N 354 
TRP CD2 CE3  sing Y N 355 
TRP NE1 CE2  sing Y N 356 
TRP NE1 HE1  sing N N 357 
TRP CE2 CZ2  sing Y N 358 
TRP CE3 CZ3  doub Y N 359 
TRP CE3 HE3  sing N N 360 
TRP CZ2 CH2  doub Y N 361 
TRP CZ2 HZ2  sing N N 362 
TRP CZ3 CH2  sing Y N 363 
TRP CZ3 HZ3  sing N N 364 
TRP CH2 HH2  sing N N 365 
TRP OXT HXT  sing N N 366 
TYR N   CA   sing N N 367 
TYR N   H    sing N N 368 
TYR N   H2   sing N N 369 
TYR CA  C    sing N N 370 
TYR CA  CB   sing N N 371 
TYR CA  HA   sing N N 372 
TYR C   O    doub N N 373 
TYR C   OXT  sing N N 374 
TYR CB  CG   sing N N 375 
TYR CB  HB2  sing N N 376 
TYR CB  HB3  sing N N 377 
TYR CG  CD1  doub Y N 378 
TYR CG  CD2  sing Y N 379 
TYR CD1 CE1  sing Y N 380 
TYR CD1 HD1  sing N N 381 
TYR CD2 CE2  doub Y N 382 
TYR CD2 HD2  sing N N 383 
TYR CE1 CZ   doub Y N 384 
TYR CE1 HE1  sing N N 385 
TYR CE2 CZ   sing Y N 386 
TYR CE2 HE2  sing N N 387 
TYR CZ  OH   sing N N 388 
TYR OH  HH   sing N N 389 
TYR OXT HXT  sing N N 390 
VAL N   CA   sing N N 391 
VAL N   H    sing N N 392 
VAL N   H2   sing N N 393 
VAL CA  C    sing N N 394 
VAL CA  CB   sing N N 395 
VAL CA  HA   sing N N 396 
VAL C   O    doub N N 397 
VAL C   OXT  sing N N 398 
VAL CB  CG1  sing N N 399 
VAL CB  CG2  sing N N 400 
VAL CB  HB   sing N N 401 
VAL CG1 HG11 sing N N 402 
VAL CG1 HG12 sing N N 403 
VAL CG1 HG13 sing N N 404 
VAL CG2 HG21 sing N N 405 
VAL CG2 HG22 sing N N 406 
VAL CG2 HG23 sing N N 407 
VAL OXT HXT  sing N N 408 
# 
_atom_sites.entry_id                    2IMG 
_atom_sites.fract_transf_matrix[1][1]   0.00974411 
_atom_sites.fract_transf_matrix[1][2]   -0.00450717 
_atom_sites.fract_transf_matrix[1][3]   0.02564436 
_atom_sites.fract_transf_matrix[2][1]   0.00022507 
_atom_sites.fract_transf_matrix[2][2]   0.01663511 
_atom_sites.fract_transf_matrix[2][3]   0.00283821 
_atom_sites.fract_transf_matrix[3][1]   -0.01454150 
_atom_sites.fract_transf_matrix[3][2]   -0.00072425 
_atom_sites.fract_transf_matrix[3][3]   0.00539805 
_atom_sites.fract_transf_vector[1]      0.134738 
_atom_sites.fract_transf_vector[2]      0.290350 
_atom_sites.fract_transf_vector[3]      0.241144 
# 
loop_
_atom_type.symbol 
C  
N  
O  
S  
SE 
# 
loop_
_atom_site.group_PDB 
_atom_site.id 
_atom_site.type_symbol 
_atom_site.label_atom_id 
_atom_site.label_alt_id 
_atom_site.label_comp_id 
_atom_site.label_asym_id 
_atom_site.label_entity_id 
_atom_site.label_seq_id 
_atom_site.pdbx_PDB_ins_code 
_atom_site.Cartn_x 
_atom_site.Cartn_y 
_atom_site.Cartn_z 
_atom_site.occupancy 
_atom_site.B_iso_or_equiv 
_atom_site.pdbx_formal_charge 
_atom_site.auth_seq_id 
_atom_site.auth_comp_id 
_atom_site.auth_asym_id 
_atom_site.auth_atom_id 
_atom_site.pdbx_PDB_model_num 
ATOM   1    N  N   . GLY A 1 3   ? -4.336  -1.655  21.212  1.00 25.34 ? 2   GLY A N   1 
ATOM   2    C  CA  . GLY A 1 3   ? -3.779  -1.566  19.822  1.00 23.69 ? 2   GLY A CA  1 
ATOM   3    C  C   . GLY A 1 3   ? -2.398  -0.936  19.791  1.00 22.80 ? 2   GLY A C   1 
ATOM   4    O  O   . GLY A 1 3   ? -2.103  -0.044  20.580  1.00 24.19 ? 2   GLY A O   1 
ATOM   5    N  N   . VAL A 1 4   ? -1.542  -1.400  18.888  1.00 21.17 ? 3   VAL A N   1 
ATOM   6    C  CA  . VAL A 1 4   ? -0.191  -0.857  18.776  1.00 20.21 ? 3   VAL A CA  1 
ATOM   7    C  C   . VAL A 1 4   ? 0.135   -0.515  17.327  1.00 18.31 ? 3   VAL A C   1 
ATOM   8    O  O   . VAL A 1 4   ? 0.174   -1.393  16.464  1.00 15.77 ? 3   VAL A O   1 
ATOM   9    C  CB  . VAL A 1 4   ? 0.861   -1.854  19.292  1.00 21.57 ? 3   VAL A CB  1 
ATOM   10   C  CG1 . VAL A 1 4   ? 2.268   -1.259  19.129  1.00 22.68 ? 3   VAL A CG1 1 
ATOM   11   C  CG2 . VAL A 1 4   ? 0.583   -2.195  20.746  1.00 20.41 ? 3   VAL A CG2 1 
ATOM   12   N  N   . GLN A 1 5   ? 0.366   0.769   17.076  1.00 17.27 ? 4   GLN A N   1 
ATOM   13   C  CA  . GLN A 1 5   ? 0.681   1.247   15.738  1.00 17.84 ? 4   GLN A CA  1 
ATOM   14   C  C   . GLN A 1 5   ? 1.803   0.427   15.113  1.00 17.13 ? 4   GLN A C   1 
ATOM   15   O  O   . GLN A 1 5   ? 2.856   0.237   15.725  1.00 16.71 ? 4   GLN A O   1 
ATOM   16   C  CB  . GLN A 1 5   ? 1.083   2.728   15.789  1.00 18.22 ? 4   GLN A CB  1 
ATOM   17   C  CG  . GLN A 1 5   ? 1.309   3.352   14.423  1.00 19.99 ? 4   GLN A CG  1 
ATOM   18   C  CD  . GLN A 1 5   ? 1.590   4.837   14.499  1.00 21.48 ? 4   GLN A CD  1 
ATOM   19   O  OE1 . GLN A 1 5   ? 0.817   5.596   15.083  1.00 21.73 ? 4   GLN A OE1 1 
ATOM   20   N  NE2 . GLN A 1 5   ? 2.695   5.263   13.902  1.00 20.60 ? 4   GLN A NE2 1 
ATOM   21   N  N   . PRO A 1 6   ? 1.579   -0.090  13.891  1.00 15.86 ? 5   PRO A N   1 
ATOM   22   C  CA  . PRO A 1 6   ? 2.571   -0.894  13.169  1.00 16.00 ? 5   PRO A CA  1 
ATOM   23   C  C   . PRO A 1 6   ? 3.744   0.000   12.755  1.00 15.55 ? 5   PRO A C   1 
ATOM   24   O  O   . PRO A 1 6   ? 3.576   1.208   12.578  1.00 14.84 ? 5   PRO A O   1 
ATOM   25   C  CB  . PRO A 1 6   ? 1.791   -1.397  11.950  1.00 15.65 ? 5   PRO A CB  1 
ATOM   26   C  CG  . PRO A 1 6   ? 0.366   -1.376  12.409  1.00 17.46 ? 5   PRO A CG  1 
ATOM   27   C  CD  . PRO A 1 6   ? 0.296   -0.088  13.169  1.00 16.52 ? 5   PRO A CD  1 
ATOM   28   N  N   . PRO A 1 7   ? 4.943   -0.581  12.586  1.00 15.05 ? 6   PRO A N   1 
ATOM   29   C  CA  . PRO A 1 7   ? 6.095   0.235   12.190  1.00 14.72 ? 6   PRO A CA  1 
ATOM   30   C  C   . PRO A 1 7   ? 5.906   0.953   10.856  1.00 14.09 ? 6   PRO A C   1 
ATOM   31   O  O   . PRO A 1 7   ? 5.237   0.450   9.954   1.00 13.66 ? 6   PRO A O   1 
ATOM   32   C  CB  . PRO A 1 7   ? 7.244   -0.774  12.160  1.00 14.83 ? 6   PRO A CB  1 
ATOM   33   C  CG  . PRO A 1 7   ? 6.554   -2.085  11.884  1.00 15.12 ? 6   PRO A CG  1 
ATOM   34   C  CD  . PRO A 1 7   ? 5.318   -1.998  12.728  1.00 14.48 ? 6   PRO A CD  1 
ATOM   35   N  N   . ASN A 1 8   ? 6.484   2.147   10.757  1.00 12.65 ? 7   ASN A N   1 
ATOM   36   C  CA  . ASN A 1 8   ? 6.422   2.961   9.547   1.00 13.40 ? 7   ASN A CA  1 
ATOM   37   C  C   . ASN A 1 8   ? 5.007   3.128   8.996   1.00 13.16 ? 7   ASN A C   1 
ATOM   38   O  O   . ASN A 1 8   ? 4.773   3.022   7.788   1.00 13.92 ? 7   ASN A O   1 
ATOM   39   C  CB  . ASN A 1 8   ? 7.344   2.354   8.485   1.00 12.37 ? 7   ASN A CB  1 
ATOM   40   C  CG  . ASN A 1 8   ? 7.607   3.293   7.335   1.00 14.14 ? 7   ASN A CG  1 
ATOM   41   O  OD1 . ASN A 1 8   ? 7.610   4.517   7.505   1.00 14.56 ? 7   ASN A OD1 1 
ATOM   42   N  ND2 . ASN A 1 8   ? 7.855   2.730   6.157   1.00 13.71 ? 7   ASN A ND2 1 
ATOM   43   N  N   . PHE A 1 9   ? 4.064   3.400   9.890   1.00 14.75 ? 8   PHE A N   1 
ATOM   44   C  CA  . PHE A 1 9   ? 2.671   3.586   9.504   1.00 13.70 ? 8   PHE A CA  1 
ATOM   45   C  C   . PHE A 1 9   ? 2.300   5.057   9.319   1.00 15.26 ? 8   PHE A C   1 
ATOM   46   O  O   . PHE A 1 9   ? 2.611   5.894   10.170  1.00 13.75 ? 8   PHE A O   1 
ATOM   47   C  CB  . PHE A 1 9   ? 1.743   2.988   10.567  1.00 14.45 ? 8   PHE A CB  1 
ATOM   48   C  CG  . PHE A 1 9   ? 0.291   3.321   10.354  1.00 13.25 ? 8   PHE A CG  1 
ATOM   49   C  CD1 . PHE A 1 9   ? -0.508  2.530   9.533   1.00 14.24 ? 8   PHE A CD1 1 
ATOM   50   C  CD2 . PHE A 1 9   ? -0.270  4.447   10.951  1.00 14.03 ? 8   PHE A CD2 1 
ATOM   51   C  CE1 . PHE A 1 9   ? -1.847  2.857   9.307   1.00 12.16 ? 8   PHE A CE1 1 
ATOM   52   C  CE2 . PHE A 1 9   ? -1.607  4.784   10.729  1.00 13.35 ? 8   PHE A CE2 1 
ATOM   53   C  CZ  . PHE A 1 9   ? -2.395  3.985   9.905   1.00 14.98 ? 8   PHE A CZ  1 
ATOM   54   N  N   . SER A 1 10  ? 1.621   5.368   8.216   1.00 14.30 ? 9   SER A N   1 
ATOM   55   C  CA  . SER A 1 10  ? 1.169   6.736   7.964   1.00 14.82 ? 9   SER A CA  1 
ATOM   56   C  C   . SER A 1 10  ? 0.118   6.768   6.862   1.00 15.44 ? 9   SER A C   1 
ATOM   57   O  O   . SER A 1 10  ? 0.103   5.910   5.965   1.00 13.19 ? 9   SER A O   1 
ATOM   58   C  CB  . SER A 1 10  ? 2.342   7.661   7.602   1.00 14.49 ? 9   SER A CB  1 
ATOM   59   O  OG  . SER A 1 10  ? 2.818   7.449   6.289   1.00 15.77 ? 9   SER A OG  1 
ATOM   60   N  N   . TRP A 1 11  ? -0.774  7.751   6.950   1.00 15.74 ? 10  TRP A N   1 
ATOM   61   C  CA  . TRP A 1 11  ? -1.835  7.905   5.969   1.00 16.51 ? 10  TRP A CA  1 
ATOM   62   C  C   . TRP A 1 11  ? -1.351  8.651   4.739   1.00 17.25 ? 10  TRP A C   1 
ATOM   63   O  O   . TRP A 1 11  ? -0.583  9.613   4.844   1.00 19.00 ? 10  TRP A O   1 
ATOM   64   C  CB  . TRP A 1 11  ? -3.013  8.676   6.558   1.00 17.03 ? 10  TRP A CB  1 
ATOM   65   C  CG  . TRP A 1 11  ? -3.747  7.962   7.621   1.00 17.91 ? 10  TRP A CG  1 
ATOM   66   C  CD1 . TRP A 1 11  ? -3.571  8.089   8.968   1.00 19.20 ? 10  TRP A CD1 1 
ATOM   67   C  CD2 . TRP A 1 11  ? -4.815  7.032   7.438   1.00 18.94 ? 10  TRP A CD2 1 
ATOM   68   N  NE1 . TRP A 1 11  ? -4.473  7.298   9.638   1.00 18.78 ? 10  TRP A NE1 1 
ATOM   69   C  CE2 . TRP A 1 11  ? -5.250  6.637   8.721   1.00 18.32 ? 10  TRP A CE2 1 
ATOM   70   C  CE3 . TRP A 1 11  ? -5.453  6.492   6.310   1.00 16.79 ? 10  TRP A CE3 1 
ATOM   71   C  CZ2 . TRP A 1 11  ? -6.294  5.730   8.913   1.00 17.89 ? 10  TRP A CZ2 1 
ATOM   72   C  CZ3 . TRP A 1 11  ? -6.489  5.593   6.500   1.00 18.45 ? 10  TRP A CZ3 1 
ATOM   73   C  CH2 . TRP A 1 11  ? -6.900  5.221   7.794   1.00 18.33 ? 10  TRP A CH2 1 
ATOM   74   N  N   . VAL A 1 12  ? -1.810  8.194   3.579   1.00 17.90 ? 11  VAL A N   1 
ATOM   75   C  CA  . VAL A 1 12  ? -1.478  8.800   2.295   1.00 18.07 ? 11  VAL A CA  1 
ATOM   76   C  C   . VAL A 1 12  ? -2.731  9.568   1.865   1.00 18.76 ? 11  VAL A C   1 
ATOM   77   O  O   . VAL A 1 12  ? -2.652  10.681  1.357   1.00 19.53 ? 11  VAL A O   1 
ATOM   78   C  CB  . VAL A 1 12  ? -1.126  7.716   1.261   1.00 19.20 ? 11  VAL A CB  1 
ATOM   79   C  CG1 . VAL A 1 12  ? -1.063  8.315   -0.135  1.00 22.33 ? 11  VAL A CG1 1 
ATOM   80   C  CG2 . VAL A 1 12  ? 0.207   7.089   1.628   1.00 21.43 ? 11  VAL A CG2 1 
ATOM   81   N  N   . LEU A 1 13  ? -3.881  8.943   2.083   1.00 17.40 ? 12  LEU A N   1 
ATOM   82   C  CA  . LEU A 1 13  ? -5.185  9.527   1.796   1.00 19.78 ? 12  LEU A CA  1 
ATOM   83   C  C   . LEU A 1 13  ? -5.952  9.339   3.099   1.00 19.49 ? 12  LEU A C   1 
ATOM   84   O  O   . LEU A 1 13  ? -6.441  8.243   3.399   1.00 18.09 ? 12  LEU A O   1 
ATOM   85   C  CB  . LEU A 1 13  ? -5.893  8.795   0.649   1.00 19.98 ? 12  LEU A CB  1 
ATOM   86   C  CG  . LEU A 1 13  ? -5.477  9.179   -0.773  1.00 21.68 ? 12  LEU A CG  1 
ATOM   87   C  CD1 . LEU A 1 13  ? -6.220  8.308   -1.783  1.00 21.23 ? 12  LEU A CD1 1 
ATOM   88   C  CD2 . LEU A 1 13  ? -5.784  10.649  -1.013  1.00 22.65 ? 12  LEU A CD2 1 
ATOM   89   N  N   . PRO A 1 14  ? -6.036  10.408  3.909   1.00 20.97 ? 13  PRO A N   1 
ATOM   90   C  CA  . PRO A 1 14  ? -6.730  10.399  5.197   1.00 20.46 ? 13  PRO A CA  1 
ATOM   91   C  C   . PRO A 1 14  ? -8.020  9.597   5.217   1.00 20.02 ? 13  PRO A C   1 
ATOM   92   O  O   . PRO A 1 14  ? -8.972  9.916   4.504   1.00 21.32 ? 13  PRO A O   1 
ATOM   93   C  CB  . PRO A 1 14  ? -6.965  11.882  5.465   1.00 21.74 ? 13  PRO A CB  1 
ATOM   94   C  CG  . PRO A 1 14  ? -5.748  12.500  4.911   1.00 20.80 ? 13  PRO A CG  1 
ATOM   95   C  CD  . PRO A 1 14  ? -5.562  11.767  3.590   1.00 20.71 ? 13  PRO A CD  1 
ATOM   96   N  N   . GLY A 1 15  ? -8.037  8.553   6.037   1.00 19.07 ? 14  GLY A N   1 
ATOM   97   C  CA  . GLY A 1 15  ? -9.219  7.723   6.171   1.00 20.31 ? 14  GLY A CA  1 
ATOM   98   C  C   . GLY A 1 15  ? -9.515  6.821   4.994   1.00 18.68 ? 14  GLY A C   1 
ATOM   99   O  O   . GLY A 1 15  ? -10.590 6.239   4.923   1.00 18.55 ? 14  GLY A O   1 
ATOM   100  N  N   . ARG A 1 16  ? -8.570  6.694   4.069   1.00 16.91 ? 15  ARG A N   1 
ATOM   101  C  CA  . ARG A 1 16  ? -8.793  5.849   2.902   1.00 16.40 ? 15  ARG A CA  1 
ATOM   102  C  C   . ARG A 1 16  ? -7.637  4.911   2.579   1.00 15.20 ? 15  ARG A C   1 
ATOM   103  O  O   . ARG A 1 16  ? -7.848  3.727   2.332   1.00 12.71 ? 15  ARG A O   1 
ATOM   104  C  CB  . ARG A 1 16  ? -9.076  6.710   1.667   1.00 17.00 ? 15  ARG A CB  1 
ATOM   105  C  CG  . ARG A 1 16  ? -10.376 7.497   1.719   1.00 18.86 ? 15  ARG A CG  1 
ATOM   106  C  CD  . ARG A 1 16  ? -10.556 8.305   0.450   1.00 18.86 ? 15  ARG A CD  1 
ATOM   107  N  NE  . ARG A 1 16  ? -10.586 7.451   -0.736  1.00 22.27 ? 15  ARG A NE  1 
ATOM   108  C  CZ  . ARG A 1 16  ? -10.774 7.898   -1.974  1.00 22.11 ? 15  ARG A CZ  1 
ATOM   109  N  NH1 . ARG A 1 16  ? -10.946 9.190   -2.183  1.00 24.06 ? 15  ARG A NH1 1 
ATOM   110  N  NH2 . ARG A 1 16  ? -10.790 7.052   -2.998  1.00 23.39 ? 15  ARG A NH2 1 
ATOM   111  N  N   . LEU A 1 17  ? -6.418  5.442   2.583   1.00 13.91 ? 16  LEU A N   1 
ATOM   112  C  CA  . LEU A 1 17  ? -5.253  4.639   2.243   1.00 12.73 ? 16  LEU A CA  1 
ATOM   113  C  C   . LEU A 1 17  ? -4.033  4.954   3.104   1.00 12.97 ? 16  LEU A C   1 
ATOM   114  O  O   . LEU A 1 17  ? -3.657  6.117   3.266   1.00 13.32 ? 16  LEU A O   1 
ATOM   115  C  CB  . LEU A 1 17  ? -4.909  4.856   0.768   1.00 14.54 ? 16  LEU A CB  1 
ATOM   116  C  CG  . LEU A 1 17  ? -3.739  4.049   0.202   1.00 15.61 ? 16  LEU A CG  1 
ATOM   117  C  CD1 . LEU A 1 17  ? -4.036  2.553   0.332   1.00 14.54 ? 16  LEU A CD1 1 
ATOM   118  C  CD2 . LEU A 1 17  ? -3.524  4.432   -1.248  1.00 16.99 ? 16  LEU A CD2 1 
ATOM   119  N  N   . ALA A 1 18  ? -3.417  3.909   3.647   1.00 12.61 ? 17  ALA A N   1 
ATOM   120  C  CA  . ALA A 1 18  ? -2.238  4.068   4.493   1.00 14.49 ? 17  ALA A CA  1 
ATOM   121  C  C   . ALA A 1 18  ? -1.143  3.067   4.148   1.00 14.35 ? 17  ALA A C   1 
ATOM   122  O  O   . ALA A 1 18  ? -1.412  1.991   3.611   1.00 13.98 ? 17  ALA A O   1 
ATOM   123  C  CB  . ALA A 1 18  ? -2.626  3.913   5.962   1.00 15.43 ? 17  ALA A CB  1 
ATOM   124  N  N   . GLY A 1 19  ? 0.097   3.437   4.456   1.00 13.20 ? 18  GLY A N   1 
ATOM   125  C  CA  . GLY A 1 19  ? 1.217   2.556   4.202   1.00 12.92 ? 18  GLY A CA  1 
ATOM   126  C  C   . GLY A 1 19  ? 1.817   2.128   5.526   1.00 13.28 ? 18  GLY A C   1 
ATOM   127  O  O   . GLY A 1 19  ? 1.673   2.826   6.531   1.00 13.31 ? 18  GLY A O   1 
ATOM   128  N  N   . LEU A 1 20  ? 2.477   0.977   5.540   1.00 12.36 ? 19  LEU A N   1 
ATOM   129  C  CA  . LEU A 1 20  ? 3.107   0.482   6.758   1.00 14.60 ? 19  LEU A CA  1 
ATOM   130  C  C   . LEU A 1 20  ? 4.160   -0.579  6.465   1.00 15.38 ? 19  LEU A C   1 
ATOM   131  O  O   . LEU A 1 20  ? 4.212   -1.142  5.367   1.00 15.29 ? 19  LEU A O   1 
ATOM   132  C  CB  . LEU A 1 20  ? 2.062   -0.100  7.717   1.00 12.95 ? 19  LEU A CB  1 
ATOM   133  C  CG  . LEU A 1 20  ? 1.083   -1.167  7.204   1.00 14.94 ? 19  LEU A CG  1 
ATOM   134  C  CD1 . LEU A 1 20  ? 0.824   -2.202  8.285   1.00 14.25 ? 19  LEU A CD1 1 
ATOM   135  C  CD2 . LEU A 1 20  ? -0.212  -0.512  6.775   1.00 15.86 ? 19  LEU A CD2 1 
ATOM   136  N  N   . ALA A 1 21  ? 5.013   -0.832  7.450   1.00 14.65 ? 20  ALA A N   1 
ATOM   137  C  CA  . ALA A 1 21  ? 6.034   -1.852  7.299   1.00 14.45 ? 20  ALA A CA  1 
ATOM   138  C  C   . ALA A 1 21  ? 5.349   -3.171  7.645   1.00 15.52 ? 20  ALA A C   1 
ATOM   139  O  O   . ALA A 1 21  ? 4.124   -3.225  7.809   1.00 14.59 ? 20  ALA A O   1 
ATOM   140  C  CB  . ALA A 1 21  ? 7.203   -1.583  8.242   1.00 14.17 ? 20  ALA A CB  1 
ATOM   141  N  N   . LEU A 1 22  ? 6.131   -4.231  7.771   1.00 15.64 ? 21  LEU A N   1 
ATOM   142  C  CA  . LEU A 1 22  ? 5.572   -5.542  8.072   1.00 15.82 ? 21  LEU A CA  1 
ATOM   143  C  C   . LEU A 1 22  ? 4.878   -5.655  9.433   1.00 16.13 ? 21  LEU A C   1 
ATOM   144  O  O   . LEU A 1 22  ? 5.513   -5.479  10.467  1.00 15.41 ? 21  LEU A O   1 
ATOM   145  C  CB  . LEU A 1 22  ? 6.675   -6.600  8.004   1.00 15.84 ? 21  LEU A CB  1 
ATOM   146  C  CG  . LEU A 1 22  ? 6.206   -8.018  8.328   1.00 17.26 ? 21  LEU A CG  1 
ATOM   147  C  CD1 . LEU A 1 22  ? 5.549   -8.606  7.093   1.00 15.78 ? 21  LEU A CD1 1 
ATOM   148  C  CD2 . LEU A 1 22  ? 7.375   -8.878  8.762   1.00 17.95 ? 21  LEU A CD2 1 
ATOM   149  N  N   . PRO A 1 23  ? 3.555   -5.924  9.447   1.00 15.59 ? 22  PRO A N   1 
ATOM   150  C  CA  . PRO A 1 23  ? 2.878   -6.058  10.746  1.00 14.86 ? 22  PRO A CA  1 
ATOM   151  C  C   . PRO A 1 23  ? 3.233   -7.465  11.237  1.00 15.93 ? 22  PRO A C   1 
ATOM   152  O  O   . PRO A 1 23  ? 3.335   -8.386  10.430  1.00 15.10 ? 22  PRO A O   1 
ATOM   153  C  CB  . PRO A 1 23  ? 1.400   -5.905  10.389  1.00 16.07 ? 22  PRO A CB  1 
ATOM   154  C  CG  . PRO A 1 23  ? 1.323   -6.455  8.990   1.00 14.83 ? 22  PRO A CG  1 
ATOM   155  C  CD  . PRO A 1 23  ? 2.581   -5.894  8.339   1.00 14.29 ? 22  PRO A CD  1 
ATOM   156  N  N   . ARG A 1 24  ? 3.433   -7.646  12.537  1.00 16.43 ? 23  ARG A N   1 
ATOM   157  C  CA  . ARG A 1 24  ? 3.830   -8.965  13.025  1.00 17.96 ? 23  ARG A CA  1 
ATOM   158  C  C   . ARG A 1 24  ? 3.209   -9.372  14.352  1.00 18.47 ? 23  ARG A C   1 
ATOM   159  O  O   . ARG A 1 24  ? 3.450   -10.483 14.837  1.00 17.64 ? 23  ARG A O   1 
ATOM   160  C  CB  . ARG A 1 24  ? 5.354   -9.022  13.161  1.00 17.87 ? 23  ARG A CB  1 
ATOM   161  C  CG  . ARG A 1 24  ? 5.899   -8.024  14.177  1.00 17.15 ? 23  ARG A CG  1 
ATOM   162  C  CD  . ARG A 1 24  ? 7.405   -8.130  14.354  1.00 18.99 ? 23  ARG A CD  1 
ATOM   163  N  NE  . ARG A 1 24  ? 7.826   -7.447  15.579  1.00 19.40 ? 23  ARG A NE  1 
ATOM   164  C  CZ  . ARG A 1 24  ? 7.861   -6.127  15.732  1.00 19.34 ? 23  ARG A CZ  1 
ATOM   165  N  NH1 . ARG A 1 24  ? 7.519   -5.326  14.731  1.00 18.43 ? 23  ARG A NH1 1 
ATOM   166  N  NH2 . ARG A 1 24  ? 8.198   -5.608  16.906  1.00 17.94 ? 23  ARG A NH2 1 
ATOM   167  N  N   . LEU A 1 25  ? 2.414   -8.478  14.935  1.00 18.29 ? 24  LEU A N   1 
ATOM   168  C  CA  . LEU A 1 25  ? 1.772   -8.758  16.217  1.00 18.88 ? 24  LEU A CA  1 
ATOM   169  C  C   . LEU A 1 25  ? 0.257   -8.574  16.149  1.00 19.33 ? 24  LEU A C   1 
ATOM   170  O  O   . LEU A 1 25  ? -0.256  -7.820  15.324  1.00 18.49 ? 24  LEU A O   1 
ATOM   171  C  CB  . LEU A 1 25  ? 2.338   -7.832  17.290  1.00 17.73 ? 24  LEU A CB  1 
ATOM   172  C  CG  . LEU A 1 25  ? 3.861   -7.775  17.397  1.00 18.70 ? 24  LEU A CG  1 
ATOM   173  C  CD1 . LEU A 1 25  ? 4.237   -6.716  18.411  1.00 19.33 ? 24  LEU A CD1 1 
ATOM   174  C  CD2 . LEU A 1 25  ? 4.422   -9.136  17.812  1.00 20.47 ? 24  LEU A CD2 1 
ATOM   175  N  N   . PRO A 1 26  ? -0.480  -9.265  17.025  1.00 19.85 ? 25  PRO A N   1 
ATOM   176  C  CA  . PRO A 1 26  ? -1.936  -9.133  17.018  1.00 19.46 ? 25  PRO A CA  1 
ATOM   177  C  C   . PRO A 1 26  ? -2.361  -7.691  17.284  1.00 19.43 ? 25  PRO A C   1 
ATOM   178  O  O   . PRO A 1 26  ? -3.366  -7.222  16.750  1.00 19.43 ? 25  PRO A O   1 
ATOM   179  C  CB  . PRO A 1 26  ? -2.369  -10.077 18.135  1.00 20.46 ? 25  PRO A CB  1 
ATOM   180  C  CG  . PRO A 1 26  ? -1.330  -11.150 18.077  1.00 19.59 ? 25  PRO A CG  1 
ATOM   181  C  CD  . PRO A 1 26  ? -0.054  -10.366 17.909  1.00 20.14 ? 25  PRO A CD  1 
ATOM   182  N  N   . ALA A 1 27  ? -1.587  -6.986  18.103  1.00 17.85 ? 26  ALA A N   1 
ATOM   183  C  CA  . ALA A 1 27  ? -1.907  -5.605  18.445  1.00 17.63 ? 26  ALA A CA  1 
ATOM   184  C  C   . ALA A 1 27  ? -1.764  -4.650  17.263  1.00 16.07 ? 26  ALA A C   1 
ATOM   185  O  O   . ALA A 1 27  ? -2.344  -3.566  17.265  1.00 14.97 ? 26  ALA A O   1 
ATOM   186  C  CB  . ALA A 1 27  ? -1.034  -5.132  19.608  1.00 18.06 ? 26  ALA A CB  1 
ATOM   187  N  N   . HIS A 1 28  ? -0.983  -5.048  16.265  1.00 16.90 ? 27  HIS A N   1 
ATOM   188  C  CA  . HIS A 1 28  ? -0.792  -4.220  15.081  1.00 15.54 ? 27  HIS A CA  1 
ATOM   189  C  C   . HIS A 1 28  ? -2.083  -4.196  14.266  1.00 16.04 ? 27  HIS A C   1 
ATOM   190  O  O   . HIS A 1 28  ? -2.553  -3.134  13.854  1.00 16.80 ? 27  HIS A O   1 
ATOM   191  C  CB  . HIS A 1 28  ? 0.332   -4.784  14.220  1.00 18.51 ? 27  HIS A CB  1 
ATOM   192  C  CG  . HIS A 1 28  ? 1.700   -4.560  14.782  1.00 16.89 ? 27  HIS A CG  1 
ATOM   193  N  ND1 . HIS A 1 28  ? 2.810   -5.243  14.328  1.00 17.80 ? 27  HIS A ND1 1 
ATOM   194  C  CD2 . HIS A 1 28  ? 2.148   -3.707  15.733  1.00 18.71 ? 27  HIS A CD2 1 
ATOM   195  C  CE1 . HIS A 1 28  ? 3.880   -4.820  14.975  1.00 16.15 ? 27  HIS A CE1 1 
ATOM   196  N  NE2 . HIS A 1 28  ? 3.507   -3.887  15.834  1.00 16.59 ? 27  HIS A NE2 1 
ATOM   197  N  N   . TYR A 1 29  ? -2.641  -5.383  14.038  1.00 16.10 ? 28  TYR A N   1 
ATOM   198  C  CA  . TYR A 1 29  ? -3.878  -5.544  13.279  1.00 15.35 ? 28  TYR A CA  1 
ATOM   199  C  C   . TYR A 1 29  ? -5.057  -4.918  14.017  1.00 16.22 ? 28  TYR A C   1 
ATOM   200  O  O   . TYR A 1 29  ? -5.956  -4.329  13.402  1.00 14.60 ? 28  TYR A O   1 
ATOM   201  C  CB  . TYR A 1 29  ? -4.142  -7.030  13.047  1.00 15.94 ? 28  TYR A CB  1 
ATOM   202  C  CG  . TYR A 1 29  ? -2.996  -7.721  12.355  1.00 18.34 ? 28  TYR A CG  1 
ATOM   203  C  CD1 . TYR A 1 29  ? -2.706  -7.460  11.017  1.00 17.64 ? 28  TYR A CD1 1 
ATOM   204  C  CD2 . TYR A 1 29  ? -2.166  -8.602  13.050  1.00 17.88 ? 28  TYR A CD2 1 
ATOM   205  C  CE1 . TYR A 1 29  ? -1.619  -8.054  10.387  1.00 15.93 ? 28  TYR A CE1 1 
ATOM   206  C  CE2 . TYR A 1 29  ? -1.075  -9.203  12.426  1.00 16.64 ? 28  TYR A CE2 1 
ATOM   207  C  CZ  . TYR A 1 29  ? -0.808  -8.924  11.098  1.00 15.58 ? 28  TYR A CZ  1 
ATOM   208  O  OH  . TYR A 1 29  ? 0.271   -9.512  10.477  1.00 15.58 ? 28  TYR A OH  1 
ATOM   209  N  N   . GLN A 1 30  ? -5.058  -5.053  15.337  1.00 16.38 ? 29  GLN A N   1 
ATOM   210  C  CA  . GLN A 1 30  ? -6.132  -4.480  16.132  1.00 17.95 ? 29  GLN A CA  1 
ATOM   211  C  C   . GLN A 1 30  ? -6.100  -2.963  15.984  1.00 17.29 ? 29  GLN A C   1 
ATOM   212  O  O   . GLN A 1 30  ? -7.142  -2.310  15.955  1.00 18.28 ? 29  GLN A O   1 
ATOM   213  C  CB  . GLN A 1 30  ? -5.971  -4.893  17.589  1.00 20.81 ? 29  GLN A CB  1 
ATOM   214  C  CG  . GLN A 1 30  ? -6.040  -6.399  17.767  1.00 23.26 ? 29  GLN A CG  1 
ATOM   215  C  CD  . GLN A 1 30  ? -6.037  -6.819  19.216  1.00 26.61 ? 29  GLN A CD  1 
ATOM   216  O  OE1 . GLN A 1 30  ? -5.186  -6.387  19.996  1.00 28.13 ? 29  GLN A OE1 1 
ATOM   217  N  NE2 . GLN A 1 30  ? -6.984  -7.678  19.587  1.00 27.43 ? 29  GLN A NE2 1 
ATOM   218  N  N   . PHE A 1 31  ? -4.891  -2.416  15.878  1.00 16.25 ? 30  PHE A N   1 
ATOM   219  C  CA  . PHE A 1 31  ? -4.675  -0.985  15.701  1.00 14.85 ? 30  PHE A CA  1 
ATOM   220  C  C   . PHE A 1 31  ? -5.286  -0.539  14.364  1.00 14.63 ? 30  PHE A C   1 
ATOM   221  O  O   . PHE A 1 31  ? -5.940  0.504   14.280  1.00 14.03 ? 30  PHE A O   1 
ATOM   222  C  CB  . PHE A 1 31  ? -3.172  -0.692  15.705  1.00 14.60 ? 30  PHE A CB  1 
ATOM   223  C  CG  . PHE A 1 31  ? -2.825  0.731   15.381  1.00 16.47 ? 30  PHE A CG  1 
ATOM   224  C  CD1 . PHE A 1 31  ? -2.788  1.699   16.378  1.00 17.65 ? 30  PHE A CD1 1 
ATOM   225  C  CD2 . PHE A 1 31  ? -2.555  1.110   14.068  1.00 17.20 ? 30  PHE A CD2 1 
ATOM   226  C  CE1 . PHE A 1 31  ? -2.486  3.022   16.074  1.00 18.47 ? 30  PHE A CE1 1 
ATOM   227  C  CE2 . PHE A 1 31  ? -2.251  2.428   13.754  1.00 17.65 ? 30  PHE A CE2 1 
ATOM   228  C  CZ  . PHE A 1 31  ? -2.219  3.390   14.760  1.00 18.38 ? 30  PHE A CZ  1 
ATOM   229  N  N   . LEU A 1 32  ? -5.052  -1.327  13.322  1.00 14.80 ? 31  LEU A N   1 
ATOM   230  C  CA  . LEU A 1 32  ? -5.577  -1.013  11.997  1.00 14.65 ? 31  LEU A CA  1 
ATOM   231  C  C   . LEU A 1 32  ? -7.097  -0.983  12.031  1.00 16.06 ? 31  LEU A C   1 
ATOM   232  O  O   . LEU A 1 32  ? -7.719  -0.065  11.499  1.00 14.53 ? 31  LEU A O   1 
ATOM   233  C  CB  . LEU A 1 32  ? -5.115  -2.055  10.973  1.00 14.36 ? 31  LEU A CB  1 
ATOM   234  C  CG  . LEU A 1 32  ? -3.609  -2.108  10.710  1.00 15.30 ? 31  LEU A CG  1 
ATOM   235  C  CD1 . LEU A 1 32  ? -3.276  -3.283  9.811   1.00 13.39 ? 31  LEU A CD1 1 
ATOM   236  C  CD2 . LEU A 1 32  ? -3.172  -0.806  10.076  1.00 16.60 ? 31  LEU A CD2 1 
ATOM   237  N  N   . LEU A 1 33  ? -7.687  -1.993  12.656  1.00 16.05 ? 32  LEU A N   1 
ATOM   238  C  CA  . LEU A 1 33  ? -9.138  -2.074  12.759  1.00 18.96 ? 32  LEU A CA  1 
ATOM   239  C  C   . LEU A 1 33  ? -9.722  -0.882  13.508  1.00 19.99 ? 32  LEU A C   1 
ATOM   240  O  O   . LEU A 1 33  ? -10.817 -0.422  13.185  1.00 21.17 ? 32  LEU A O   1 
ATOM   241  C  CB  . LEU A 1 33  ? -9.552  -3.368  13.456  1.00 19.09 ? 32  LEU A CB  1 
ATOM   242  C  CG  . LEU A 1 33  ? -9.424  -4.649  12.634  1.00 19.62 ? 32  LEU A CG  1 
ATOM   243  C  CD1 . LEU A 1 33  ? -9.872  -5.826  13.480  1.00 22.27 ? 32  LEU A CD1 1 
ATOM   244  C  CD2 . LEU A 1 33  ? -10.270 -4.556  11.382  1.00 19.26 ? 32  LEU A CD2 1 
ATOM   245  N  N   . ASP A 1 34  ? -8.994  -0.397  14.509  1.00 20.85 ? 33  ASP A N   1 
ATOM   246  C  CA  . ASP A 1 34  ? -9.431  0.753   15.301  1.00 22.36 ? 33  ASP A CA  1 
ATOM   247  C  C   . ASP A 1 34  ? -9.459  2.031   14.475  1.00 22.94 ? 33  ASP A C   1 
ATOM   248  O  O   . ASP A 1 34  ? -10.289 2.902   14.716  1.00 22.01 ? 33  ASP A O   1 
ATOM   249  C  CB  . ASP A 1 34  ? -8.504  0.965   16.498  1.00 25.70 ? 33  ASP A CB  1 
ATOM   250  C  CG  . ASP A 1 34  ? -8.812  0.037   17.651  1.00 29.61 ? 33  ASP A CG  1 
ATOM   251  O  OD1 . ASP A 1 34  ? -9.013  -1.171  17.413  1.00 33.67 ? 33  ASP A OD1 1 
ATOM   252  O  OD2 . ASP A 1 34  ? -8.841  0.506   18.812  1.00 35.61 ? 33  ASP A OD2 1 
ATOM   253  N  N   . LEU A 1 35  ? -8.548  2.151   13.513  1.00 22.09 ? 34  LEU A N   1 
ATOM   254  C  CA  . LEU A 1 35  ? -8.494  3.336   12.667  1.00 23.07 ? 34  LEU A CA  1 
ATOM   255  C  C   . LEU A 1 35  ? -9.405  3.219   11.448  1.00 23.44 ? 34  LEU A C   1 
ATOM   256  O  O   . LEU A 1 35  ? -9.413  4.102   10.593  1.00 23.81 ? 34  LEU A O   1 
ATOM   257  C  CB  . LEU A 1 35  ? -7.063  3.604   12.198  1.00 23.77 ? 34  LEU A CB  1 
ATOM   258  C  CG  . LEU A 1 35  ? -6.050  4.038   13.256  1.00 26.10 ? 34  LEU A CG  1 
ATOM   259  C  CD1 . LEU A 1 35  ? -4.744  4.426   12.572  1.00 24.81 ? 34  LEU A CD1 1 
ATOM   260  C  CD2 . LEU A 1 35  ? -6.613  5.218   14.047  1.00 27.26 ? 34  LEU A CD2 1 
ATOM   261  N  N   . GLY A 1 36  ? -10.166 2.131   11.364  1.00 22.67 ? 35  GLY A N   1 
ATOM   262  C  CA  . GLY A 1 36  ? -11.065 1.959   10.236  1.00 23.20 ? 35  GLY A CA  1 
ATOM   263  C  C   . GLY A 1 36  ? -10.456 1.220   9.058   1.00 22.92 ? 35  GLY A C   1 
ATOM   264  O  O   . GLY A 1 36  ? -11.133 0.996   8.047   1.00 22.83 ? 35  GLY A O   1 
ATOM   265  N  N   . VAL A 1 37  ? -9.182  0.845   9.173   1.00 22.25 ? 36  VAL A N   1 
ATOM   266  C  CA  . VAL A 1 37  ? -8.496  0.108   8.106   1.00 22.08 ? 36  VAL A CA  1 
ATOM   267  C  C   . VAL A 1 37  ? -8.934  -1.358  8.159   1.00 22.93 ? 36  VAL A C   1 
ATOM   268  O  O   . VAL A 1 37  ? -8.339  -2.174  8.866   1.00 23.85 ? 36  VAL A O   1 
ATOM   269  C  CB  . VAL A 1 37  ? -6.958  0.200   8.264   1.00 21.57 ? 36  VAL A CB  1 
ATOM   270  C  CG1 . VAL A 1 37  ? -6.264  -0.669  7.232   1.00 20.04 ? 36  VAL A CG1 1 
ATOM   271  C  CG2 . VAL A 1 37  ? -6.513  1.645   8.103   1.00 21.05 ? 36  VAL A CG2 1 
ATOM   272  N  N   . ARG A 1 38  ? -9.975  -1.676  7.392   1.00 21.73 ? 37  ARG A N   1 
ATOM   273  C  CA  . ARG A 1 38  ? -10.556 -3.017  7.333   1.00 21.92 ? 37  ARG A CA  1 
ATOM   274  C  C   . ARG A 1 38  ? -9.961  -3.949  6.280   1.00 21.02 ? 37  ARG A C   1 
ATOM   275  O  O   . ARG A 1 38  ? -10.334 -5.123  6.201   1.00 20.04 ? 37  ARG A O   1 
ATOM   276  C  CB  . ARG A 1 38  ? -12.062 -2.891  7.101   1.00 23.73 ? 37  ARG A CB  1 
ATOM   277  C  CG  . ARG A 1 38  ? -12.797 -2.192  8.236   1.00 27.06 ? 37  ARG A CG  1 
ATOM   278  C  CD  . ARG A 1 38  ? -13.129 -3.183  9.343   1.00 30.37 ? 37  ARG A CD  1 
ATOM   279  N  NE  . ARG A 1 38  ? -13.586 -2.515  10.560  1.00 32.03 ? 37  ARG A NE  1 
ATOM   280  C  CZ  . ARG A 1 38  ? -13.942 -3.151  11.672  1.00 32.59 ? 37  ARG A CZ  1 
ATOM   281  N  NH1 . ARG A 1 38  ? -13.899 -4.477  11.726  1.00 33.01 ? 37  ARG A NH1 1 
ATOM   282  N  NH2 . ARG A 1 38  ? -14.337 -2.461  12.736  1.00 35.01 ? 37  ARG A NH2 1 
ATOM   283  N  N   . HIS A 1 39  ? -9.049  -3.425  5.464   1.00 19.10 ? 38  HIS A N   1 
ATOM   284  C  CA  . HIS A 1 39  ? -8.403  -4.216  4.422   1.00 17.17 ? 38  HIS A CA  1 
ATOM   285  C  C   . HIS A 1 39  ? -6.903  -4.023  4.452   1.00 16.51 ? 38  HIS A C   1 
ATOM   286  O  O   . HIS A 1 39  ? -6.416  -2.907  4.588   1.00 18.21 ? 38  HIS A O   1 
ATOM   287  C  CB  . HIS A 1 39  ? -8.913  -3.822  3.035   1.00 16.47 ? 38  HIS A CB  1 
ATOM   288  C  CG  . HIS A 1 39  ? -10.365 -4.103  2.830   1.00 18.32 ? 38  HIS A CG  1 
ATOM   289  N  ND1 . HIS A 1 39  ? -11.359 -3.313  3.368   1.00 20.26 ? 38  HIS A ND1 1 
ATOM   290  C  CD2 . HIS A 1 39  ? -10.992 -5.120  2.195   1.00 18.81 ? 38  HIS A CD2 1 
ATOM   291  C  CE1 . HIS A 1 39  ? -12.538 -3.835  3.074   1.00 19.67 ? 38  HIS A CE1 1 
ATOM   292  N  NE2 . HIS A 1 39  ? -12.343 -4.931  2.363   1.00 21.80 ? 38  HIS A NE2 1 
ATOM   293  N  N   . LEU A 1 40  ? -6.179  -5.121  4.315   1.00 14.80 ? 39  LEU A N   1 
ATOM   294  C  CA  . LEU A 1 40  ? -4.726  -5.074  4.316   1.00 15.40 ? 39  LEU A CA  1 
ATOM   295  C  C   . LEU A 1 40  ? -4.187  -5.739  3.065   1.00 14.15 ? 39  LEU A C   1 
ATOM   296  O  O   . LEU A 1 40  ? -4.398  -6.931  2.844   1.00 15.01 ? 39  LEU A O   1 
ATOM   297  C  CB  . LEU A 1 40  ? -4.168  -5.798  5.541   1.00 15.13 ? 39  LEU A CB  1 
ATOM   298  C  CG  . LEU A 1 40  ? -2.640  -5.833  5.660   1.00 15.32 ? 39  LEU A CG  1 
ATOM   299  C  CD1 . LEU A 1 40  ? -2.111  -4.408  5.831   1.00 16.18 ? 39  LEU A CD1 1 
ATOM   300  C  CD2 . LEU A 1 40  ? -2.240  -6.696  6.844   1.00 17.19 ? 39  LEU A CD2 1 
ATOM   301  N  N   . VAL A 1 41  ? -3.505  -4.960  2.237   1.00 15.38 ? 40  VAL A N   1 
ATOM   302  C  CA  . VAL A 1 41  ? -2.905  -5.491  1.023   1.00 14.61 ? 40  VAL A CA  1 
ATOM   303  C  C   . VAL A 1 41  ? -1.473  -5.859  1.385   1.00 14.80 ? 40  VAL A C   1 
ATOM   304  O  O   . VAL A 1 41  ? -0.664  -4.989  1.709   1.00 15.19 ? 40  VAL A O   1 
ATOM   305  C  CB  . VAL A 1 41  ? -2.909  -4.438  -0.101  1.00 13.34 ? 40  VAL A CB  1 
ATOM   306  C  CG1 . VAL A 1 41  ? -2.224  -4.987  -1.335  1.00 14.46 ? 40  VAL A CG1 1 
ATOM   307  C  CG2 . VAL A 1 41  ? -4.346  -4.034  -0.418  1.00 13.93 ? 40  VAL A CG2 1 
ATOM   308  N  N   . SER A 1 42  ? -1.175  -7.153  1.333   1.00 14.80 ? 41  SER A N   1 
ATOM   309  C  CA  . SER A 1 42  ? 0.138   -7.681  1.686   1.00 14.46 ? 41  SER A CA  1 
ATOM   310  C  C   . SER A 1 42  ? 0.992   -7.966  0.445   1.00 13.84 ? 41  SER A C   1 
ATOM   311  O  O   . SER A 1 42  ? 0.640   -8.813  -0.383  1.00 11.17 ? 41  SER A O   1 
ATOM   312  C  CB  . SER A 1 42  ? -0.053  -8.955  2.517   1.00 15.91 ? 41  SER A CB  1 
ATOM   313  O  OG  . SER A 1 42  ? 1.170   -9.421  3.048   1.00 19.66 ? 41  SER A OG  1 
ATOM   314  N  N   . LEU A 1 43  ? 2.121   -7.262  0.339   1.00 12.88 ? 42  LEU A N   1 
ATOM   315  C  CA  . LEU A 1 43  ? 3.037   -7.379  -0.802  1.00 11.75 ? 42  LEU A CA  1 
ATOM   316  C  C   . LEU A 1 43  ? 4.259   -8.280  -0.591  1.00 12.46 ? 42  LEU A C   1 
ATOM   317  O  O   . LEU A 1 43  ? 5.002   -8.555  -1.537  1.00 13.26 ? 42  LEU A O   1 
ATOM   318  C  CB  . LEU A 1 43  ? 3.532   -5.983  -1.197  1.00 11.98 ? 42  LEU A CB  1 
ATOM   319  C  CG  . LEU A 1 43  ? 2.457   -4.918  -1.417  1.00 11.04 ? 42  LEU A CG  1 
ATOM   320  C  CD1 . LEU A 1 43  ? 3.122   -3.596  -1.760  1.00 13.89 ? 42  LEU A CD1 1 
ATOM   321  C  CD2 . LEU A 1 43  ? 1.512   -5.355  -2.521  1.00 11.74 ? 42  LEU A CD2 1 
ATOM   322  N  N   . THR A 1 44  ? 4.475   -8.722  0.642   1.00 13.91 ? 43  THR A N   1 
ATOM   323  C  CA  . THR A 1 44  ? 5.620   -9.572  0.965   1.00 14.60 ? 43  THR A CA  1 
ATOM   324  C  C   . THR A 1 44  ? 5.568   -10.960 0.323   1.00 17.07 ? 43  THR A C   1 
ATOM   325  O  O   . THR A 1 44  ? 4.516   -11.409 -0.139  1.00 18.27 ? 43  THR A O   1 
ATOM   326  C  CB  . THR A 1 44  ? 5.772   -9.732  2.500   1.00 13.76 ? 43  THR A CB  1 
ATOM   327  O  OG1 . THR A 1 44  ? 4.502   -10.041 3.085   1.00 13.17 ? 43  THR A OG1 1 
ATOM   328  C  CG2 . THR A 1 44  ? 6.315   -8.449  3.117   1.00 16.52 ? 43  THR A CG2 1 
ATOM   329  N  N   . GLU A 1 45  ? 6.713   -11.635 0.293   1.00 18.85 ? 44  GLU A N   1 
ATOM   330  C  CA  . GLU A 1 45  ? 6.793   -12.974 -0.291  1.00 20.59 ? 44  GLU A CA  1 
ATOM   331  C  C   . GLU A 1 45  ? 5.956   -13.984 0.504   1.00 20.10 ? 44  GLU A C   1 
ATOM   332  O  O   . GLU A 1 45  ? 5.512   -15.000 -0.037  1.00 20.27 ? 44  GLU A O   1 
ATOM   333  C  CB  . GLU A 1 45  ? 8.254   -13.446 -0.365  1.00 23.42 ? 44  GLU A CB  1 
ATOM   334  C  CG  . GLU A 1 45  ? 9.158   -12.584 -1.264  1.00 27.19 ? 44  GLU A CG  1 
ATOM   335  C  CD  . GLU A 1 45  ? 10.510  -13.235 -1.569  1.00 27.93 ? 44  GLU A CD  1 
ATOM   336  O  OE1 . GLU A 1 45  ? 10.928  -14.143 -0.810  1.00 28.55 ? 44  GLU A OE1 1 
ATOM   337  O  OE2 . GLU A 1 45  ? 11.164  -12.830 -2.563  1.00 27.01 ? 44  GLU A OE2 1 
ATOM   338  N  N   . ARG A 1 46  ? 5.743   -13.692 1.784   1.00 20.52 ? 45  ARG A N   1 
ATOM   339  C  CA  . ARG A 1 46  ? 4.952   -14.545 2.674   1.00 21.23 ? 45  ARG A CA  1 
ATOM   340  C  C   . ARG A 1 46  ? 3.971   -13.675 3.444   1.00 20.69 ? 45  ARG A C   1 
ATOM   341  O  O   . ARG A 1 46  ? 4.240   -12.499 3.690   1.00 18.59 ? 45  ARG A O   1 
ATOM   342  C  CB  . ARG A 1 46  ? 5.844   -15.252 3.695   1.00 23.95 ? 45  ARG A CB  1 
ATOM   343  C  CG  . ARG A 1 46  ? 6.929   -16.121 3.103   1.00 28.92 ? 45  ARG A CG  1 
ATOM   344  C  CD  . ARG A 1 46  ? 6.357   -17.389 2.521   1.00 33.53 ? 45  ARG A CD  1 
ATOM   345  N  NE  . ARG A 1 46  ? 7.424   -18.233 1.990   1.00 36.96 ? 45  ARG A NE  1 
ATOM   346  C  CZ  . ARG A 1 46  ? 7.260   -19.493 1.602   1.00 37.79 ? 45  ARG A CZ  1 
ATOM   347  N  NH1 . ARG A 1 46  ? 6.067   -20.070 1.684   1.00 38.44 ? 45  ARG A NH1 1 
ATOM   348  N  NH2 . ARG A 1 46  ? 8.295   -20.177 1.134   1.00 38.51 ? 45  ARG A NH2 1 
ATOM   349  N  N   . GLY A 1 47  ? 2.845   -14.263 3.835   1.00 19.62 ? 46  GLY A N   1 
ATOM   350  C  CA  . GLY A 1 47  ? 1.850   -13.522 4.588   1.00 18.25 ? 46  GLY A CA  1 
ATOM   351  C  C   . GLY A 1 47  ? 2.439   -13.026 5.894   1.00 17.72 ? 46  GLY A C   1 
ATOM   352  O  O   . GLY A 1 47  ? 3.327   -13.677 6.452   1.00 17.07 ? 46  GLY A O   1 
ATOM   353  N  N   . PRO A 1 48  ? 1.984   -11.871 6.407   1.00 16.68 ? 47  PRO A N   1 
ATOM   354  C  CA  . PRO A 1 48  ? 2.519   -11.347 7.666   1.00 16.90 ? 47  PRO A CA  1 
ATOM   355  C  C   . PRO A 1 48  ? 2.053   -12.192 8.855   1.00 17.33 ? 47  PRO A C   1 
ATOM   356  O  O   . PRO A 1 48  ? 0.906   -12.640 8.903   1.00 17.32 ? 47  PRO A O   1 
ATOM   357  C  CB  . PRO A 1 48  ? 1.975   -9.922  7.699   1.00 16.18 ? 47  PRO A CB  1 
ATOM   358  C  CG  . PRO A 1 48  ? 0.645   -10.068 7.049   1.00 14.94 ? 47  PRO A CG  1 
ATOM   359  C  CD  . PRO A 1 48  ? 0.934   -10.984 5.871   1.00 17.69 ? 47  PRO A CD  1 
ATOM   360  N  N   . PRO A 1 49  ? 2.940   -12.412 9.836   1.00 17.71 ? 48  PRO A N   1 
ATOM   361  C  CA  . PRO A 1 49  ? 2.583   -13.216 11.008  1.00 17.90 ? 48  PRO A CA  1 
ATOM   362  C  C   . PRO A 1 49  ? 1.436   -12.702 11.874  1.00 18.21 ? 48  PRO A C   1 
ATOM   363  O  O   . PRO A 1 49  ? 1.266   -11.500 12.062  1.00 16.02 ? 48  PRO A O   1 
ATOM   364  C  CB  . PRO A 1 49  ? 3.897   -13.294 11.782  1.00 17.48 ? 48  PRO A CB  1 
ATOM   365  C  CG  . PRO A 1 49  ? 4.574   -12.009 11.432  1.00 19.07 ? 48  PRO A CG  1 
ATOM   366  C  CD  . PRO A 1 49  ? 4.317   -11.896 9.953   1.00 18.38 ? 48  PRO A CD  1 
ATOM   367  N  N   . HIS A 1 50  ? 0.653   -13.645 12.390  1.00 18.90 ? 49  HIS A N   1 
ATOM   368  C  CA  . HIS A 1 50  ? -0.475  -13.362 13.271  1.00 21.74 ? 49  HIS A CA  1 
ATOM   369  C  C   . HIS A 1 50  ? -1.647  -12.568 12.710  1.00 22.25 ? 49  HIS A C   1 
ATOM   370  O  O   . HIS A 1 50  ? -2.468  -12.065 13.474  1.00 22.15 ? 49  HIS A O   1 
ATOM   371  C  CB  . HIS A 1 50  ? 0.037   -12.679 14.540  1.00 22.71 ? 49  HIS A CB  1 
ATOM   372  C  CG  . HIS A 1 50  ? 0.968   -13.538 15.335  1.00 25.73 ? 49  HIS A CG  1 
ATOM   373  N  ND1 . HIS A 1 50  ? 0.552   -14.683 15.979  1.00 26.58 ? 49  HIS A ND1 1 
ATOM   374  C  CD2 . HIS A 1 50  ? 2.308   -13.469 15.517  1.00 26.54 ? 49  HIS A CD2 1 
ATOM   375  C  CE1 . HIS A 1 50  ? 1.597   -15.286 16.519  1.00 28.82 ? 49  HIS A CE1 1 
ATOM   376  N  NE2 . HIS A 1 50  ? 2.675   -14.571 16.251  1.00 28.09 ? 49  HIS A NE2 1 
ATOM   377  N  N   . SER A 1 51  ? -1.740  -12.455 11.391  1.00 23.75 ? 50  SER A N   1 
ATOM   378  C  CA  . SER A 1 51  ? -2.853  -11.719 10.787  1.00 25.32 ? 50  SER A CA  1 
ATOM   379  C  C   . SER A 1 51  ? -4.209  -12.338 11.162  1.00 25.67 ? 50  SER A C   1 
ATOM   380  O  O   . SER A 1 51  ? -5.199  -11.626 11.362  1.00 24.16 ? 50  SER A O   1 
ATOM   381  C  CB  . SER A 1 51  ? -2.700  -11.684 9.260   1.00 25.39 ? 50  SER A CB  1 
ATOM   382  O  OG  . SER A 1 51  ? -2.573  -12.991 8.721   1.00 25.47 ? 50  SER A OG  1 
ATOM   383  N  N   . ASP A 1 52  ? -4.249  -13.662 11.280  1.00 25.77 ? 51  ASP A N   1 
ATOM   384  C  CA  . ASP A 1 52  ? -5.495  -14.342 11.617  1.00 26.15 ? 51  ASP A CA  1 
ATOM   385  C  C   . ASP A 1 52  ? -6.038  -14.038 13.011  1.00 24.87 ? 51  ASP A C   1 
ATOM   386  O  O   . ASP A 1 52  ? -7.137  -14.461 13.357  1.00 23.44 ? 51  ASP A O   1 
ATOM   387  C  CB  . ASP A 1 52  ? -5.345  -15.855 11.432  1.00 29.84 ? 51  ASP A CB  1 
ATOM   388  C  CG  . ASP A 1 52  ? -5.423  -16.271 9.971   1.00 33.67 ? 51  ASP A CG  1 
ATOM   389  O  OD1 . ASP A 1 52  ? -6.169  -15.616 9.203   1.00 34.73 ? 51  ASP A OD1 1 
ATOM   390  O  OD2 . ASP A 1 52  ? -4.761  -17.260 9.583   1.00 34.75 ? 51  ASP A OD2 1 
ATOM   391  N  N   . SER A 1 53  ? -5.280  -13.291 13.810  1.00 24.46 ? 52  SER A N   1 
ATOM   392  C  CA  . SER A 1 53  ? -5.739  -12.935 15.146  1.00 23.66 ? 52  SER A CA  1 
ATOM   393  C  C   . SER A 1 53  ? -6.955  -12.012 15.046  1.00 23.47 ? 52  SER A C   1 
ATOM   394  O  O   . SER A 1 53  ? -7.783  -11.961 15.964  1.00 23.00 ? 52  SER A O   1 
ATOM   395  C  CB  . SER A 1 53  ? -4.627  -12.232 15.925  1.00 24.67 ? 52  SER A CB  1 
ATOM   396  O  OG  . SER A 1 53  ? -4.245  -11.030 15.277  1.00 26.61 ? 52  SER A OG  1 
ATOM   397  N  N   . CYS A 1 54  ? -7.056  -11.270 13.941  1.00 21.31 ? 53  CYS A N   1 
ATOM   398  C  CA  . CYS A 1 54  ? -8.188  -10.371 13.731  1.00 21.47 ? 53  CYS A CA  1 
ATOM   399  C  C   . CYS A 1 54  ? -9.031  -10.834 12.542  1.00 22.42 ? 53  CYS A C   1 
ATOM   400  O  O   . CYS A 1 54  ? -8.826  -10.403 11.405  1.00 20.94 ? 53  CYS A O   1 
ATOM   401  C  CB  . CYS A 1 54  ? -7.709  -8.934  13.494  1.00 22.26 ? 53  CYS A CB  1 
ATOM   402  S  SG  . CYS A 1 54  ? -7.117  -8.080  14.970  1.00 22.85 ? 53  CYS A SG  1 
ATOM   403  N  N   . PRO A 1 55  ? -9.994  -11.730 12.790  1.00 23.20 ? 54  PRO A N   1 
ATOM   404  C  CA  . PRO A 1 55  ? -10.839 -12.222 11.699  1.00 23.83 ? 54  PRO A CA  1 
ATOM   405  C  C   . PRO A 1 55  ? -11.606 -11.138 10.943  1.00 24.07 ? 54  PRO A C   1 
ATOM   406  O  O   . PRO A 1 55  ? -12.055 -11.362 9.822   1.00 26.14 ? 54  PRO A O   1 
ATOM   407  C  CB  . PRO A 1 55  ? -11.762 -13.218 12.399  1.00 24.19 ? 54  PRO A CB  1 
ATOM   408  C  CG  . PRO A 1 55  ? -11.817 -12.712 13.800  1.00 24.54 ? 54  PRO A CG  1 
ATOM   409  C  CD  . PRO A 1 55  ? -10.393 -12.327 14.072  1.00 22.66 ? 54  PRO A CD  1 
ATOM   410  N  N   . GLY A 1 56  ? -11.746 -9.967  11.552  1.00 23.81 ? 55  GLY A N   1 
ATOM   411  C  CA  . GLY A 1 56  ? -12.469 -8.883  10.910  1.00 22.51 ? 55  GLY A CA  1 
ATOM   412  C  C   . GLY A 1 56  ? -11.686 -8.107  9.860   1.00 23.79 ? 55  GLY A C   1 
ATOM   413  O  O   . GLY A 1 56  ? -12.270 -7.335  9.098   1.00 22.94 ? 55  GLY A O   1 
ATOM   414  N  N   . LEU A 1 57  ? -10.368 -8.296  9.823   1.00 23.52 ? 56  LEU A N   1 
ATOM   415  C  CA  . LEU A 1 57  ? -9.523  -7.603  8.851   1.00 24.75 ? 56  LEU A CA  1 
ATOM   416  C  C   . LEU A 1 57  ? -9.364  -8.513  7.631   1.00 23.22 ? 56  LEU A C   1 
ATOM   417  O  O   . LEU A 1 57  ? -9.028  -9.681  7.780   1.00 24.39 ? 56  LEU A O   1 
ATOM   418  C  CB  . LEU A 1 57  ? -8.137  -7.320  9.455   1.00 26.06 ? 56  LEU A CB  1 
ATOM   419  C  CG  . LEU A 1 57  ? -7.283  -6.171  8.891   1.00 27.44 ? 56  LEU A CG  1 
ATOM   420  C  CD1 . LEU A 1 57  ? -5.825  -6.439  9.226   1.00 28.18 ? 56  LEU A CD1 1 
ATOM   421  C  CD2 . LEU A 1 57  ? -7.439  -6.048  7.401   1.00 29.10 ? 56  LEU A CD2 1 
ATOM   422  N  N   . THR A 1 58  ? -9.614  -7.989  6.434   1.00 22.68 ? 57  THR A N   1 
ATOM   423  C  CA  . THR A 1 58  ? -9.478  -8.800  5.220   1.00 21.13 ? 57  THR A CA  1 
ATOM   424  C  C   . THR A 1 58  ? -8.076  -8.672  4.633   1.00 21.46 ? 57  THR A C   1 
ATOM   425  O  O   . THR A 1 58  ? -7.634  -7.573  4.318   1.00 20.41 ? 57  THR A O   1 
ATOM   426  C  CB  . THR A 1 58  ? -10.492 -8.384  4.139   1.00 22.26 ? 57  THR A CB  1 
ATOM   427  O  OG1 . THR A 1 58  ? -11.823 -8.618  4.611   1.00 21.01 ? 57  THR A OG1 1 
ATOM   428  C  CG2 . THR A 1 58  ? -10.272 -9.187  2.863   1.00 21.63 ? 57  THR A CG2 1 
ATOM   429  N  N   . LEU A 1 59  ? -7.388  -9.802  4.483   1.00 20.31 ? 58  LEU A N   1 
ATOM   430  C  CA  . LEU A 1 59  ? -6.036  -9.816  3.933   1.00 22.22 ? 58  LEU A CA  1 
ATOM   431  C  C   . LEU A 1 59  ? -6.089  -10.060 2.423   1.00 21.66 ? 58  LEU A C   1 
ATOM   432  O  O   . LEU A 1 59  ? -6.733  -10.999 1.958   1.00 23.29 ? 58  LEU A O   1 
ATOM   433  C  CB  . LEU A 1 59  ? -5.206  -10.923 4.600   1.00 23.13 ? 58  LEU A CB  1 
ATOM   434  C  CG  . LEU A 1 59  ? -3.695  -10.982 4.337   1.00 26.03 ? 58  LEU A CG  1 
ATOM   435  C  CD1 . LEU A 1 59  ? -3.011  -9.801  5.013   1.00 24.68 ? 58  LEU A CD1 1 
ATOM   436  C  CD2 . LEU A 1 59  ? -3.125  -12.305 4.870   1.00 27.49 ? 58  LEU A CD2 1 
ATOM   437  N  N   . HIS A 1 60  ? -5.420  -9.201  1.662   1.00 20.18 ? 59  HIS A N   1 
ATOM   438  C  CA  . HIS A 1 60  ? -5.364  -9.329  0.208   1.00 19.16 ? 59  HIS A CA  1 
ATOM   439  C  C   . HIS A 1 60  ? -3.912  -9.580  -0.177  1.00 18.57 ? 59  HIS A C   1 
ATOM   440  O  O   . HIS A 1 60  ? -3.100  -8.657  -0.190  1.00 19.26 ? 59  HIS A O   1 
ATOM   441  C  CB  . HIS A 1 60  ? -5.848  -8.044  -0.468  1.00 17.96 ? 59  HIS A CB  1 
ATOM   442  C  CG  . HIS A 1 60  ? -7.285  -7.710  -0.195  1.00 18.55 ? 59  HIS A CG  1 
ATOM   443  N  ND1 . HIS A 1 60  ? -8.332  -8.266  -0.902  1.00 19.36 ? 59  HIS A ND1 1 
ATOM   444  C  CD2 . HIS A 1 60  ? -7.844  -6.852  0.689   1.00 17.86 ? 59  HIS A CD2 1 
ATOM   445  C  CE1 . HIS A 1 60  ? -9.472  -7.761  -0.466  1.00 20.66 ? 59  HIS A CE1 1 
ATOM   446  N  NE2 . HIS A 1 60  ? -9.204  -6.900  0.501   1.00 21.30 ? 59  HIS A NE2 1 
ATOM   447  N  N   . ARG A 1 61  ? -3.587  -10.829 -0.493  1.00 18.77 ? 60  ARG A N   1 
ATOM   448  C  CA  . ARG A 1 61  ? -2.224  -11.192 -0.868  1.00 18.99 ? 60  ARG A CA  1 
ATOM   449  C  C   . ARG A 1 61  ? -1.874  -10.869 -2.320  1.00 18.66 ? 60  ARG A C   1 
ATOM   450  O  O   . ARG A 1 61  ? -2.430  -11.451 -3.245  1.00 19.38 ? 60  ARG A O   1 
ATOM   451  C  CB  . ARG A 1 61  ? -1.977  -12.693 -0.617  1.00 19.36 ? 60  ARG A CB  1 
ATOM   452  C  CG  . ARG A 1 61  ? -1.950  -13.113 0.854   1.00 19.48 ? 60  ARG A CG  1 
ATOM   453  C  CD  . ARG A 1 61  ? -0.795  -12.479 1.649   1.00 21.91 ? 60  ARG A CD  1 
ATOM   454  N  NE  . ARG A 1 61  ? 0.497   -13.159 1.504   1.00 20.42 ? 60  ARG A NE  1 
ATOM   455  C  CZ  . ARG A 1 61  ? 1.207   -13.210 0.380   1.00 25.26 ? 60  ARG A CZ  1 
ATOM   456  N  NH1 . ARG A 1 61  ? 0.753   -12.628 -0.724  1.00 28.80 ? 60  ARG A NH1 1 
ATOM   457  N  NH2 . ARG A 1 61  ? 2.402   -13.795 0.369   1.00 23.68 ? 60  ARG A NH2 1 
ATOM   458  N  N   . LEU A 1 62  ? -0.943  -9.937  -2.506  1.00 17.91 ? 61  LEU A N   1 
ATOM   459  C  CA  . LEU A 1 62  ? -0.469  -9.550  -3.835  1.00 16.42 ? 61  LEU A CA  1 
ATOM   460  C  C   . LEU A 1 62  ? 1.049   -9.668  -3.748  1.00 16.85 ? 61  LEU A C   1 
ATOM   461  O  O   . LEU A 1 62  ? 1.765   -8.668  -3.676  1.00 13.93 ? 61  LEU A O   1 
ATOM   462  C  CB  . LEU A 1 62  ? -0.872  -8.106  -4.160  1.00 19.51 ? 61  LEU A CB  1 
ATOM   463  C  CG  . LEU A 1 62  ? -2.026  -7.863  -5.140  1.00 21.74 ? 61  LEU A CG  1 
ATOM   464  C  CD1 . LEU A 1 62  ? -3.224  -8.692  -4.744  1.00 23.88 ? 61  LEU A CD1 1 
ATOM   465  C  CD2 . LEU A 1 62  ? -2.375  -6.381  -5.162  1.00 21.55 ? 61  LEU A CD2 1 
ATOM   466  N  N   . ARG A 1 63  ? 1.524   -10.910 -3.738  1.00 16.62 ? 62  ARG A N   1 
ATOM   467  C  CA  . ARG A 1 63  ? 2.945   -11.200 -3.612  1.00 17.31 ? 62  ARG A CA  1 
ATOM   468  C  C   . ARG A 1 63  ? 3.836   -10.648 -4.709  1.00 16.19 ? 62  ARG A C   1 
ATOM   469  O  O   . ARG A 1 63  ? 3.627   -10.891 -5.898  1.00 16.53 ? 62  ARG A O   1 
ATOM   470  C  CB  . ARG A 1 63  ? 3.164   -12.713 -3.501  1.00 17.65 ? 62  ARG A CB  1 
ATOM   471  C  CG  . ARG A 1 63  ? 4.616   -13.117 -3.406  1.00 18.41 ? 62  ARG A CG  1 
ATOM   472  C  CD  . ARG A 1 63  ? 4.785   -14.629 -3.345  1.00 22.13 ? 62  ARG A CD  1 
ATOM   473  N  NE  . ARG A 1 63  ? 6.195   -15.007 -3.341  1.00 22.57 ? 62  ARG A NE  1 
ATOM   474  C  CZ  . ARG A 1 63  ? 6.991   -14.957 -4.407  1.00 24.26 ? 62  ARG A CZ  1 
ATOM   475  N  NH1 . ARG A 1 63  ? 6.524   -14.554 -5.580  1.00 22.99 ? 62  ARG A NH1 1 
ATOM   476  N  NH2 . ARG A 1 63  ? 8.268   -15.295 -4.290  1.00 26.81 ? 62  ARG A NH2 1 
ATOM   477  N  N   . ILE A 1 64  ? 4.841   -9.895  -4.286  1.00 16.16 ? 63  ILE A N   1 
ATOM   478  C  CA  . ILE A 1 64  ? 5.810   -9.321  -5.200  1.00 17.69 ? 63  ILE A CA  1 
ATOM   479  C  C   . ILE A 1 64  ? 7.175   -9.642  -4.605  1.00 17.39 ? 63  ILE A C   1 
ATOM   480  O  O   . ILE A 1 64  ? 7.449   -9.328  -3.449  1.00 16.82 ? 63  ILE A O   1 
ATOM   481  C  CB  . ILE A 1 64  ? 5.604   -7.796  -5.356  1.00 19.35 ? 63  ILE A CB  1 
ATOM   482  C  CG1 . ILE A 1 64  ? 6.784   -7.181  -6.109  1.00 20.68 ? 63  ILE A CG1 1 
ATOM   483  C  CG2 . ILE A 1 64  ? 5.420   -7.155  -4.010  1.00 22.81 ? 63  ILE A CG2 1 
ATOM   484  C  CD1 . ILE A 1 64  ? 6.667   -5.689  -6.289  1.00 24.24 ? 63  ILE A CD1 1 
ATOM   485  N  N   . PRO A 1 65  ? 8.038   -10.311 -5.383  1.00 18.54 ? 64  PRO A N   1 
ATOM   486  C  CA  . PRO A 1 65  ? 9.385   -10.699 -4.958  1.00 18.60 ? 64  PRO A CA  1 
ATOM   487  C  C   . PRO A 1 65  ? 10.161  -9.540  -4.344  1.00 19.29 ? 64  PRO A C   1 
ATOM   488  O  O   . PRO A 1 65  ? 10.041  -8.401  -4.801  1.00 19.20 ? 64  PRO A O   1 
ATOM   489  C  CB  . PRO A 1 65  ? 10.026  -11.178 -6.255  1.00 19.66 ? 64  PRO A CB  1 
ATOM   490  C  CG  . PRO A 1 65  ? 8.867   -11.746 -7.002  1.00 21.51 ? 64  PRO A CG  1 
ATOM   491  C  CD  . PRO A 1 65  ? 7.797   -10.709 -6.781  1.00 18.49 ? 64  PRO A CD  1 
ATOM   492  N  N   . ASP A 1 66  ? 10.950  -9.830  -3.313  1.00 19.17 ? 65  ASP A N   1 
ATOM   493  C  CA  . ASP A 1 66  ? 11.752  -8.792  -2.678  1.00 19.43 ? 65  ASP A CA  1 
ATOM   494  C  C   . ASP A 1 66  ? 12.622  -8.120  -3.722  1.00 18.42 ? 65  ASP A C   1 
ATOM   495  O  O   . ASP A 1 66  ? 13.137  -8.774  -4.623  1.00 16.03 ? 65  ASP A O   1 
ATOM   496  C  CB  . ASP A 1 66  ? 12.686  -9.376  -1.615  1.00 19.99 ? 65  ASP A CB  1 
ATOM   497  C  CG  . ASP A 1 66  ? 11.967  -9.772  -0.344  1.00 23.22 ? 65  ASP A CG  1 
ATOM   498  O  OD1 . ASP A 1 66  ? 11.191  -8.954  0.194   1.00 23.00 ? 65  ASP A OD1 1 
ATOM   499  O  OD2 . ASP A 1 66  ? 12.202  -10.900 0.136   1.00 25.41 ? 65  ASP A OD2 1 
ATOM   500  N  N   . PHE A 1 67  ? 12.779  -6.807  -3.597  1.00 17.89 ? 66  PHE A N   1 
ATOM   501  C  CA  . PHE A 1 67  ? 13.639  -6.042  -4.491  1.00 19.16 ? 66  PHE A CA  1 
ATOM   502  C  C   . PHE A 1 67  ? 13.242  -6.040  -5.966  1.00 19.57 ? 66  PHE A C   1 
ATOM   503  O  O   . PHE A 1 67  ? 14.089  -5.851  -6.837  1.00 20.69 ? 66  PHE A O   1 
ATOM   504  C  CB  . PHE A 1 67  ? 15.080  -6.548  -4.329  1.00 18.90 ? 66  PHE A CB  1 
ATOM   505  C  CG  . PHE A 1 67  ? 15.410  -6.966  -2.921  1.00 16.85 ? 66  PHE A CG  1 
ATOM   506  C  CD1 . PHE A 1 67  ? 15.240  -6.082  -1.862  1.00 18.30 ? 66  PHE A CD1 1 
ATOM   507  C  CD2 . PHE A 1 67  ? 15.845  -8.263  -2.645  1.00 17.19 ? 66  PHE A CD2 1 
ATOM   508  C  CE1 . PHE A 1 67  ? 15.497  -6.485  -0.544  1.00 18.40 ? 66  PHE A CE1 1 
ATOM   509  C  CE2 . PHE A 1 67  ? 16.101  -8.672  -1.334  1.00 15.24 ? 66  PHE A CE2 1 
ATOM   510  C  CZ  . PHE A 1 67  ? 15.926  -7.783  -0.284  1.00 17.83 ? 66  PHE A CZ  1 
ATOM   511  N  N   . CYS A 1 68  ? 11.957  -6.250  -6.241  1.00 19.05 ? 67  CYS A N   1 
ATOM   512  C  CA  . CYS A 1 68  ? 11.443  -6.237  -7.609  1.00 18.12 ? 67  CYS A CA  1 
ATOM   513  C  C   . CYS A 1 68  ? 10.221  -5.330  -7.634  1.00 17.93 ? 67  CYS A C   1 
ATOM   514  O  O   . CYS A 1 68  ? 9.621   -5.067  -6.596  1.00 15.98 ? 67  CYS A O   1 
ATOM   515  C  CB  . CYS A 1 68  ? 11.021  -7.641  -8.049  1.00 19.67 ? 67  CYS A CB  1 
ATOM   516  S  SG  . CYS A 1 68  ? 12.341  -8.850  -7.981  1.00 22.57 ? 67  CYS A SG  1 
ATOM   517  N  N   . PRO A 1 69  ? 9.840   -4.836  -8.823  1.00 19.01 ? 68  PRO A N   1 
ATOM   518  C  CA  . PRO A 1 69  ? 8.675   -3.957  -8.961  1.00 18.63 ? 68  PRO A CA  1 
ATOM   519  C  C   . PRO A 1 69  ? 7.392   -4.763  -9.169  1.00 18.82 ? 68  PRO A C   1 
ATOM   520  O  O   . PRO A 1 69  ? 7.433   -5.942  -9.530  1.00 17.10 ? 68  PRO A O   1 
ATOM   521  C  CB  . PRO A 1 69  ? 9.024   -3.128  -10.190 1.00 19.49 ? 68  PRO A CB  1 
ATOM   522  C  CG  . PRO A 1 69  ? 9.690   -4.142  -11.066 1.00 19.69 ? 68  PRO A CG  1 
ATOM   523  C  CD  . PRO A 1 69  ? 10.593  -4.900  -10.091 1.00 19.04 ? 68  PRO A CD  1 
ATOM   524  N  N   . PRO A 1 70  ? 6.233   -4.129  -8.949  1.00 18.29 ? 69  PRO A N   1 
ATOM   525  C  CA  . PRO A 1 70  ? 4.936   -4.792  -9.117  1.00 19.75 ? 69  PRO A CA  1 
ATOM   526  C  C   . PRO A 1 70  ? 4.662   -5.021  -10.598 1.00 18.92 ? 69  PRO A C   1 
ATOM   527  O  O   . PRO A 1 70  ? 5.085   -4.224  -11.435 1.00 19.03 ? 69  PRO A O   1 
ATOM   528  C  CB  . PRO A 1 70  ? 3.938   -3.783  -8.529  1.00 20.02 ? 69  PRO A CB  1 
ATOM   529  C  CG  . PRO A 1 70  ? 4.789   -2.802  -7.753  1.00 22.65 ? 69  PRO A CG  1 
ATOM   530  C  CD  . PRO A 1 70  ? 6.058   -2.728  -8.540  1.00 19.51 ? 69  PRO A CD  1 
ATOM   531  N  N   . ALA A 1 71  ? 3.958   -6.100  -10.924 1.00 17.94 ? 70  ALA A N   1 
ATOM   532  C  CA  . ALA A 1 71  ? 3.621   -6.372  -12.317 1.00 18.50 ? 70  ALA A CA  1 
ATOM   533  C  C   . ALA A 1 71  ? 2.380   -5.538  -12.644 1.00 17.79 ? 70  ALA A C   1 
ATOM   534  O  O   . ALA A 1 71  ? 1.565   -5.257  -11.763 1.00 17.42 ? 70  ALA A O   1 
ATOM   535  C  CB  . ALA A 1 71  ? 3.330   -7.851  -12.508 1.00 19.26 ? 70  ALA A CB  1 
ATOM   536  N  N   . PRO A 1 72  ? 2.227   -5.125  -13.911 1.00 16.85 ? 71  PRO A N   1 
ATOM   537  C  CA  . PRO A 1 72  ? 1.078   -4.318  -14.342 1.00 17.06 ? 71  PRO A CA  1 
ATOM   538  C  C   . PRO A 1 72  ? -0.284  -4.789  -13.814 1.00 16.75 ? 71  PRO A C   1 
ATOM   539  O  O   . PRO A 1 72  ? -1.040  -3.989  -13.259 1.00 14.33 ? 71  PRO A O   1 
ATOM   540  C  CB  . PRO A 1 72  ? 1.178   -4.377  -15.864 1.00 17.40 ? 71  PRO A CB  1 
ATOM   541  C  CG  . PRO A 1 72  ? 2.671   -4.355  -16.076 1.00 18.32 ? 71  PRO A CG  1 
ATOM   542  C  CD  . PRO A 1 72  ? 3.161   -5.349  -15.032 1.00 17.14 ? 71  PRO A CD  1 
ATOM   543  N  N   . ASP A 1 73  ? -0.593  -6.076  -13.978 1.00 16.31 ? 72  ASP A N   1 
ATOM   544  C  CA  . ASP A 1 73  ? -1.864  -6.619  -13.503 1.00 16.69 ? 72  ASP A CA  1 
ATOM   545  C  C   . ASP A 1 73  ? -2.028  -6.489  -11.990 1.00 15.71 ? 72  ASP A C   1 
ATOM   546  O  O   . ASP A 1 73  ? -3.140  -6.324  -11.498 1.00 15.30 ? 72  ASP A O   1 
ATOM   547  C  CB  . ASP A 1 73  ? -2.023  -8.095  -13.900 1.00 19.12 ? 72  ASP A CB  1 
ATOM   548  C  CG  . ASP A 1 73  ? -2.379  -8.275  -15.378 1.00 24.49 ? 72  ASP A CG  1 
ATOM   549  O  OD1 . ASP A 1 73  ? -2.861  -7.297  -16.003 1.00 24.75 ? 72  ASP A OD1 1 
ATOM   550  O  OD2 . ASP A 1 73  ? -2.195  -9.399  -15.909 1.00 24.71 ? 72  ASP A OD2 1 
ATOM   551  N  N   . GLN A 1 74  ? -0.920  -6.569  -11.254 1.00 15.84 ? 73  GLN A N   1 
ATOM   552  C  CA  . GLN A 1 74  ? -0.968  -6.448  -9.798  1.00 14.65 ? 73  GLN A CA  1 
ATOM   553  C  C   . GLN A 1 74  ? -1.392  -5.043  -9.380  1.00 13.97 ? 73  GLN A C   1 
ATOM   554  O  O   . GLN A 1 74  ? -2.201  -4.872  -8.463  1.00 12.67 ? 73  GLN A O   1 
ATOM   555  C  CB  . GLN A 1 74  ? 0.398   -6.773  -9.184  1.00 14.63 ? 73  GLN A CB  1 
ATOM   556  C  CG  . GLN A 1 74  ? 0.773   -8.247  -9.273  1.00 15.31 ? 73  GLN A CG  1 
ATOM   557  C  CD  . GLN A 1 74  ? 2.054   -8.575  -8.534  1.00 16.31 ? 73  GLN A CD  1 
ATOM   558  O  OE1 . GLN A 1 74  ? 3.115   -8.025  -8.831  1.00 14.72 ? 73  GLN A OE1 1 
ATOM   559  N  NE2 . GLN A 1 74  ? 1.962   -9.478  -7.559  1.00 16.38 ? 73  GLN A NE2 1 
ATOM   560  N  N   . ILE A 1 75  ? -0.840  -4.037  -10.053 1.00 14.01 ? 74  ILE A N   1 
ATOM   561  C  CA  . ILE A 1 75  ? -1.179  -2.656  -9.737  1.00 13.35 ? 74  ILE A CA  1 
ATOM   562  C  C   . ILE A 1 75  ? -2.669  -2.451  -10.013 1.00 13.22 ? 74  ILE A C   1 
ATOM   563  O  O   . ILE A 1 75  ? -3.372  -1.840  -9.217  1.00 12.64 ? 74  ILE A O   1 
ATOM   564  C  CB  . ILE A 1 75  ? -0.358  -1.654  -10.581 1.00 12.47 ? 74  ILE A CB  1 
ATOM   565  C  CG1 . ILE A 1 75  ? 1.144   -1.885  -10.368 1.00 12.89 ? 74  ILE A CG1 1 
ATOM   566  C  CG2 . ILE A 1 75  ? -0.707  -0.229  -10.169 1.00 13.09 ? 74  ILE A CG2 1 
ATOM   567  C  CD1 . ILE A 1 75  ? 2.037   -1.071  -11.310 1.00 14.11 ? 74  ILE A CD1 1 
ATOM   568  N  N   . ASP A 1 76  ? -3.157  -2.964  -11.139 1.00 14.81 ? 75  ASP A N   1 
ATOM   569  C  CA  . ASP A 1 76  ? -4.574  -2.815  -11.449 1.00 13.75 ? 75  ASP A CA  1 
ATOM   570  C  C   . ASP A 1 76  ? -5.426  -3.458  -10.360 1.00 13.59 ? 75  ASP A C   1 
ATOM   571  O  O   . ASP A 1 76  ? -6.480  -2.929  -9.990  1.00 13.63 ? 75  ASP A O   1 
ATOM   572  C  CB  . ASP A 1 76  ? -4.922  -3.447  -12.799 1.00 16.00 ? 75  ASP A CB  1 
ATOM   573  C  CG  . ASP A 1 76  ? -4.525  -2.572  -13.978 1.00 17.62 ? 75  ASP A CG  1 
ATOM   574  O  OD1 . ASP A 1 76  ? -4.333  -1.348  -13.789 1.00 19.05 ? 75  ASP A OD1 1 
ATOM   575  O  OD2 . ASP A 1 76  ? -4.425  -3.111  -15.097 1.00 18.57 ? 75  ASP A OD2 1 
ATOM   576  N  N   . ARG A 1 77  ? -4.976  -4.599  -9.852  1.00 11.48 ? 76  ARG A N   1 
ATOM   577  C  CA  . ARG A 1 77  ? -5.713  -5.300  -8.803  1.00 13.62 ? 76  ARG A CA  1 
ATOM   578  C  C   . ARG A 1 77  ? -5.680  -4.464  -7.517  1.00 12.63 ? 76  ARG A C   1 
ATOM   579  O  O   . ARG A 1 77  ? -6.699  -4.284  -6.849  1.00 12.14 ? 76  ARG A O   1 
ATOM   580  C  CB  . ARG A 1 77  ? -5.103  -6.695  -8.580  1.00 15.42 ? 76  ARG A CB  1 
ATOM   581  C  CG  . ARG A 1 77  ? -5.811  -7.553  -7.537  1.00 19.42 ? 76  ARG A CG  1 
ATOM   582  C  CD  . ARG A 1 77  ? -7.296  -7.721  -7.824  1.00 22.33 ? 76  ARG A CD  1 
ATOM   583  N  NE  . ARG A 1 77  ? -7.967  -8.398  -6.719  1.00 23.45 ? 76  ARG A NE  1 
ATOM   584  C  CZ  . ARG A 1 77  ? -9.236  -8.198  -6.384  1.00 25.66 ? 76  ARG A CZ  1 
ATOM   585  N  NH1 . ARG A 1 77  ? -9.977  -7.338  -7.074  1.00 28.34 ? 76  ARG A NH1 1 
ATOM   586  N  NH2 . ARG A 1 77  ? -9.760  -8.839  -5.344  1.00 28.05 ? 76  ARG A NH2 1 
ATOM   587  N  N   . PHE A 1 78  ? -4.505  -3.941  -7.184  1.00 13.31 ? 77  PHE A N   1 
ATOM   588  C  CA  . PHE A 1 78  ? -4.363  -3.100  -6.000  1.00 13.88 ? 77  PHE A CA  1 
ATOM   589  C  C   . PHE A 1 78  ? -5.397  -1.969  -6.066  1.00 14.35 ? 77  PHE A C   1 
ATOM   590  O  O   . PHE A 1 78  ? -6.181  -1.770  -5.137  1.00 12.91 ? 77  PHE A O   1 
ATOM   591  C  CB  . PHE A 1 78  ? -2.950  -2.504  -5.950  1.00 15.21 ? 77  PHE A CB  1 
ATOM   592  C  CG  . PHE A 1 78  ? -2.795  -1.408  -4.939  1.00 14.61 ? 77  PHE A CG  1 
ATOM   593  C  CD1 . PHE A 1 78  ? -2.951  -1.671  -3.578  1.00 16.05 ? 77  PHE A CD1 1 
ATOM   594  C  CD2 . PHE A 1 78  ? -2.545  -0.103  -5.348  1.00 15.13 ? 77  PHE A CD2 1 
ATOM   595  C  CE1 . PHE A 1 78  ? -2.859  -0.638  -2.636  1.00 18.91 ? 77  PHE A CE1 1 
ATOM   596  C  CE2 . PHE A 1 78  ? -2.454  0.934   -4.414  1.00 15.05 ? 77  PHE A CE2 1 
ATOM   597  C  CZ  . PHE A 1 78  ? -2.612  0.663   -3.059  1.00 15.68 ? 77  PHE A CZ  1 
ATOM   598  N  N   . VAL A 1 79  ? -5.389  -1.232  -7.175  1.00 13.65 ? 78  VAL A N   1 
ATOM   599  C  CA  . VAL A 1 79  ? -6.317  -0.126  -7.381  1.00 15.07 ? 78  VAL A CA  1 
ATOM   600  C  C   . VAL A 1 79  ? -7.768  -0.558  -7.190  1.00 15.34 ? 78  VAL A C   1 
ATOM   601  O  O   . VAL A 1 79  ? -8.550  0.128   -6.536  1.00 15.35 ? 78  VAL A O   1 
ATOM   602  C  CB  . VAL A 1 79  ? -6.156  0.475   -8.798  1.00 13.60 ? 78  VAL A CB  1 
ATOM   603  C  CG1 . VAL A 1 79  ? -7.278  1.460   -9.081  1.00 13.73 ? 78  VAL A CG1 1 
ATOM   604  C  CG2 . VAL A 1 79  ? -4.815  1.170   -8.912  1.00 13.56 ? 78  VAL A CG2 1 
ATOM   605  N  N   . GLN A 1 80  ? -8.117  -1.699  -7.767  1.00 16.15 ? 79  GLN A N   1 
ATOM   606  C  CA  . GLN A 1 80  ? -9.469  -2.239  -7.677  1.00 17.83 ? 79  GLN A CA  1 
ATOM   607  C  C   . GLN A 1 80  ? -9.838  -2.473  -6.210  1.00 16.76 ? 79  GLN A C   1 
ATOM   608  O  O   . GLN A 1 80  ? -10.939 -2.147  -5.768  1.00 16.39 ? 79  GLN A O   1 
ATOM   609  C  CB  . GLN A 1 80  ? -9.532  -3.560  -8.446  1.00 20.91 ? 79  GLN A CB  1 
ATOM   610  C  CG  . GLN A 1 80  ? -10.834 -3.824  -9.189  1.00 27.17 ? 79  GLN A CG  1 
ATOM   611  C  CD  . GLN A 1 80  ? -10.770 -5.114  -9.992  1.00 30.93 ? 79  GLN A CD  1 
ATOM   612  O  OE1 . GLN A 1 80  ? -10.749 -6.211  -9.422  1.00 31.82 ? 79  GLN A OE1 1 
ATOM   613  N  NE2 . GLN A 1 80  ? -10.712 -4.991  -11.327 1.00 31.79 ? 79  GLN A NE2 1 
ATOM   614  N  N   . ILE A 1 81  ? -8.900  -3.040  -5.463  1.00 14.92 ? 80  ILE A N   1 
ATOM   615  C  CA  . ILE A 1 81  ? -9.119  -3.331  -4.053  1.00 13.53 ? 80  ILE A CA  1 
ATOM   616  C  C   . ILE A 1 81  ? -9.380  -2.063  -3.238  1.00 14.09 ? 80  ILE A C   1 
ATOM   617  O  O   . ILE A 1 81  ? -10.286 -2.024  -2.405  1.00 13.69 ? 80  ILE A O   1 
ATOM   618  C  CB  . ILE A 1 81  ? -7.909  -4.087  -3.454  1.00 12.26 ? 80  ILE A CB  1 
ATOM   619  C  CG1 . ILE A 1 81  ? -7.793  -5.474  -4.099  1.00 12.17 ? 80  ILE A CG1 1 
ATOM   620  C  CG2 . ILE A 1 81  ? -8.070  -4.216  -1.941  1.00 10.90 ? 80  ILE A CG2 1 
ATOM   621  C  CD1 . ILE A 1 81  ? -6.530  -6.224  -3.732  1.00 12.88 ? 80  ILE A CD1 1 
ATOM   622  N  N   . VAL A 1 82  ? -8.583  -1.029  -3.474  1.00 13.47 ? 81  VAL A N   1 
ATOM   623  C  CA  . VAL A 1 82  ? -8.751  0.217   -2.747  1.00 13.58 ? 81  VAL A CA  1 
ATOM   624  C  C   . VAL A 1 82  ? -10.078 0.884   -3.108  1.00 14.04 ? 81  VAL A C   1 
ATOM   625  O  O   . VAL A 1 82  ? -10.787 1.379   -2.230  1.00 13.05 ? 81  VAL A O   1 
ATOM   626  C  CB  . VAL A 1 82  ? -7.576  1.171   -3.026  1.00 13.56 ? 81  VAL A CB  1 
ATOM   627  C  CG1 . VAL A 1 82  ? -7.764  2.472   -2.254  1.00 13.95 ? 81  VAL A CG1 1 
ATOM   628  C  CG2 . VAL A 1 82  ? -6.268  0.499   -2.600  1.00 13.07 ? 81  VAL A CG2 1 
ATOM   629  N  N   . ASP A 1 83  ? -10.415 0.884   -4.396  1.00 15.11 ? 82  ASP A N   1 
ATOM   630  C  CA  . ASP A 1 83  ? -11.671 1.472   -4.860  1.00 16.73 ? 82  ASP A CA  1 
ATOM   631  C  C   . ASP A 1 83  ? -12.888 0.792   -4.233  1.00 17.54 ? 82  ASP A C   1 
ATOM   632  O  O   . ASP A 1 83  ? -13.822 1.465   -3.806  1.00 17.42 ? 82  ASP A O   1 
ATOM   633  C  CB  . ASP A 1 83  ? -11.806 1.366   -6.383  1.00 17.19 ? 82  ASP A CB  1 
ATOM   634  C  CG  . ASP A 1 83  ? -10.903 2.326   -7.129  1.00 19.84 ? 82  ASP A CG  1 
ATOM   635  O  OD1 . ASP A 1 83  ? -10.509 3.367   -6.560  1.00 20.96 ? 82  ASP A OD1 1 
ATOM   636  O  OD2 . ASP A 1 83  ? -10.605 2.046   -8.309  1.00 21.31 ? 82  ASP A OD2 1 
ATOM   637  N  N   . GLU A 1 84  ? -12.881 -0.539  -4.200  1.00 17.63 ? 83  GLU A N   1 
ATOM   638  C  CA  . GLU A 1 84  ? -13.998 -1.303  -3.641  1.00 18.59 ? 83  GLU A CA  1 
ATOM   639  C  C   . GLU A 1 84  ? -14.115 -1.140  -2.131  1.00 17.19 ? 83  GLU A C   1 
ATOM   640  O  O   . GLU A 1 84  ? -15.218 -1.060  -1.595  1.00 17.86 ? 83  GLU A O   1 
ATOM   641  C  CB  . GLU A 1 84  ? -13.853 -2.791  -3.987  1.00 21.32 ? 83  GLU A CB  1 
ATOM   642  C  CG  . GLU A 1 84  ? -12.475 -3.370  -3.654  1.00 29.00 ? 83  GLU A CG  1 
ATOM   643  C  CD  . GLU A 1 84  ? -12.495 -4.488  -2.608  1.00 34.03 ? 83  GLU A CD  1 
ATOM   644  O  OE1 . GLU A 1 84  ? -13.098 -5.554  -2.885  1.00 36.12 ? 83  GLU A OE1 1 
ATOM   645  O  OE2 . GLU A 1 84  ? -11.896 -4.313  -1.514  1.00 32.32 ? 83  GLU A OE2 1 
ATOM   646  N  N   . ALA A 1 85  ? -12.977 -1.100  -1.446  1.00 16.03 ? 84  ALA A N   1 
ATOM   647  C  CA  . ALA A 1 85  ? -12.975 -0.940  0.003   1.00 15.49 ? 84  ALA A CA  1 
ATOM   648  C  C   . ALA A 1 85  ? -13.520 0.435   0.379   1.00 15.55 ? 84  ALA A C   1 
ATOM   649  O  O   . ALA A 1 85  ? -14.395 0.549   1.248   1.00 15.17 ? 84  ALA A O   1 
ATOM   650  C  CB  . ALA A 1 85  ? -11.560 -1.114  0.546   1.00 13.46 ? 84  ALA A CB  1 
ATOM   651  N  N   . ASN A 1 86  ? -13.001 1.473   -0.272  1.00 15.69 ? 85  ASN A N   1 
ATOM   652  C  CA  . ASN A 1 86  ? -13.439 2.837   -0.006  1.00 16.57 ? 85  ASN A CA  1 
ATOM   653  C  C   . ASN A 1 86  ? -14.905 3.022   -0.404  1.00 18.46 ? 85  ASN A C   1 
ATOM   654  O  O   . ASN A 1 86  ? -15.599 3.880   0.146   1.00 18.02 ? 85  ASN A O   1 
ATOM   655  C  CB  . ASN A 1 86  ? -12.558 3.845   -0.751  1.00 17.46 ? 85  ASN A CB  1 
ATOM   656  C  CG  . ASN A 1 86  ? -11.136 3.922   -0.189  1.00 18.56 ? 85  ASN A CG  1 
ATOM   657  O  OD1 . ASN A 1 86  ? -10.827 3.352   0.866   1.00 18.84 ? 85  ASN A OD1 1 
ATOM   658  N  ND2 . ASN A 1 86  ? -10.268 4.637   -0.891  1.00 14.81 ? 85  ASN A ND2 1 
ATOM   659  N  N   . ALA A 1 87  ? -15.369 2.213   -1.358  1.00 19.76 ? 86  ALA A N   1 
ATOM   660  C  CA  . ALA A 1 87  ? -16.764 2.268   -1.808  1.00 19.76 ? 86  ALA A CA  1 
ATOM   661  C  C   . ALA A 1 87  ? -17.665 1.837   -0.652  1.00 19.75 ? 86  ALA A C   1 
ATOM   662  O  O   . ALA A 1 87  ? -18.823 2.258   -0.558  1.00 17.65 ? 86  ALA A O   1 
ATOM   663  C  CB  . ALA A 1 87  ? -16.974 1.332   -2.996  1.00 20.66 ? 86  ALA A CB  1 
ATOM   664  N  N   . ARG A 1 88  ? -17.117 0.987   0.217   1.00 18.91 ? 87  ARG A N   1 
ATOM   665  C  CA  . ARG A 1 88  ? -17.833 0.473   1.378   1.00 20.04 ? 87  ARG A CA  1 
ATOM   666  C  C   . ARG A 1 88  ? -17.569 1.312   2.620   1.00 19.60 ? 87  ARG A C   1 
ATOM   667  O  O   . ARG A 1 88  ? -17.959 0.933   3.722   1.00 19.95 ? 87  ARG A O   1 
ATOM   668  C  CB  . ARG A 1 88  ? -17.423 -0.968  1.662   1.00 22.25 ? 87  ARG A CB  1 
ATOM   669  C  CG  . ARG A 1 88  ? -17.873 -1.980  0.629   1.00 26.62 ? 87  ARG A CG  1 
ATOM   670  C  CD  . ARG A 1 88  ? -17.238 -3.327  0.912   1.00 29.72 ? 87  ARG A CD  1 
ATOM   671  N  NE  . ARG A 1 88  ? -17.669 -4.366  -0.026  1.00 35.64 ? 87  ARG A NE  1 
ATOM   672  C  CZ  . ARG A 1 88  ? -17.543 -4.295  -1.350  1.00 36.24 ? 87  ARG A CZ  1 
ATOM   673  N  NH1 . ARG A 1 88  ? -16.999 -3.224  -1.916  1.00 38.14 ? 87  ARG A NH1 1 
ATOM   674  N  NH2 . ARG A 1 88  ? -17.942 -5.311  -2.109  1.00 37.15 ? 87  ARG A NH2 1 
ATOM   675  N  N   . GLY A 1 89  ? -16.906 2.448   2.439   1.00 19.77 ? 88  GLY A N   1 
ATOM   676  C  CA  . GLY A 1 89  ? -16.599 3.312   3.562   1.00 20.90 ? 88  GLY A CA  1 
ATOM   677  C  C   . GLY A 1 89  ? -15.499 2.743   4.442   1.00 22.31 ? 88  GLY A C   1 
ATOM   678  O  O   . GLY A 1 89  ? -15.411 3.080   5.628   1.00 22.51 ? 88  GLY A O   1 
ATOM   679  N  N   . GLU A 1 90  ? -14.661 1.877   3.877   1.00 19.99 ? 89  GLU A N   1 
ATOM   680  C  CA  . GLU A 1 90  ? -13.570 1.271   4.636   1.00 21.40 ? 89  GLU A CA  1 
ATOM   681  C  C   . GLU A 1 90  ? -12.205 1.681   4.092   1.00 20.72 ? 89  GLU A C   1 
ATOM   682  O  O   . GLU A 1 90  ? -12.028 1.821   2.881   1.00 19.54 ? 89  GLU A O   1 
ATOM   683  C  CB  . GLU A 1 90  ? -13.706 -0.260  4.631   1.00 20.95 ? 89  GLU A CB  1 
ATOM   684  C  CG  . GLU A 1 90  ? -15.012 -0.754  5.264   1.00 24.72 ? 89  GLU A CG  1 
ATOM   685  C  CD  . GLU A 1 90  ? -15.253 -2.248  5.063   1.00 26.61 ? 89  GLU A CD  1 
ATOM   686  O  OE1 . GLU A 1 90  ? -15.053 -2.737  3.934   1.00 28.92 ? 89  GLU A OE1 1 
ATOM   687  O  OE2 . GLU A 1 90  ? -15.663 -2.933  6.026   1.00 28.81 ? 89  GLU A OE2 1 
ATOM   688  N  N   . ALA A 1 91  ? -11.250 1.879   5.000   1.00 19.31 ? 90  ALA A N   1 
ATOM   689  C  CA  . ALA A 1 91  ? -9.896  2.272   4.629   1.00 18.37 ? 90  ALA A CA  1 
ATOM   690  C  C   . ALA A 1 91  ? -9.024  1.054   4.347   1.00 18.39 ? 90  ALA A C   1 
ATOM   691  O  O   . ALA A 1 91  ? -9.295  -0.044  4.827   1.00 19.45 ? 90  ALA A O   1 
ATOM   692  C  CB  . ALA A 1 91  ? -9.276  3.112   5.737   1.00 17.76 ? 90  ALA A CB  1 
ATOM   693  N  N   . VAL A 1 92  ? -7.968  1.255   3.563   1.00 17.85 ? 91  VAL A N   1 
ATOM   694  C  CA  . VAL A 1 92  ? -7.063  0.170   3.213   1.00 16.13 ? 91  VAL A CA  1 
ATOM   695  C  C   . VAL A 1 92  ? -5.637  0.481   3.643   1.00 15.91 ? 91  VAL A C   1 
ATOM   696  O  O   . VAL A 1 92  ? -5.195  1.631   3.597   1.00 14.58 ? 91  VAL A O   1 
ATOM   697  C  CB  . VAL A 1 92  ? -7.051  -0.075  1.688   1.00 16.68 ? 91  VAL A CB  1 
ATOM   698  C  CG1 . VAL A 1 92  ? -6.211  -1.295  1.357   1.00 17.59 ? 91  VAL A CG1 1 
ATOM   699  C  CG2 . VAL A 1 92  ? -8.473  -0.235  1.178   1.00 16.40 ? 91  VAL A CG2 1 
ATOM   700  N  N   . GLY A 1 93  ? -4.929  -0.557  4.072   1.00 15.78 ? 92  GLY A N   1 
ATOM   701  C  CA  . GLY A 1 93  ? -3.544  -0.406  4.461   1.00 14.91 ? 92  GLY A CA  1 
ATOM   702  C  C   . GLY A 1 93  ? -2.736  -1.296  3.534   1.00 15.32 ? 92  GLY A C   1 
ATOM   703  O  O   . GLY A 1 93  ? -3.177  -2.397  3.207   1.00 16.79 ? 92  GLY A O   1 
ATOM   704  N  N   . VAL A 1 94  ? -1.574  -0.824  3.095   1.00 14.44 ? 93  VAL A N   1 
ATOM   705  C  CA  . VAL A 1 94  ? -0.714  -1.610  2.214   1.00 14.30 ? 93  VAL A CA  1 
ATOM   706  C  C   . VAL A 1 94  ? 0.674   -1.719  2.842   1.00 13.67 ? 93  VAL A C   1 
ATOM   707  O  O   . VAL A 1 94  ? 1.244   -0.721  3.285   1.00 9.78  ? 93  VAL A O   1 
ATOM   708  C  CB  . VAL A 1 94  ? -0.605  -0.966  0.810   1.00 16.82 ? 93  VAL A CB  1 
ATOM   709  C  CG1 . VAL A 1 94  ? -0.157  0.478   0.933   1.00 18.43 ? 93  VAL A CG1 1 
ATOM   710  C  CG2 . VAL A 1 94  ? 0.364   -1.754  -0.057  1.00 17.09 ? 93  VAL A CG2 1 
ATOM   711  N  N   . HIS A 1 95  ? 1.212   -2.936  2.872   1.00 12.16 ? 94  HIS A N   1 
ATOM   712  C  CA  . HIS A 1 95  ? 2.519   -3.170  3.473   1.00 12.54 ? 94  HIS A CA  1 
ATOM   713  C  C   . HIS A 1 95  ? 3.444   -4.086  2.658   1.00 13.77 ? 94  HIS A C   1 
ATOM   714  O  O   . HIS A 1 95  ? 2.995   -4.868  1.818   1.00 13.29 ? 94  HIS A O   1 
ATOM   715  C  CB  . HIS A 1 95  ? 2.325   -3.799  4.860   1.00 12.29 ? 94  HIS A CB  1 
ATOM   716  C  CG  . HIS A 1 95  ? 2.320   -5.300  4.844   1.00 10.65 ? 94  HIS A CG  1 
ATOM   717  N  ND1 . HIS A 1 95  ? 3.479   -6.044  4.773   1.00 11.12 ? 94  HIS A ND1 1 
ATOM   718  C  CD2 . HIS A 1 95  ? 1.300   -6.192  4.822   1.00 11.31 ? 94  HIS A CD2 1 
ATOM   719  C  CE1 . HIS A 1 95  ? 3.174   -7.329  4.705   1.00 11.41 ? 94  HIS A CE1 1 
ATOM   720  N  NE2 . HIS A 1 95  ? 1.858   -7.445  4.732   1.00 11.46 ? 94  HIS A NE2 1 
ATOM   721  N  N   . CYS A 1 96  ? 4.743   -3.960  2.910   1.00 13.93 ? 95  CYS A N   1 
ATOM   722  C  CA  . CYS A 1 96  ? 5.737   -4.832  2.303   1.00 14.88 ? 95  CYS A CA  1 
ATOM   723  C  C   . CYS A 1 96  ? 6.683   -5.139  3.465   1.00 13.60 ? 95  CYS A C   1 
ATOM   724  O  O   . CYS A 1 96  ? 6.229   -5.238  4.603   1.00 15.43 ? 95  CYS A O   1 
ATOM   725  C  CB  . CYS A 1 96  ? 6.460   -4.173  1.108   1.00 15.85 ? 95  CYS A CB  1 
ATOM   726  S  SG  . CYS A 1 96  ? 7.322   -2.616  1.395   1.00 16.10 ? 95  CYS A SG  1 
ATOM   727  N  N   . ALA A 1 97  ? 7.975   -5.305  3.213   1.00 13.69 ? 96  ALA A N   1 
ATOM   728  C  CA  . ALA A 1 97  ? 8.890   -5.598  4.313   1.00 13.82 ? 96  ALA A CA  1 
ATOM   729  C  C   . ALA A 1 97  ? 9.226   -4.341  5.116   1.00 12.58 ? 96  ALA A C   1 
ATOM   730  O  O   . ALA A 1 97  ? 9.061   -4.315  6.335   1.00 13.02 ? 96  ALA A O   1 
ATOM   731  C  CB  . ALA A 1 97  ? 10.164  -6.245  3.785   1.00 12.67 ? 96  ALA A CB  1 
ATOM   732  N  N   . LEU A 1 98  ? 9.688   -3.295  4.436   1.00 12.64 ? 97  LEU A N   1 
ATOM   733  C  CA  . LEU A 1 98  ? 10.043  -2.057  5.124   1.00 13.23 ? 97  LEU A CA  1 
ATOM   734  C  C   . LEU A 1 98  ? 9.023   -0.928  4.912   1.00 13.23 ? 97  LEU A C   1 
ATOM   735  O  O   . LEU A 1 98  ? 9.060   0.090   5.604   1.00 12.31 ? 97  LEU A O   1 
ATOM   736  C  CB  . LEU A 1 98  ? 11.442  -1.601  4.685   1.00 13.49 ? 97  LEU A CB  1 
ATOM   737  C  CG  . LEU A 1 98  ? 12.552  -2.639  4.915   1.00 13.48 ? 97  LEU A CG  1 
ATOM   738  C  CD1 . LEU A 1 98  ? 13.851  -2.152  4.305   1.00 14.31 ? 97  LEU A CD1 1 
ATOM   739  C  CD2 . LEU A 1 98  ? 12.709  -2.895  6.413   1.00 14.13 ? 97  LEU A CD2 1 
ATOM   740  N  N   . GLY A 1 99  ? 8.128   -1.108  3.944   1.00 14.18 ? 98  GLY A N   1 
ATOM   741  C  CA  . GLY A 1 99  ? 7.108   -0.109  3.681   1.00 13.95 ? 98  GLY A CA  1 
ATOM   742  C  C   . GLY A 1 99  ? 7.538   1.085   2.851   1.00 14.66 ? 98  GLY A C   1 
ATOM   743  O  O   . GLY A 1 99  ? 6.843   2.100   2.826   1.00 13.80 ? 98  GLY A O   1 
ATOM   744  N  N   . PHE A 1 100 ? 8.670   0.965   2.163   1.00 14.23 ? 99  PHE A N   1 
ATOM   745  C  CA  . PHE A 1 100 ? 9.177   2.054   1.335   1.00 14.29 ? 99  PHE A CA  1 
ATOM   746  C  C   . PHE A 1 100 ? 9.217   1.755   -0.168  1.00 13.76 ? 99  PHE A C   1 
ATOM   747  O  O   . PHE A 1 100 ? 8.817   2.586   -0.973  1.00 13.63 ? 99  PHE A O   1 
ATOM   748  C  CB  . PHE A 1 100 ? 10.581  2.448   1.796   1.00 14.38 ? 99  PHE A CB  1 
ATOM   749  C  CG  . PHE A 1 100 ? 10.622  3.080   3.161   1.00 14.26 ? 99  PHE A CG  1 
ATOM   750  C  CD1 . PHE A 1 100 ? 10.065  4.336   3.380   1.00 14.85 ? 99  PHE A CD1 1 
ATOM   751  C  CD2 . PHE A 1 100 ? 11.244  2.428   4.224   1.00 16.40 ? 99  PHE A CD2 1 
ATOM   752  C  CE1 . PHE A 1 100 ? 10.131  4.937   4.637   1.00 15.42 ? 99  PHE A CE1 1 
ATOM   753  C  CE2 . PHE A 1 100 ? 11.314  3.019   5.483   1.00 15.65 ? 99  PHE A CE2 1 
ATOM   754  C  CZ  . PHE A 1 100 ? 10.757  4.277   5.689   1.00 17.34 ? 99  PHE A CZ  1 
ATOM   755  N  N   . GLY A 1 101 ? 9.714   0.575   -0.530  1.00 13.51 ? 100 GLY A N   1 
ATOM   756  C  CA  . GLY A 1 101 ? 9.833   0.201   -1.930  1.00 13.53 ? 100 GLY A CA  1 
ATOM   757  C  C   . GLY A 1 101 ? 8.546   -0.210  -2.614  1.00 14.39 ? 100 GLY A C   1 
ATOM   758  O  O   . GLY A 1 101 ? 7.908   0.601   -3.276  1.00 13.26 ? 100 GLY A O   1 
ATOM   759  N  N   . ARG A 1 102 ? 8.173   -1.478  -2.466  1.00 13.36 ? 101 ARG A N   1 
ATOM   760  C  CA  . ARG A 1 102 ? 6.956   -2.002  -3.072  1.00 13.69 ? 101 ARG A CA  1 
ATOM   761  C  C   . ARG A 1 102 ? 5.734   -1.230  -2.571  1.00 13.63 ? 101 ARG A C   1 
ATOM   762  O  O   . ARG A 1 102 ? 4.841   -0.889  -3.349  1.00 12.81 ? 101 ARG A O   1 
ATOM   763  C  CB  . ARG A 1 102 ? 6.832   -3.500  -2.763  1.00 13.29 ? 101 ARG A CB  1 
ATOM   764  C  CG  . ARG A 1 102 ? 7.883   -4.347  -3.484  1.00 11.36 ? 101 ARG A CG  1 
ATOM   765  C  CD  . ARG A 1 102 ? 8.029   -5.755  -2.895  1.00 11.59 ? 101 ARG A CD  1 
ATOM   766  N  NE  . ARG A 1 102 ? 8.632   -5.733  -1.566  1.00 13.03 ? 101 ARG A NE  1 
ATOM   767  C  CZ  . ARG A 1 102 ? 8.890   -6.810  -0.837  1.00 13.69 ? 101 ARG A CZ  1 
ATOM   768  N  NH1 . ARG A 1 102 ? 8.594   -8.017  -1.306  1.00 14.84 ? 101 ARG A NH1 1 
ATOM   769  N  NH2 . ARG A 1 102 ? 9.460   -6.681  0.355   1.00 13.53 ? 101 ARG A NH2 1 
ATOM   770  N  N   . THR A 1 103 ? 5.699   -0.938  -1.277  1.00 11.89 ? 102 THR A N   1 
ATOM   771  C  CA  . THR A 1 103 ? 4.579   -0.185  -0.728  1.00 12.00 ? 102 THR A CA  1 
ATOM   772  C  C   . THR A 1 103 ? 4.529   1.204   -1.366  1.00 12.22 ? 102 THR A C   1 
ATOM   773  O  O   . THR A 1 103 ? 3.482   1.641   -1.855  1.00 9.71  ? 102 THR A O   1 
ATOM   774  C  CB  . THR A 1 103 ? 4.706   -0.016  0.797   1.00 12.18 ? 102 THR A CB  1 
ATOM   775  O  OG1 . THR A 1 103 ? 4.630   -1.299  1.430   1.00 12.77 ? 102 THR A OG1 1 
ATOM   776  C  CG2 . THR A 1 103 ? 3.593   0.870   1.331   1.00 12.16 ? 102 THR A CG2 1 
ATOM   777  N  N   . GLY A 1 104 ? 5.671   1.889   -1.357  1.00 11.44 ? 103 GLY A N   1 
ATOM   778  C  CA  . GLY A 1 104 ? 5.743   3.222   -1.922  1.00 11.65 ? 103 GLY A CA  1 
ATOM   779  C  C   . GLY A 1 104 ? 5.282   3.297   -3.366  1.00 12.22 ? 103 GLY A C   1 
ATOM   780  O  O   . GLY A 1 104 ? 4.621   4.253   -3.759  1.00 12.94 ? 103 GLY A O   1 
ATOM   781  N  N   . THR A 1 105 ? 5.618   2.285   -4.157  1.00 11.87 ? 104 THR A N   1 
ATOM   782  C  CA  . THR A 1 105 ? 5.235   2.269   -5.562  1.00 13.14 ? 104 THR A CA  1 
ATOM   783  C  C   . THR A 1 105 ? 3.713   2.162   -5.726  1.00 13.99 ? 104 THR A C   1 
ATOM   784  O  O   . THR A 1 105 ? 3.114   2.865   -6.550  1.00 13.12 ? 104 THR A O   1 
ATOM   785  C  CB  . THR A 1 105 ? 5.924   1.100   -6.287  1.00 13.82 ? 104 THR A CB  1 
ATOM   786  O  OG1 . THR A 1 105 ? 7.340   1.198   -6.091  1.00 14.20 ? 104 THR A OG1 1 
ATOM   787  C  CG2 . THR A 1 105 ? 5.626   1.140   -7.775  1.00 13.20 ? 104 THR A CG2 1 
HETATM 788  N  N   . MSE A 1 106 ? 3.097   1.287   -4.933  1.00 13.31 ? 105 MSE A N   1 
HETATM 789  C  CA  . MSE A 1 106 ? 1.649   1.090   -4.981  1.00 12.67 ? 105 MSE A CA  1 
HETATM 790  C  C   . MSE A 1 106 ? 0.935   2.367   -4.568  1.00 12.38 ? 105 MSE A C   1 
HETATM 791  O  O   . MSE A 1 106 ? 0.002   2.818   -5.231  1.00 11.81 ? 105 MSE A O   1 
HETATM 792  C  CB  . MSE A 1 106 ? 1.238   -0.063  -4.059  1.00 13.90 ? 105 MSE A CB  1 
HETATM 793  C  CG  . MSE A 1 106 ? 1.696   -1.429  -4.565  1.00 17.80 ? 105 MSE A CG  1 
HETATM 794  SE SE  . MSE A 1 106 ? 1.131   -1.759  -6.395  1.00 27.15 ? 105 MSE A SE  1 
HETATM 795  C  CE  . MSE A 1 106 ? 0.265   -3.471  -6.113  1.00 22.15 ? 105 MSE A CE  1 
ATOM   796  N  N   . LEU A 1 107 ? 1.383   2.953   -3.469  1.00 11.20 ? 106 LEU A N   1 
ATOM   797  C  CA  . LEU A 1 107 ? 0.784   4.187   -2.986  1.00 11.34 ? 106 LEU A CA  1 
ATOM   798  C  C   . LEU A 1 107 ? 0.832   5.265   -4.074  1.00 12.76 ? 106 LEU A C   1 
ATOM   799  O  O   . LEU A 1 107 ? -0.173  5.924   -4.360  1.00 12.93 ? 106 LEU A O   1 
ATOM   800  C  CB  . LEU A 1 107 ? 1.520   4.662   -1.733  1.00 11.73 ? 106 LEU A CB  1 
ATOM   801  C  CG  . LEU A 1 107 ? 1.388   3.773   -0.494  1.00 12.45 ? 106 LEU A CG  1 
ATOM   802  C  CD1 . LEU A 1 107 ? 2.333   4.275   0.594   1.00 12.75 ? 106 LEU A CD1 1 
ATOM   803  C  CD2 . LEU A 1 107 ? -0.054  3.783   0.002   1.00 12.71 ? 106 LEU A CD2 1 
ATOM   804  N  N   . ALA A 1 108 ? 1.995   5.431   -4.692  1.00 11.63 ? 107 ALA A N   1 
ATOM   805  C  CA  . ALA A 1 108 ? 2.155   6.437   -5.740  1.00 12.24 ? 107 ALA A CA  1 
ATOM   806  C  C   . ALA A 1 108 ? 1.230   6.160   -6.920  1.00 13.06 ? 107 ALA A C   1 
ATOM   807  O  O   . ALA A 1 108 ? 0.704   7.082   -7.539  1.00 13.07 ? 107 ALA A O   1 
ATOM   808  C  CB  . ALA A 1 108 ? 3.598   6.481   -6.212  1.00 12.76 ? 107 ALA A CB  1 
ATOM   809  N  N   . CYS A 1 109 ? 1.038   4.886   -7.233  1.00 12.55 ? 108 CYS A N   1 
ATOM   810  C  CA  . CYS A 1 109 ? 0.171   4.529   -8.340  1.00 13.04 ? 108 CYS A CA  1 
ATOM   811  C  C   . CYS A 1 109 ? -1.286  4.878   -8.059  1.00 12.78 ? 108 CYS A C   1 
ATOM   812  O  O   . CYS A 1 109 ? -2.029  5.236   -8.978  1.00 13.00 ? 108 CYS A O   1 
ATOM   813  C  CB  . CYS A 1 109 ? 0.322   3.043   -8.676  1.00 13.58 ? 108 CYS A CB  1 
ATOM   814  S  SG  . CYS A 1 109 ? 1.773   2.688   -9.695  1.00 16.37 ? 108 CYS A SG  1 
ATOM   815  N  N   . TYR A 1 110 ? -1.707  4.799   -6.801  1.00 12.37 ? 109 TYR A N   1 
ATOM   816  C  CA  . TYR A 1 110 ? -3.090  5.140   -6.500  1.00 13.44 ? 109 TYR A CA  1 
ATOM   817  C  C   . TYR A 1 110 ? -3.297  6.645   -6.658  1.00 13.60 ? 109 TYR A C   1 
ATOM   818  O  O   . TYR A 1 110 ? -4.372  7.090   -7.068  1.00 12.77 ? 109 TYR A O   1 
ATOM   819  C  CB  . TYR A 1 110 ? -3.495  4.697   -5.084  1.00 14.44 ? 109 TYR A CB  1 
ATOM   820  C  CG  . TYR A 1 110 ? -5.005  4.668   -4.915  1.00 14.55 ? 109 TYR A CG  1 
ATOM   821  C  CD1 . TYR A 1 110 ? -5.784  3.750   -5.627  1.00 15.35 ? 109 TYR A CD1 1 
ATOM   822  C  CD2 . TYR A 1 110 ? -5.660  5.611   -4.125  1.00 14.96 ? 109 TYR A CD2 1 
ATOM   823  C  CE1 . TYR A 1 110 ? -7.171  3.776   -5.565  1.00 14.79 ? 109 TYR A CE1 1 
ATOM   824  C  CE2 . TYR A 1 110 ? -7.057  5.648   -4.056  1.00 14.81 ? 109 TYR A CE2 1 
ATOM   825  C  CZ  . TYR A 1 110 ? -7.805  4.730   -4.782  1.00 15.00 ? 109 TYR A CZ  1 
ATOM   826  O  OH  . TYR A 1 110 ? -9.183  4.772   -4.750  1.00 14.11 ? 109 TYR A OH  1 
ATOM   827  N  N   . LEU A 1 111 ? -2.268  7.425   -6.336  1.00 13.50 ? 110 LEU A N   1 
ATOM   828  C  CA  . LEU A 1 111 ? -2.342  8.876   -6.473  1.00 14.70 ? 110 LEU A CA  1 
ATOM   829  C  C   . LEU A 1 111 ? -2.464  9.246   -7.939  1.00 14.70 ? 110 LEU A C   1 
ATOM   830  O  O   . LEU A 1 111 ? -3.170  10.189  -8.293  1.00 14.17 ? 110 LEU A O   1 
ATOM   831  C  CB  . LEU A 1 111 ? -1.100  9.544   -5.873  1.00 15.96 ? 110 LEU A CB  1 
ATOM   832  C  CG  . LEU A 1 111 ? -1.218  9.942   -4.400  1.00 17.61 ? 110 LEU A CG  1 
ATOM   833  C  CD1 . LEU A 1 111 ? -1.669  8.749   -3.599  1.00 23.06 ? 110 LEU A CD1 1 
ATOM   834  C  CD2 . LEU A 1 111 ? 0.114   10.480  -3.884  1.00 15.91 ? 110 LEU A CD2 1 
ATOM   835  N  N   . VAL A 1 112 ? -1.769  8.495   -8.789  1.00 13.88 ? 111 VAL A N   1 
ATOM   836  C  CA  . VAL A 1 112 ? -1.819  8.727   -10.224 1.00 14.59 ? 111 VAL A CA  1 
ATOM   837  C  C   . VAL A 1 112 ? -3.254  8.492   -10.685 1.00 14.08 ? 111 VAL A C   1 
ATOM   838  O  O   . VAL A 1 112 ? -3.854  9.347   -11.335 1.00 12.84 ? 111 VAL A O   1 
ATOM   839  C  CB  . VAL A 1 112 ? -0.856  7.772   -10.988 1.00 13.36 ? 111 VAL A CB  1 
ATOM   840  C  CG1 . VAL A 1 112 ? -1.210  7.734   -12.472 1.00 14.85 ? 111 VAL A CG1 1 
ATOM   841  C  CG2 . VAL A 1 112 ? 0.586   8.237   -10.808 1.00 13.73 ? 111 VAL A CG2 1 
ATOM   842  N  N   . LYS A 1 113 ? -3.803  7.338   -10.318 1.00 14.05 ? 112 LYS A N   1 
ATOM   843  C  CA  . LYS A 1 113 ? -5.164  6.960   -10.693 1.00 14.30 ? 112 LYS A CA  1 
ATOM   844  C  C   . LYS A 1 113 ? -6.271  7.783   -10.045 1.00 15.69 ? 112 LYS A C   1 
ATOM   845  O  O   . LYS A 1 113 ? -7.138  8.310   -10.732 1.00 15.03 ? 112 LYS A O   1 
ATOM   846  C  CB  . LYS A 1 113 ? -5.405  5.476   -10.369 1.00 15.05 ? 112 LYS A CB  1 
ATOM   847  C  CG  . LYS A 1 113 ? -6.803  4.946   -10.740 1.00 15.23 ? 112 LYS A CG  1 
ATOM   848  C  CD  . LYS A 1 113 ? -7.871  5.234   -9.675  1.00 16.50 ? 112 LYS A CD  1 
ATOM   849  C  CE  . LYS A 1 113 ? -9.251  4.780   -10.149 1.00 19.22 ? 112 LYS A CE  1 
ATOM   850  N  NZ  . LYS A 1 113 ? -10.344 4.975   -9.139  1.00 16.86 ? 112 LYS A NZ  1 
ATOM   851  N  N   . GLU A 1 114 ? -6.240  7.886   -8.723  1.00 16.37 ? 113 GLU A N   1 
ATOM   852  C  CA  . GLU A 1 114 ? -7.284  8.589   -7.988  1.00 18.29 ? 113 GLU A CA  1 
ATOM   853  C  C   . GLU A 1 114 ? -7.165  10.102  -7.888  1.00 18.89 ? 113 GLU A C   1 
ATOM   854  O  O   . GLU A 1 114 ? -8.177  10.797  -7.801  1.00 19.71 ? 113 GLU A O   1 
ATOM   855  C  CB  . GLU A 1 114 ? -7.402  8.008   -6.574  1.00 19.72 ? 113 GLU A CB  1 
ATOM   856  C  CG  . GLU A 1 114 ? -8.602  8.523   -5.796  1.00 22.15 ? 113 GLU A CG  1 
ATOM   857  C  CD  . GLU A 1 114 ? -9.922  7.957   -6.293  1.00 25.11 ? 113 GLU A CD  1 
ATOM   858  O  OE1 . GLU A 1 114 ? -9.996  7.492   -7.454  1.00 24.00 ? 113 GLU A OE1 1 
ATOM   859  O  OE2 . GLU A 1 114 ? -10.907 7.994   -5.520  1.00 27.50 ? 113 GLU A OE2 1 
ATOM   860  N  N   . ARG A 1 115 ? -5.943  10.620  -7.888  1.00 17.86 ? 114 ARG A N   1 
ATOM   861  C  CA  . ARG A 1 115 ? -5.762  12.061  -7.776  1.00 17.85 ? 114 ARG A CA  1 
ATOM   862  C  C   . ARG A 1 115 ? -5.281  12.725  -9.058  1.00 18.34 ? 114 ARG A C   1 
ATOM   863  O  O   . ARG A 1 115 ? -4.988  13.925  -9.074  1.00 17.87 ? 114 ARG A O   1 
ATOM   864  C  CB  . ARG A 1 115 ? -4.821  12.376  -6.613  1.00 17.46 ? 114 ARG A CB  1 
ATOM   865  C  CG  . ARG A 1 115 ? -5.483  12.188  -5.251  1.00 17.59 ? 114 ARG A CG  1 
ATOM   866  C  CD  . ARG A 1 115 ? -6.662  13.157  -5.077  1.00 20.95 ? 114 ARG A CD  1 
ATOM   867  N  NE  . ARG A 1 115 ? -7.350  12.973  -3.796  1.00 22.00 ? 114 ARG A NE  1 
ATOM   868  C  CZ  . ARG A 1 115 ? -8.578  12.480  -3.665  1.00 22.30 ? 114 ARG A CZ  1 
ATOM   869  N  NH1 . ARG A 1 115 ? -9.270  12.117  -4.737  1.00 23.88 ? 114 ARG A NH1 1 
ATOM   870  N  NH2 . ARG A 1 115 ? -9.113  12.337  -2.459  1.00 23.79 ? 114 ARG A NH2 1 
ATOM   871  N  N   . GLY A 1 116 ? -5.211  11.937  -10.130 1.00 18.40 ? 115 GLY A N   1 
ATOM   872  C  CA  . GLY A 1 116 ? -4.797  12.450  -11.429 1.00 16.84 ? 115 GLY A CA  1 
ATOM   873  C  C   . GLY A 1 116 ? -3.414  13.054  -11.560 1.00 16.22 ? 115 GLY A C   1 
ATOM   874  O  O   . GLY A 1 116 ? -3.161  13.834  -12.481 1.00 17.18 ? 115 GLY A O   1 
ATOM   875  N  N   . LEU A 1 117 ? -2.506  12.681  -10.668 1.00 16.34 ? 116 LEU A N   1 
ATOM   876  C  CA  . LEU A 1 117 ? -1.151  13.217  -10.689 1.00 17.01 ? 116 LEU A CA  1 
ATOM   877  C  C   . LEU A 1 117 ? -0.247  12.560  -11.724 1.00 16.91 ? 116 LEU A C   1 
ATOM   878  O  O   . LEU A 1 117 ? -0.432  11.392  -12.075 1.00 15.95 ? 116 LEU A O   1 
ATOM   879  C  CB  . LEU A 1 117 ? -0.492  13.052  -9.314  1.00 17.85 ? 116 LEU A CB  1 
ATOM   880  C  CG  . LEU A 1 117 ? -1.172  13.627  -8.071  1.00 17.13 ? 116 LEU A CG  1 
ATOM   881  C  CD1 . LEU A 1 117 ? -0.230  13.467  -6.885  1.00 16.85 ? 116 LEU A CD1 1 
ATOM   882  C  CD2 . LEU A 1 117 ? -1.517  15.098  -8.289  1.00 18.73 ? 116 LEU A CD2 1 
ATOM   883  N  N   . ALA A 1 118 ? 0.730   13.321  -12.209 1.00 15.06 ? 117 ALA A N   1 
ATOM   884  C  CA  . ALA A 1 118 ? 1.701   12.794  -13.155 1.00 16.26 ? 117 ALA A CA  1 
ATOM   885  C  C   . ALA A 1 118 ? 2.625   11.917  -12.308 1.00 16.06 ? 117 ALA A C   1 
ATOM   886  O  O   . ALA A 1 118 ? 2.774   12.156  -11.108 1.00 15.44 ? 117 ALA A O   1 
ATOM   887  C  CB  . ALA A 1 118 ? 2.488   13.930  -13.796 1.00 16.94 ? 117 ALA A CB  1 
ATOM   888  N  N   . ALA A 1 119 ? 3.237   10.909  -12.922 1.00 16.19 ? 118 ALA A N   1 
ATOM   889  C  CA  . ALA A 1 119 ? 4.118   9.994   -12.195 1.00 16.50 ? 118 ALA A CA  1 
ATOM   890  C  C   . ALA A 1 119 ? 5.155   10.709  -11.330 1.00 15.72 ? 118 ALA A C   1 
ATOM   891  O  O   . ALA A 1 119 ? 5.313   10.397  -10.149 1.00 16.82 ? 118 ALA A O   1 
ATOM   892  C  CB  . ALA A 1 119 ? 4.816   9.048   -13.174 1.00 15.81 ? 118 ALA A CB  1 
ATOM   893  N  N   . GLY A 1 120 ? 5.858   11.666  -11.919 1.00 16.91 ? 119 GLY A N   1 
ATOM   894  C  CA  . GLY A 1 120 ? 6.872   12.393  -11.181 1.00 17.67 ? 119 GLY A CA  1 
ATOM   895  C  C   . GLY A 1 120 ? 6.328   13.020  -9.913  1.00 18.09 ? 119 GLY A C   1 
ATOM   896  O  O   . GLY A 1 120 ? 6.919   12.882  -8.846  1.00 17.20 ? 119 GLY A O   1 
ATOM   897  N  N   . ASP A 1 121 ? 5.193   13.699  -10.026 1.00 18.23 ? 120 ASP A N   1 
ATOM   898  C  CA  . ASP A 1 121 ? 4.585   14.350  -8.874  1.00 18.75 ? 120 ASP A CA  1 
ATOM   899  C  C   . ASP A 1 121 ? 4.017   13.362  -7.864  1.00 17.81 ? 120 ASP A C   1 
ATOM   900  O  O   . ASP A 1 121 ? 3.996   13.640  -6.666  1.00 15.29 ? 120 ASP A O   1 
ATOM   901  C  CB  . ASP A 1 121 ? 3.503   15.330  -9.337  1.00 21.37 ? 120 ASP A CB  1 
ATOM   902  C  CG  . ASP A 1 121 ? 4.071   16.428  -10.226 1.00 24.48 ? 120 ASP A CG  1 
ATOM   903  O  OD1 . ASP A 1 121 ? 5.174   16.931  -9.918  1.00 26.95 ? 120 ASP A OD1 1 
ATOM   904  O  OD2 . ASP A 1 121 ? 3.429   16.788  -11.231 1.00 29.43 ? 120 ASP A OD2 1 
ATOM   905  N  N   . ALA A 1 122 ? 3.561   12.207  -8.346  1.00 14.67 ? 121 ALA A N   1 
ATOM   906  C  CA  . ALA A 1 122 ? 3.016   11.186  -7.463  1.00 14.62 ? 121 ALA A CA  1 
ATOM   907  C  C   . ALA A 1 122 ? 4.147   10.598  -6.615  1.00 15.10 ? 121 ALA A C   1 
ATOM   908  O  O   . ALA A 1 122 ? 3.982   10.350  -5.419  1.00 14.09 ? 121 ALA A O   1 
ATOM   909  C  CB  . ALA A 1 122 ? 2.347   10.094  -8.280  1.00 14.04 ? 121 ALA A CB  1 
ATOM   910  N  N   . ILE A 1 123 ? 5.293   10.374  -7.251  1.00 14.97 ? 122 ILE A N   1 
ATOM   911  C  CA  . ILE A 1 123 ? 6.470   9.834   -6.575  1.00 15.00 ? 122 ILE A CA  1 
ATOM   912  C  C   . ILE A 1 123 ? 7.003   10.843  -5.559  1.00 15.33 ? 122 ILE A C   1 
ATOM   913  O  O   . ILE A 1 123 ? 7.448   10.474  -4.472  1.00 13.08 ? 122 ILE A O   1 
ATOM   914  C  CB  . ILE A 1 123 ? 7.589   9.510   -7.588  1.00 15.66 ? 122 ILE A CB  1 
ATOM   915  C  CG1 . ILE A 1 123 ? 7.172   8.311   -8.453  1.00 14.73 ? 122 ILE A CG1 1 
ATOM   916  C  CG2 . ILE A 1 123 ? 8.895   9.239   -6.862  1.00 15.62 ? 122 ILE A CG2 1 
ATOM   917  C  CD1 . ILE A 1 123 ? 8.137   7.987   -9.574  1.00 13.67 ? 122 ILE A CD1 1 
ATOM   918  N  N   . ALA A 1 124 ? 6.945   12.123  -5.919  1.00 14.74 ? 123 ALA A N   1 
ATOM   919  C  CA  . ALA A 1 124 ? 7.421   13.178  -5.037  1.00 14.73 ? 123 ALA A CA  1 
ATOM   920  C  C   . ALA A 1 124 ? 6.564   13.294  -3.785  1.00 15.61 ? 123 ALA A C   1 
ATOM   921  O  O   . ALA A 1 124 ? 7.087   13.458  -2.685  1.00 15.53 ? 123 ALA A O   1 
ATOM   922  C  CB  . ALA A 1 124 ? 7.438   14.513  -5.777  1.00 16.00 ? 123 ALA A CB  1 
ATOM   923  N  N   . GLU A 1 125 ? 5.247   13.206  -3.951  1.00 15.03 ? 124 GLU A N   1 
ATOM   924  C  CA  . GLU A 1 125 ? 4.328   13.323  -2.827  1.00 15.95 ? 124 GLU A CA  1 
ATOM   925  C  C   . GLU A 1 125 ? 4.517   12.162  -1.848  1.00 15.53 ? 124 GLU A C   1 
ATOM   926  O  O   . GLU A 1 125 ? 4.524   12.361  -0.638  1.00 12.65 ? 124 GLU A O   1 
ATOM   927  C  CB  . GLU A 1 125 ? 2.889   13.385  -3.349  1.00 19.37 ? 124 GLU A CB  1 
ATOM   928  C  CG  . GLU A 1 125 ? 1.821   13.750  -2.322  1.00 22.48 ? 124 GLU A CG  1 
ATOM   929  C  CD  . GLU A 1 125 ? 2.173   14.969  -1.463  1.00 25.38 ? 124 GLU A CD  1 
ATOM   930  O  OE1 . GLU A 1 125 ? 2.814   15.923  -1.962  1.00 26.10 ? 124 GLU A OE1 1 
ATOM   931  O  OE2 . GLU A 1 125 ? 1.784   14.977  -0.271  1.00 28.29 ? 124 GLU A OE2 1 
ATOM   932  N  N   . ILE A 1 126 ? 4.685   10.951  -2.375  1.00 13.83 ? 125 ILE A N   1 
ATOM   933  C  CA  . ILE A 1 126 ? 4.893   9.787   -1.522  1.00 14.06 ? 125 ILE A CA  1 
ATOM   934  C  C   . ILE A 1 126 ? 6.212   9.949   -0.772  1.00 13.48 ? 125 ILE A C   1 
ATOM   935  O  O   . ILE A 1 126 ? 6.291   9.679   0.427   1.00 15.23 ? 125 ILE A O   1 
ATOM   936  C  CB  . ILE A 1 126 ? 4.919   8.483   -2.353  1.00 13.89 ? 125 ILE A CB  1 
ATOM   937  C  CG1 . ILE A 1 126 ? 3.553   8.275   -3.015  1.00 13.71 ? 125 ILE A CG1 1 
ATOM   938  C  CG2 . ILE A 1 126 ? 5.270   7.300   -1.470  1.00 16.04 ? 125 ILE A CG2 1 
ATOM   939  C  CD1 . ILE A 1 126 ? 2.386   8.361   -2.043  1.00 15.48 ? 125 ILE A CD1 1 
ATOM   940  N  N   . ARG A 1 127 ? 7.247   10.405  -1.470  1.00 12.22 ? 126 ARG A N   1 
ATOM   941  C  CA  . ARG A 1 127 ? 8.541   10.604  -0.827  1.00 13.28 ? 126 ARG A CA  1 
ATOM   942  C  C   . ARG A 1 127 ? 8.458   11.704  0.232   1.00 13.99 ? 126 ARG A C   1 
ATOM   943  O  O   . ARG A 1 127 ? 9.168   11.665  1.231   1.00 13.90 ? 126 ARG A O   1 
ATOM   944  C  CB  . ARG A 1 127 ? 9.608   10.956  -1.865  1.00 13.86 ? 126 ARG A CB  1 
ATOM   945  C  CG  . ARG A 1 127 ? 10.093  9.767   -2.677  1.00 14.07 ? 126 ARG A CG  1 
ATOM   946  C  CD  . ARG A 1 127 ? 11.051  10.202  -3.766  1.00 14.27 ? 126 ARG A CD  1 
ATOM   947  N  NE  . ARG A 1 127 ? 11.574  9.060   -4.503  1.00 15.89 ? 126 ARG A NE  1 
ATOM   948  C  CZ  . ARG A 1 127 ? 12.201  9.146   -5.670  1.00 16.58 ? 126 ARG A CZ  1 
ATOM   949  N  NH1 . ARG A 1 127 ? 12.386  10.329  -6.242  1.00 16.88 ? 126 ARG A NH1 1 
ATOM   950  N  NH2 . ARG A 1 127 ? 12.644  8.046   -6.265  1.00 16.84 ? 126 ARG A NH2 1 
ATOM   951  N  N   . ARG A 1 128 ? 7.580   12.677  0.011   1.00 15.62 ? 127 ARG A N   1 
ATOM   952  C  CA  . ARG A 1 128 ? 7.400   13.780  0.955   1.00 16.94 ? 127 ARG A CA  1 
ATOM   953  C  C   . ARG A 1 128 ? 6.710   13.273  2.223   1.00 16.66 ? 127 ARG A C   1 
ATOM   954  O  O   . ARG A 1 128 ? 7.136   13.570  3.339   1.00 18.66 ? 127 ARG A O   1 
ATOM   955  C  CB  . ARG A 1 128 ? 6.557   14.891  0.316   1.00 17.70 ? 127 ARG A CB  1 
ATOM   956  C  CG  . ARG A 1 128 ? 6.573   16.217  1.076   1.00 19.92 ? 127 ARG A CG  1 
ATOM   957  C  CD  . ARG A 1 128 ? 5.638   17.247  0.435   1.00 22.25 ? 127 ARG A CD  1 
ATOM   958  N  NE  . ARG A 1 128 ? 4.228   16.887  0.591   1.00 22.47 ? 127 ARG A NE  1 
ATOM   959  C  CZ  . ARG A 1 128 ? 3.543   17.004  1.726   1.00 25.42 ? 127 ARG A CZ  1 
ATOM   960  N  NH1 . ARG A 1 128 ? 4.131   17.482  2.822   1.00 24.08 ? 127 ARG A NH1 1 
ATOM   961  N  NH2 . ARG A 1 128 ? 2.269   16.628  1.771   1.00 23.98 ? 127 ARG A NH2 1 
ATOM   962  N  N   . LEU A 1 129 ? 5.641   12.507  2.042   1.00 15.42 ? 128 LEU A N   1 
ATOM   963  C  CA  . LEU A 1 129 ? 4.894   11.949  3.166   1.00 17.20 ? 128 LEU A CA  1 
ATOM   964  C  C   . LEU A 1 129 ? 5.696   10.869  3.884   1.00 17.03 ? 128 LEU A C   1 
ATOM   965  O  O   . LEU A 1 129 ? 5.731   10.821  5.114   1.00 16.36 ? 128 LEU A O   1 
ATOM   966  C  CB  . LEU A 1 129 ? 3.576   11.341  2.676   1.00 16.68 ? 128 LEU A CB  1 
ATOM   967  C  CG  . LEU A 1 129 ? 2.582   12.308  2.036   1.00 18.75 ? 128 LEU A CG  1 
ATOM   968  C  CD1 . LEU A 1 129 ? 1.383   11.535  1.486   1.00 18.29 ? 128 LEU A CD1 1 
ATOM   969  C  CD2 . LEU A 1 129 ? 2.146   13.339  3.073   1.00 20.36 ? 128 LEU A CD2 1 
ATOM   970  N  N   . ARG A 1 130 ? 6.335   10.004  3.104   1.00 15.67 ? 129 ARG A N   1 
ATOM   971  C  CA  . ARG A 1 130 ? 7.124   8.899   3.643   1.00 14.42 ? 129 ARG A CA  1 
ATOM   972  C  C   . ARG A 1 130 ? 8.542   8.940   3.071   1.00 13.84 ? 129 ARG A C   1 
ATOM   973  O  O   . ARG A 1 130 ? 8.866   8.220   2.125   1.00 13.73 ? 129 ARG A O   1 
ATOM   974  C  CB  . ARG A 1 130 ? 6.423   7.571   3.301   1.00 13.42 ? 129 ARG A CB  1 
ATOM   975  C  CG  . ARG A 1 130 ? 4.990   7.486   3.857   1.00 13.82 ? 129 ARG A CG  1 
ATOM   976  C  CD  . ARG A 1 130 ? 4.158   6.363   3.231   1.00 15.86 ? 129 ARG A CD  1 
ATOM   977  N  NE  . ARG A 1 130 ? 4.640   5.029   3.577   1.00 12.29 ? 129 ARG A NE  1 
ATOM   978  C  CZ  . ARG A 1 130 ? 4.533   4.472   4.780   1.00 11.70 ? 129 ARG A CZ  1 
ATOM   979  N  NH1 . ARG A 1 130 ? 3.949   5.130   5.772   1.00 10.77 ? 129 ARG A NH1 1 
ATOM   980  N  NH2 . ARG A 1 130 ? 5.025   3.260   4.994   1.00 9.89  ? 129 ARG A NH2 1 
ATOM   981  N  N   . PRO A 1 131 ? 9.405   9.806   3.636   1.00 14.87 ? 130 PRO A N   1 
ATOM   982  C  CA  . PRO A 1 131 ? 10.792  9.942   3.179   1.00 14.67 ? 130 PRO A CA  1 
ATOM   983  C  C   . PRO A 1 131 ? 11.507  8.596   3.070   1.00 15.61 ? 130 PRO A C   1 
ATOM   984  O  O   . PRO A 1 131 ? 11.535  7.820   4.021   1.00 15.60 ? 130 PRO A O   1 
ATOM   985  C  CB  . PRO A 1 131 ? 11.414  10.855  4.238   1.00 15.27 ? 130 PRO A CB  1 
ATOM   986  C  CG  . PRO A 1 131 ? 10.266  11.763  4.593   1.00 16.18 ? 130 PRO A CG  1 
ATOM   987  C  CD  . PRO A 1 131 ? 9.111   10.769  4.714   1.00 15.19 ? 130 PRO A CD  1 
ATOM   988  N  N   . GLY A 1 132 ? 12.074  8.327   1.899   1.00 15.56 ? 131 GLY A N   1 
ATOM   989  C  CA  . GLY A 1 132 ? 12.782  7.079   1.678   1.00 15.14 ? 131 GLY A CA  1 
ATOM   990  C  C   . GLY A 1 132 ? 12.067  6.135   0.725   1.00 13.39 ? 131 GLY A C   1 
ATOM   991  O  O   . GLY A 1 132 ? 12.630  5.124   0.311   1.00 14.63 ? 131 GLY A O   1 
ATOM   992  N  N   . SER A 1 133 ? 10.834  6.476   0.366   1.00 13.74 ? 132 SER A N   1 
ATOM   993  C  CA  . SER A 1 133 ? 10.025  5.644   -0.523  1.00 12.91 ? 132 SER A CA  1 
ATOM   994  C  C   . SER A 1 133 ? 10.487  5.651   -1.980  1.00 13.90 ? 132 SER A C   1 
ATOM   995  O  O   . SER A 1 133 ? 11.150  6.584   -2.422  1.00 13.36 ? 132 SER A O   1 
ATOM   996  C  CB  . SER A 1 133 ? 8.563   6.095   -0.464  1.00 13.97 ? 132 SER A CB  1 
ATOM   997  O  OG  . SER A 1 133 ? 8.043   6.032   0.853   1.00 12.38 ? 132 SER A OG  1 
ATOM   998  N  N   . ILE A 1 134 ? 10.123  4.599   -2.713  1.00 13.22 ? 133 ILE A N   1 
ATOM   999  C  CA  . ILE A 1 134 ? 10.454  4.469   -4.131  1.00 13.27 ? 133 ILE A CA  1 
ATOM   1000 C  C   . ILE A 1 134 ? 11.914  4.838   -4.427  1.00 15.53 ? 133 ILE A C   1 
ATOM   1001 O  O   . ILE A 1 134 ? 12.190  5.706   -5.257  1.00 15.86 ? 133 ILE A O   1 
ATOM   1002 C  CB  . ILE A 1 134 ? 9.530   5.376   -4.981  1.00 12.59 ? 133 ILE A CB  1 
ATOM   1003 C  CG1 . ILE A 1 134 ? 8.101   5.319   -4.434  1.00 12.08 ? 133 ILE A CG1 1 
ATOM   1004 C  CG2 . ILE A 1 134 ? 9.533   4.915   -6.429  1.00 13.38 ? 133 ILE A CG2 1 
ATOM   1005 C  CD1 . ILE A 1 134 ? 7.176   6.349   -5.033  1.00 11.86 ? 133 ILE A CD1 1 
ATOM   1006 N  N   . GLU A 1 135 ? 12.845  4.168   -3.756  1.00 17.59 ? 134 GLU A N   1 
ATOM   1007 C  CA  . GLU A 1 135 ? 14.271  4.448   -3.932  1.00 19.12 ? 134 GLU A CA  1 
ATOM   1008 C  C   . GLU A 1 135 ? 14.898  3.931   -5.222  1.00 18.75 ? 134 GLU A C   1 
ATOM   1009 O  O   . GLU A 1 135 ? 15.870  4.508   -5.711  1.00 18.91 ? 134 GLU A O   1 
ATOM   1010 C  CB  . GLU A 1 135 ? 15.073  3.890   -2.747  1.00 21.27 ? 134 GLU A CB  1 
ATOM   1011 C  CG  . GLU A 1 135 ? 14.823  2.399   -2.488  1.00 25.87 ? 134 GLU A CG  1 
ATOM   1012 C  CD  . GLU A 1 135 ? 15.852  1.765   -1.568  1.00 27.43 ? 134 GLU A CD  1 
ATOM   1013 O  OE1 . GLU A 1 135 ? 16.272  2.414   -0.585  1.00 28.10 ? 134 GLU A OE1 1 
ATOM   1014 O  OE2 . GLU A 1 135 ? 16.233  0.598   -1.821  1.00 28.80 ? 134 GLU A OE2 1 
ATOM   1015 N  N   . THR A 1 136 ? 14.354  2.856   -5.782  1.00 17.46 ? 135 THR A N   1 
ATOM   1016 C  CA  . THR A 1 136 ? 14.941  2.285   -6.989  1.00 17.19 ? 135 THR A CA  1 
ATOM   1017 C  C   . THR A 1 136 ? 14.356  2.777   -8.308  1.00 17.33 ? 135 THR A C   1 
ATOM   1018 O  O   . THR A 1 136 ? 13.226  3.263   -8.370  1.00 17.06 ? 135 THR A O   1 
ATOM   1019 C  CB  . THR A 1 136 ? 14.845  0.744   -6.986  1.00 17.13 ? 135 THR A CB  1 
ATOM   1020 O  OG1 . THR A 1 136 ? 13.494  0.347   -7.250  1.00 15.06 ? 135 THR A OG1 1 
ATOM   1021 C  CG2 . THR A 1 136 ? 15.282  0.185   -5.641  1.00 18.00 ? 135 THR A CG2 1 
ATOM   1022 N  N   . TYR A 1 137 ? 15.148  2.620   -9.363  1.00 15.53 ? 136 TYR A N   1 
ATOM   1023 C  CA  . TYR A 1 137 ? 14.758  3.016   -10.706 1.00 14.58 ? 136 TYR A CA  1 
ATOM   1024 C  C   . TYR A 1 137 ? 13.582  2.165   -11.180 1.00 15.06 ? 136 TYR A C   1 
ATOM   1025 O  O   . TYR A 1 137 ? 12.621  2.689   -11.743 1.00 15.63 ? 136 TYR A O   1 
ATOM   1026 C  CB  . TYR A 1 137 ? 15.940  2.834   -11.653 1.00 15.57 ? 136 TYR A CB  1 
ATOM   1027 C  CG  . TYR A 1 137 ? 15.666  3.285   -13.062 1.00 15.38 ? 136 TYR A CG  1 
ATOM   1028 C  CD1 . TYR A 1 137 ? 15.798  4.626   -13.427 1.00 16.60 ? 136 TYR A CD1 1 
ATOM   1029 C  CD2 . TYR A 1 137 ? 15.278  2.372   -14.035 1.00 14.53 ? 136 TYR A CD2 1 
ATOM   1030 C  CE1 . TYR A 1 137 ? 15.552  5.040   -14.739 1.00 17.12 ? 136 TYR A CE1 1 
ATOM   1031 C  CE2 . TYR A 1 137 ? 15.027  2.772   -15.337 1.00 18.20 ? 136 TYR A CE2 1 
ATOM   1032 C  CZ  . TYR A 1 137 ? 15.170  4.105   -15.687 1.00 16.88 ? 136 TYR A CZ  1 
ATOM   1033 O  OH  . TYR A 1 137 ? 14.960  4.488   -16.995 1.00 18.38 ? 136 TYR A OH  1 
ATOM   1034 N  N   . GLU A 1 138 ? 13.662  0.852   -10.960 1.00 15.17 ? 137 GLU A N   1 
ATOM   1035 C  CA  . GLU A 1 138 ? 12.582  -0.050  -11.367 1.00 16.99 ? 137 GLU A CA  1 
ATOM   1036 C  C   . GLU A 1 138 ? 11.271  0.350   -10.693 1.00 15.51 ? 137 GLU A C   1 
ATOM   1037 O  O   . GLU A 1 138 ? 10.190  0.219   -11.281 1.00 12.50 ? 137 GLU A O   1 
ATOM   1038 C  CB  . GLU A 1 138 ? 12.910  -1.507  -11.009 1.00 21.28 ? 137 GLU A CB  1 
ATOM   1039 C  CG  . GLU A 1 138 ? 14.011  -2.136  -11.859 1.00 28.66 ? 137 GLU A CG  1 
ATOM   1040 C  CD  . GLU A 1 138 ? 13.672  -3.562  -12.304 1.00 34.51 ? 137 GLU A CD  1 
ATOM   1041 O  OE1 . GLU A 1 138 ? 13.418  -4.435  -11.444 1.00 38.24 ? 137 GLU A OE1 1 
ATOM   1042 O  OE2 . GLU A 1 138 ? 13.659  -3.816  -13.523 1.00 38.57 ? 137 GLU A OE2 1 
ATOM   1043 N  N   . GLN A 1 139 ? 11.368  0.819   -9.450  1.00 13.33 ? 138 GLN A N   1 
ATOM   1044 C  CA  . GLN A 1 139 ? 10.181  1.259   -8.725  1.00 14.21 ? 138 GLN A CA  1 
ATOM   1045 C  C   . GLN A 1 139 ? 9.600   2.508   -9.397  1.00 14.70 ? 138 GLN A C   1 
ATOM   1046 O  O   . GLN A 1 139 ? 8.393   2.589   -9.621  1.00 14.50 ? 138 GLN A O   1 
ATOM   1047 C  CB  . GLN A 1 139 ? 10.528  1.547   -7.259  1.00 14.49 ? 138 GLN A CB  1 
ATOM   1048 C  CG  . GLN A 1 139 ? 10.754  0.284   -6.437  1.00 14.92 ? 138 GLN A CG  1 
ATOM   1049 C  CD  . GLN A 1 139 ? 11.460  0.547   -5.115  1.00 16.12 ? 138 GLN A CD  1 
ATOM   1050 O  OE1 . GLN A 1 139 ? 11.752  1.696   -4.760  1.00 14.72 ? 138 GLN A OE1 1 
ATOM   1051 N  NE2 . GLN A 1 139 ? 11.736  -0.520  -4.381  1.00 13.74 ? 138 GLN A NE2 1 
ATOM   1052 N  N   . GLU A 1 140 ? 10.457  3.474   -9.725  1.00 13.82 ? 139 GLU A N   1 
ATOM   1053 C  CA  . GLU A 1 140 ? 10.003  4.695   -10.390 1.00 14.27 ? 139 GLU A CA  1 
ATOM   1054 C  C   . GLU A 1 140 ? 9.401   4.303   -11.740 1.00 12.53 ? 139 GLU A C   1 
ATOM   1055 O  O   . GLU A 1 140 ? 8.346   4.789   -12.141 1.00 12.38 ? 139 GLU A O   1 
ATOM   1056 C  CB  . GLU A 1 140 ? 11.179  5.655   -10.627 1.00 16.77 ? 139 GLU A CB  1 
ATOM   1057 C  CG  . GLU A 1 140 ? 11.944  6.068   -9.378  1.00 20.09 ? 139 GLU A CG  1 
ATOM   1058 C  CD  . GLU A 1 140 ? 13.233  6.819   -9.710  1.00 24.84 ? 139 GLU A CD  1 
ATOM   1059 O  OE1 . GLU A 1 140 ? 13.891  6.450   -10.709 1.00 28.12 ? 139 GLU A OE1 1 
ATOM   1060 O  OE2 . GLU A 1 140 ? 13.600  7.765   -8.978  1.00 24.34 ? 139 GLU A OE2 1 
ATOM   1061 N  N   . LYS A 1 141 ? 10.093  3.407   -12.431 1.00 13.01 ? 140 LYS A N   1 
ATOM   1062 C  CA  . LYS A 1 141 ? 9.669   2.926   -13.734 1.00 12.01 ? 140 LYS A CA  1 
ATOM   1063 C  C   . LYS A 1 141 ? 8.249   2.381   -13.677 1.00 12.38 ? 140 LYS A C   1 
ATOM   1064 O  O   . LYS A 1 141 ? 7.427   2.678   -14.545 1.00 11.87 ? 140 LYS A O   1 
ATOM   1065 C  CB  . LYS A 1 141 ? 10.642  1.840   -14.204 1.00 14.52 ? 140 LYS A CB  1 
ATOM   1066 C  CG  . LYS A 1 141 ? 10.292  1.152   -15.511 1.00 14.36 ? 140 LYS A CG  1 
ATOM   1067 C  CD  . LYS A 1 141 ? 11.479  0.278   -15.949 1.00 17.14 ? 140 LYS A CD  1 
ATOM   1068 C  CE  . LYS A 1 141 ? 11.114  -0.660  -17.068 1.00 17.41 ? 140 LYS A CE  1 
ATOM   1069 N  NZ  . LYS A 1 141 ? 10.186  -1.727  -16.578 1.00 21.04 ? 140 LYS A NZ  1 
ATOM   1070 N  N   . ALA A 1 142 ? 7.965   1.584   -12.650 1.00 11.53 ? 141 ALA A N   1 
ATOM   1071 C  CA  . ALA A 1 142 ? 6.639   0.998   -12.482 1.00 12.15 ? 141 ALA A CA  1 
ATOM   1072 C  C   . ALA A 1 142 ? 5.547   2.070   -12.437 1.00 13.01 ? 141 ALA A C   1 
ATOM   1073 O  O   . ALA A 1 142 ? 4.477   1.911   -13.031 1.00 12.10 ? 141 ALA A O   1 
ATOM   1074 C  CB  . ALA A 1 142 ? 6.603   0.166   -11.212 1.00 11.74 ? 141 ALA A CB  1 
ATOM   1075 N  N   . VAL A 1 143 ? 5.818   3.154   -11.714 1.00 13.13 ? 142 VAL A N   1 
ATOM   1076 C  CA  . VAL A 1 143 ? 4.866   4.253   -11.586 1.00 12.11 ? 142 VAL A CA  1 
ATOM   1077 C  C   . VAL A 1 143 ? 4.689   4.981   -12.920 1.00 12.64 ? 142 VAL A C   1 
ATOM   1078 O  O   . VAL A 1 143 ? 3.570   5.285   -13.324 1.00 11.72 ? 142 VAL A O   1 
ATOM   1079 C  CB  . VAL A 1 143 ? 5.324   5.278   -10.516 1.00 11.39 ? 142 VAL A CB  1 
ATOM   1080 C  CG1 . VAL A 1 143 ? 4.254   6.333   -10.319 1.00 11.70 ? 142 VAL A CG1 1 
ATOM   1081 C  CG2 . VAL A 1 143 ? 5.614   4.575   -9.203  1.00 12.40 ? 142 VAL A CG2 1 
ATOM   1082 N  N   . PHE A 1 144 ? 5.793   5.257   -13.606 1.00 13.97 ? 143 PHE A N   1 
ATOM   1083 C  CA  . PHE A 1 144 ? 5.725   5.947   -14.891 1.00 13.49 ? 143 PHE A CA  1 
ATOM   1084 C  C   . PHE A 1 144 ? 4.948   5.162   -15.929 1.00 14.16 ? 143 PHE A C   1 
ATOM   1085 O  O   . PHE A 1 144 ? 4.114   5.725   -16.638 1.00 14.26 ? 143 PHE A O   1 
ATOM   1086 C  CB  . PHE A 1 144 ? 7.132   6.248   -15.408 1.00 13.94 ? 143 PHE A CB  1 
ATOM   1087 C  CG  . PHE A 1 144 ? 7.667   7.574   -14.947 1.00 16.24 ? 143 PHE A CG  1 
ATOM   1088 C  CD1 . PHE A 1 144 ? 7.398   8.735   -15.670 1.00 18.66 ? 143 PHE A CD1 1 
ATOM   1089 C  CD2 . PHE A 1 144 ? 8.395   7.674   -13.769 1.00 16.79 ? 143 PHE A CD2 1 
ATOM   1090 C  CE1 . PHE A 1 144 ? 7.851   9.983   -15.217 1.00 19.81 ? 143 PHE A CE1 1 
ATOM   1091 C  CE2 . PHE A 1 144 ? 8.851   8.912   -13.307 1.00 18.84 ? 143 PHE A CE2 1 
ATOM   1092 C  CZ  . PHE A 1 144 ? 8.579   10.066  -14.033 1.00 18.72 ? 143 PHE A CZ  1 
ATOM   1093 N  N   . GLN A 1 145 ? 5.210   3.861   -16.024 1.00 13.04 ? 144 GLN A N   1 
ATOM   1094 C  CA  . GLN A 1 145 ? 4.496   3.043   -16.996 1.00 12.59 ? 144 GLN A CA  1 
ATOM   1095 C  C   . GLN A 1 145 ? 3.017   2.922   -16.633 1.00 12.31 ? 144 GLN A C   1 
ATOM   1096 O  O   . GLN A 1 145 ? 2.171   2.782   -17.513 1.00 12.10 ? 144 GLN A O   1 
ATOM   1097 C  CB  . GLN A 1 145 ? 5.150   1.662   -17.117 1.00 13.72 ? 144 GLN A CB  1 
ATOM   1098 C  CG  . GLN A 1 145 ? 6.591   1.737   -17.599 1.00 14.31 ? 144 GLN A CG  1 
ATOM   1099 C  CD  . GLN A 1 145 ? 7.219   0.371   -17.799 1.00 17.64 ? 144 GLN A CD  1 
ATOM   1100 O  OE1 . GLN A 1 145 ? 7.151   -0.492  -16.923 1.00 17.01 ? 144 GLN A OE1 1 
ATOM   1101 N  NE2 . GLN A 1 145 ? 7.843   0.173   -18.957 1.00 15.80 ? 144 GLN A NE2 1 
ATOM   1102 N  N   . PHE A 1 146 ? 2.706   2.990   -15.341 1.00 10.96 ? 145 PHE A N   1 
ATOM   1103 C  CA  . PHE A 1 146 ? 1.315   2.912   -14.908 1.00 12.10 ? 145 PHE A CA  1 
ATOM   1104 C  C   . PHE A 1 146 ? 0.629   4.185   -15.382 1.00 11.20 ? 145 PHE A C   1 
ATOM   1105 O  O   . PHE A 1 146 ? -0.468  4.143   -15.927 1.00 10.54 ? 145 PHE A O   1 
ATOM   1106 C  CB  . PHE A 1 146 ? 1.202   2.817   -13.382 1.00 11.11 ? 145 PHE A CB  1 
ATOM   1107 C  CG  . PHE A 1 146 ? -0.220  2.787   -12.886 1.00 11.82 ? 145 PHE A CG  1 
ATOM   1108 C  CD1 . PHE A 1 146 ? -1.034  1.688   -13.141 1.00 12.23 ? 145 PHE A CD1 1 
ATOM   1109 C  CD2 . PHE A 1 146 ? -0.761  3.876   -12.206 1.00 11.20 ? 145 PHE A CD2 1 
ATOM   1110 C  CE1 . PHE A 1 146 ? -2.368  1.674   -12.726 1.00 12.77 ? 145 PHE A CE1 1 
ATOM   1111 C  CE2 . PHE A 1 146 ? -2.096  3.869   -11.790 1.00 9.96  ? 145 PHE A CE2 1 
ATOM   1112 C  CZ  . PHE A 1 146 ? -2.895  2.768   -12.052 1.00 8.57  ? 145 PHE A CZ  1 
ATOM   1113 N  N   . TYR A 1 147 ? 1.292   5.318   -15.167 1.00 11.77 ? 146 TYR A N   1 
ATOM   1114 C  CA  . TYR A 1 147 ? 0.762   6.608   -15.590 1.00 13.71 ? 146 TYR A CA  1 
ATOM   1115 C  C   . TYR A 1 147 ? 0.489   6.576   -17.090 1.00 14.32 ? 146 TYR A C   1 
ATOM   1116 O  O   . TYR A 1 147 ? -0.533  7.076   -17.563 1.00 12.86 ? 146 TYR A O   1 
ATOM   1117 C  CB  . TYR A 1 147 ? 1.773   7.713   -15.273 1.00 16.37 ? 146 TYR A CB  1 
ATOM   1118 C  CG  . TYR A 1 147 ? 1.419   9.059   -15.857 1.00 18.49 ? 146 TYR A CG  1 
ATOM   1119 C  CD1 . TYR A 1 147 ? 0.200   9.669   -15.558 1.00 21.06 ? 146 TYR A CD1 1 
ATOM   1120 C  CD2 . TYR A 1 147 ? 2.312   9.738   -16.687 1.00 22.10 ? 146 TYR A CD2 1 
ATOM   1121 C  CE1 . TYR A 1 147 ? -0.120  10.930  -16.065 1.00 22.35 ? 146 TYR A CE1 1 
ATOM   1122 C  CE2 . TYR A 1 147 ? 2.000   11.002  -17.203 1.00 23.53 ? 146 TYR A CE2 1 
ATOM   1123 C  CZ  . TYR A 1 147 ? 0.781   11.590  -16.882 1.00 23.08 ? 146 TYR A CZ  1 
ATOM   1124 O  OH  . TYR A 1 147 ? 0.470   12.851  -17.351 1.00 24.66 ? 146 TYR A OH  1 
ATOM   1125 N  N   . GLN A 1 148 ? 1.416   5.981   -17.831 1.00 15.20 ? 147 GLN A N   1 
ATOM   1126 C  CA  . GLN A 1 148 ? 1.291   5.865   -19.277 1.00 17.32 ? 147 GLN A CA  1 
ATOM   1127 C  C   . GLN A 1 148 ? 0.017   5.140   -19.710 1.00 17.80 ? 147 GLN A C   1 
ATOM   1128 O  O   . GLN A 1 148 ? -0.610  5.526   -20.698 1.00 17.57 ? 147 GLN A O   1 
ATOM   1129 C  CB  . GLN A 1 148 ? 2.502   5.140   -19.850 1.00 18.42 ? 147 GLN A CB  1 
ATOM   1130 C  CG  . GLN A 1 148 ? 3.756   5.972   -19.902 1.00 21.33 ? 147 GLN A CG  1 
ATOM   1131 C  CD  . GLN A 1 148 ? 4.836   5.290   -20.705 1.00 26.01 ? 147 GLN A CD  1 
ATOM   1132 O  OE1 . GLN A 1 148 ? 4.547   4.592   -21.682 1.00 28.27 ? 147 GLN A OE1 1 
ATOM   1133 N  NE2 . GLN A 1 148 ? 6.088   5.497   -20.318 1.00 27.99 ? 147 GLN A NE2 1 
ATOM   1134 N  N   . ARG A 1 149 ? -0.365  4.097   -18.975 1.00 17.71 ? 148 ARG A N   1 
ATOM   1135 C  CA  . ARG A 1 149 ? -1.572  3.346   -19.312 1.00 18.13 ? 148 ARG A CA  1 
ATOM   1136 C  C   . ARG A 1 149 ? -2.786  3.821   -18.517 1.00 18.91 ? 148 ARG A C   1 
ATOM   1137 O  O   . ARG A 1 149 ? -3.828  3.164   -18.490 1.00 18.57 ? 148 ARG A O   1 
ATOM   1138 C  CB  . ARG A 1 149 ? -1.355  1.842   -19.102 1.00 18.55 ? 148 ARG A CB  1 
ATOM   1139 C  CG  . ARG A 1 149 ? -1.243  1.382   -17.651 1.00 19.81 ? 148 ARG A CG  1 
ATOM   1140 C  CD  . ARG A 1 149 ? -0.996  -0.135  -17.587 1.00 18.51 ? 148 ARG A CD  1 
ATOM   1141 N  NE  . ARG A 1 149 ? 0.399   -0.471  -17.848 1.00 21.01 ? 148 ARG A NE  1 
ATOM   1142 C  CZ  . ARG A 1 149 ? 1.324   -0.609  -16.900 1.00 19.38 ? 148 ARG A CZ  1 
ATOM   1143 N  NH1 . ARG A 1 149 ? 1.001   -0.455  -15.621 1.00 17.47 ? 148 ARG A NH1 1 
ATOM   1144 N  NH2 . ARG A 1 149 ? 2.582   -0.871  -17.232 1.00 22.69 ? 148 ARG A NH2 1 
ATOM   1145 N  N   . THR A 1 150 ? -2.652  4.973   -17.869 1.00 18.61 ? 149 THR A N   1 
ATOM   1146 C  CA  . THR A 1 150 ? -3.752  5.538   -17.100 1.00 19.77 ? 149 THR A CA  1 
ATOM   1147 C  C   . THR A 1 150 ? -4.080  6.902   -17.696 1.00 22.46 ? 149 THR A C   1 
ATOM   1148 O  O   . THR A 1 150 ? -5.217  7.370   -17.634 1.00 22.06 ? 149 THR A O   1 
ATOM   1149 C  CB  . THR A 1 150 ? -3.375  5.673   -15.611 1.00 19.45 ? 149 THR A CB  1 
ATOM   1150 O  OG1 . THR A 1 150 ? -3.192  4.365   -15.058 1.00 18.28 ? 149 THR A OG1 1 
ATOM   1151 C  CG2 . THR A 1 150 ? -4.478  6.394   -14.829 1.00 19.23 ? 149 THR A CG2 1 
ATOM   1152 N  N   . LYS A 1 151 ? -3.070  7.515   -18.302 1.00 24.95 ? 150 LYS A N   1 
ATOM   1153 C  CA  . LYS A 1 151 ? -3.203  8.817   -18.951 1.00 29.95 ? 150 LYS A CA  1 
ATOM   1154 C  C   . LYS A 1 151 ? -3.462  9.920   -17.939 1.00 31.18 ? 150 LYS A C   1 
ATOM   1155 O  O   . LYS A 1 151 ? -2.767  10.960  -18.011 1.00 34.14 ? 150 LYS A O   1 
ATOM   1156 C  CB  . LYS A 1 151 ? -4.333  8.788   -19.999 1.00 28.52 ? 150 LYS A CB  1 
ATOM   1157 C  CG  . LYS A 1 151 ? -4.336  9.992   -20.937 1.00 32.34 ? 150 LYS A CG  1 
ATOM   1158 C  CD  . LYS A 1 151 ? -5.629  10.806  -20.840 1.00 32.55 ? 150 LYS A CD  1 
ATOM   1159 C  CE  . LYS A 1 151 ? -5.545  12.079  -21.669 1.00 30.73 ? 150 LYS A CE  1 
ATOM   1160 N  NZ  . LYS A 1 151 ? -6.878  12.776  -21.804 1.00 31.78 ? 150 LYS A NZ  1 
ATOM   1161 O  OXT . LYS A 1 151 ? -4.369  9.743   -17.099 1.00 33.23 ? 150 LYS A OXT 1 
HETATM 1162 C  C1  . MLT B 2 .   ? 11.416  -1.757  1.160   1.00 21.21 ? 501 MLT A C1  1 
HETATM 1163 O  O1  . MLT B 2 .   ? 12.412  -1.089  1.047   1.00 23.47 ? 501 MLT A O1  1 
HETATM 1164 O  O2  . MLT B 2 .   ? 10.220  -1.166  1.279   1.00 18.94 ? 501 MLT A O2  1 
HETATM 1165 C  C2  . MLT B 2 .   ? 11.522  -3.280  1.156   1.00 20.67 ? 501 MLT A C2  1 
HETATM 1166 O  O3  . MLT B 2 .   ? 10.223  -3.855  1.301   1.00 19.37 ? 501 MLT A O3  1 
HETATM 1167 C  C3  . MLT B 2 .   ? 12.195  -3.755  -0.161  1.00 19.80 ? 501 MLT A C3  1 
HETATM 1168 C  C4  . MLT B 2 .   ? 11.238  -3.757  -1.323  1.00 20.83 ? 501 MLT A C4  1 
HETATM 1169 O  O4  . MLT B 2 .   ? 10.081  -3.414  -1.186  1.00 17.65 ? 501 MLT A O4  1 
HETATM 1170 O  O5  . MLT B 2 .   ? 11.699  -4.130  -2.511  1.00 21.58 ? 501 MLT A O5  1 
HETATM 1171 O  O   . HOH C 3 .   ? 6.066   4.146   1.289   1.00 12.11 ? 502 HOH A O   1 
HETATM 1172 O  O   . HOH C 3 .   ? 13.474  8.110   -1.892  1.00 15.41 ? 503 HOH A O   1 
HETATM 1173 O  O   . HOH C 3 .   ? 7.982   -5.493  11.705  1.00 17.44 ? 504 HOH A O   1 
HETATM 1174 O  O   . HOH C 3 .   ? 3.590   -0.510  -14.336 1.00 13.86 ? 505 HOH A O   1 
HETATM 1175 O  O   . HOH C 3 .   ? 4.495   3.572   12.775  1.00 16.70 ? 506 HOH A O   1 
HETATM 1176 O  O   . HOH C 3 .   ? -1.395  -1.456  -14.337 1.00 14.91 ? 507 HOH A O   1 
HETATM 1177 O  O   . HOH C 3 .   ? -5.714  0.598   -12.536 1.00 15.62 ? 508 HOH A O   1 
HETATM 1178 O  O   . HOH C 3 .   ? 4.584   -13.129 -6.597  1.00 21.28 ? 509 HOH A O   1 
HETATM 1179 O  O   . HOH C 3 .   ? 9.175   15.113  -2.515  1.00 17.59 ? 510 HOH A O   1 
HETATM 1180 O  O   . HOH C 3 .   ? -12.657 -6.465  6.628   1.00 21.60 ? 511 HOH A O   1 
HETATM 1181 O  O   . HOH C 3 .   ? 13.376  -2.502  -6.868  1.00 18.98 ? 512 HOH A O   1 
HETATM 1182 O  O   . HOH C 3 .   ? 4.908   -2.675  -13.794 1.00 21.56 ? 513 HOH A O   1 
HETATM 1183 O  O   . HOH C 3 .   ? 8.890   -9.749  1.349   1.00 20.93 ? 514 HOH A O   1 
HETATM 1184 O  O   . HOH C 3 .   ? 2.014   9.776   5.247   1.00 18.77 ? 515 HOH A O   1 
HETATM 1185 O  O   . HOH C 3 .   ? 6.109   13.105  -14.494 1.00 15.53 ? 516 HOH A O   1 
HETATM 1186 O  O   . HOH C 3 .   ? 9.781   -1.547  -13.475 1.00 14.99 ? 517 HOH A O   1 
HETATM 1187 O  O   . HOH C 3 .   ? 0.304   -8.044  20.240  1.00 20.03 ? 518 HOH A O   1 
HETATM 1188 O  O   . HOH C 3 .   ? 11.195  -3.379  -4.961  1.00 15.55 ? 519 HOH A O   1 
HETATM 1189 O  O   . HOH C 3 .   ? 1.020   -7.898  -15.387 1.00 17.56 ? 520 HOH A O   1 
HETATM 1190 O  O   . HOH C 3 .   ? 2.205   -11.247 1.394   1.00 28.70 ? 521 HOH A O   1 
HETATM 1191 O  O   . HOH C 3 .   ? 9.713   12.958  -8.493  1.00 20.52 ? 522 HOH A O   1 
HETATM 1192 O  O   . HOH C 3 .   ? -6.466  14.472  -1.737  1.00 24.77 ? 523 HOH A O   1 
HETATM 1193 O  O   . HOH C 3 .   ? 7.485   -2.017  -14.568 1.00 25.64 ? 524 HOH A O   1 
HETATM 1194 O  O   . HOH C 3 .   ? -8.877  11.410  1.802   1.00 24.17 ? 525 HOH A O   1 
HETATM 1195 O  O   . HOH C 3 .   ? 14.699  3.708   1.540   1.00 27.26 ? 526 HOH A O   1 
HETATM 1196 O  O   . HOH C 3 .   ? 10.672  0.340   8.009   1.00 16.88 ? 527 HOH A O   1 
HETATM 1197 O  O   . HOH C 3 .   ? 8.895   15.455  3.981   1.00 24.79 ? 528 HOH A O   1 
HETATM 1198 O  O   . HOH C 3 .   ? -5.588  -12.922 -0.729  1.00 27.57 ? 529 HOH A O   1 
HETATM 1199 O  O   . HOH C 3 .   ? -7.923  -1.170  -11.613 1.00 27.34 ? 530 HOH A O   1 
HETATM 1200 O  O   . HOH C 3 .   ? 5.766   -11.941 14.838  1.00 26.79 ? 531 HOH A O   1 
HETATM 1201 O  O   . HOH C 3 .   ? -4.896  2.638   -14.801 1.00 23.65 ? 532 HOH A O   1 
HETATM 1202 O  O   . HOH C 3 .   ? 7.682   7.077   6.324   1.00 20.54 ? 533 HOH A O   1 
HETATM 1203 O  O   . HOH C 3 .   ? 0.825   17.246  3.989   1.00 27.21 ? 534 HOH A O   1 
HETATM 1204 O  O   . HOH C 3 .   ? -0.419  -11.280 -7.595  1.00 25.41 ? 535 HOH A O   1 
HETATM 1205 O  O   . HOH C 3 .   ? 12.478  9.776   -0.285  1.00 19.73 ? 536 HOH A O   1 
HETATM 1206 O  O   . HOH C 3 .   ? 2.236   1.603   -20.153 1.00 20.62 ? 537 HOH A O   1 
HETATM 1207 O  O   . HOH C 3 .   ? -8.120  7.862   -13.396 1.00 28.74 ? 538 HOH A O   1 
HETATM 1208 O  O   . HOH C 3 .   ? -9.649  6.840   11.171  1.00 36.50 ? 539 HOH A O   1 
HETATM 1209 O  O   . HOH C 3 .   ? -1.953  4.323   -23.177 1.00 21.00 ? 540 HOH A O   1 
HETATM 1210 O  O   . HOH C 3 .   ? 5.265   -9.543  -9.128  1.00 19.66 ? 541 HOH A O   1 
HETATM 1211 O  O   . HOH C 3 .   ? 3.534   -18.828 1.022   1.00 27.26 ? 542 HOH A O   1 
HETATM 1212 O  O   . HOH C 3 .   ? -5.825  15.775  -7.224  1.00 27.97 ? 543 HOH A O   1 
HETATM 1213 O  O   . HOH C 3 .   ? 2.236   -17.049 3.340   1.00 28.03 ? 544 HOH A O   1 
HETATM 1214 O  O   . HOH C 3 .   ? 13.613  10.364  -8.720  1.00 29.00 ? 545 HOH A O   1 
HETATM 1215 O  O   . HOH C 3 .   ? 14.151  -11.092 -5.211  1.00 24.76 ? 546 HOH A O   1 
HETATM 1216 O  O   . HOH C 3 .   ? -5.958  0.526   18.579  1.00 26.17 ? 547 HOH A O   1 
HETATM 1217 O  O   . HOH C 3 .   ? -8.125  -3.795  19.860  1.00 32.58 ? 548 HOH A O   1 
HETATM 1218 O  O   . HOH C 3 .   ? 4.088   -17.028 -0.804  1.00 32.51 ? 549 HOH A O   1 
HETATM 1219 O  O   . HOH C 3 .   ? -12.649 4.885   3.760   1.00 31.42 ? 550 HOH A O   1 
HETATM 1220 O  O   . HOH C 3 .   ? 7.685   -8.510  -10.172 1.00 38.34 ? 551 HOH A O   1 
HETATM 1221 O  O   . HOH C 3 .   ? -0.818  -13.649 7.200   1.00 23.44 ? 552 HOH A O   1 
HETATM 1222 O  O   . HOH C 3 .   ? -5.190  -5.653  -15.499 1.00 27.36 ? 553 HOH A O   1 
HETATM 1223 O  O   . HOH C 3 .   ? 6.013   -12.506 6.416   1.00 22.58 ? 554 HOH A O   1 
HETATM 1224 O  O   . HOH C 3 .   ? -12.374 5.766   -6.334  1.00 30.32 ? 555 HOH A O   1 
HETATM 1225 O  O   . HOH C 3 .   ? -7.751  -10.011 -3.280  1.00 29.37 ? 556 HOH A O   1 
HETATM 1226 O  O   . HOH C 3 .   ? 11.321  -11.703 2.405   1.00 23.13 ? 557 HOH A O   1 
HETATM 1227 O  O   . HOH C 3 .   ? -0.141  9.309   9.251   1.00 24.60 ? 558 HOH A O   1 
HETATM 1228 O  O   . HOH C 3 .   ? 11.089  13.465  1.633   1.00 26.66 ? 559 HOH A O   1 
HETATM 1229 O  O   . HOH C 3 .   ? 5.067   16.855  -3.292  1.00 32.68 ? 560 HOH A O   1 
HETATM 1230 O  O   . HOH C 3 .   ? -14.420 6.099   1.551   1.00 32.07 ? 561 HOH A O   1 
HETATM 1231 O  O   . HOH C 3 .   ? 10.917  12.944  -6.117  1.00 25.70 ? 562 HOH A O   1 
HETATM 1232 O  O   . HOH C 3 .   ? 0.207   16.414  -11.624 1.00 21.63 ? 563 HOH A O   1 
HETATM 1233 O  O   . HOH C 3 .   ? -5.671  -12.813 7.942   1.00 30.96 ? 564 HOH A O   1 
HETATM 1234 O  O   . HOH C 3 .   ? 6.139   8.777   7.507   1.00 27.66 ? 565 HOH A O   1 
HETATM 1235 O  O   . HOH C 3 .   ? -8.724  -12.603 5.204   1.00 28.31 ? 566 HOH A O   1 
HETATM 1236 O  O   . HOH C 3 .   ? 5.053   0.513   16.934  1.00 30.63 ? 567 HOH A O   1 
HETATM 1237 O  O   . HOH C 3 .   ? 18.032  1.863   -8.785  1.00 23.62 ? 568 HOH A O   1 
HETATM 1238 O  O   . HOH C 3 .   ? -2.624  10.620  -13.892 1.00 25.41 ? 569 HOH A O   1 
HETATM 1239 O  O   . HOH C 3 .   ? -9.145  -15.683 11.508  1.00 30.88 ? 570 HOH A O   1 
HETATM 1240 O  O   . HOH C 3 .   ? -0.287  -13.086 -5.565  1.00 28.47 ? 571 HOH A O   1 
HETATM 1241 O  O   . HOH C 3 .   ? 11.875  -3.978  -15.044 1.00 34.95 ? 572 HOH A O   1 
HETATM 1242 O  O   . HOH C 3 .   ? -8.999  -11.473 0.691   1.00 37.47 ? 573 HOH A O   1 
HETATM 1243 O  O   . HOH C 3 .   ? 1.292   -16.156 12.389  1.00 31.92 ? 574 HOH A O   1 
HETATM 1244 O  O   . HOH C 3 .   ? 5.883   19.425  -10.605 1.00 34.48 ? 575 HOH A O   1 
HETATM 1245 O  O   . HOH C 3 .   ? -4.005  -13.933 -4.204  1.00 31.10 ? 576 HOH A O   1 
HETATM 1246 O  O   . HOH C 3 .   ? -6.059  10.019  -12.943 1.00 36.50 ? 577 HOH A O   1 
HETATM 1247 O  O   . HOH C 3 .   ? -4.775  8.349   12.368  1.00 25.16 ? 578 HOH A O   1 
HETATM 1248 O  O   . HOH C 3 .   ? 14.679  -11.972 0.051   1.00 25.54 ? 579 HOH A O   1 
HETATM 1249 O  O   . HOH C 3 .   ? -5.647  2.731   16.243  1.00 29.84 ? 580 HOH A O   1 
HETATM 1250 O  O   . HOH C 3 .   ? 1.146   2.368   19.437  1.00 27.48 ? 581 HOH A O   1 
HETATM 1251 O  O   . HOH C 3 .   ? 7.669   -12.399 3.948   1.00 20.38 ? 582 HOH A O   1 
HETATM 1252 O  O   . HOH C 3 .   ? -3.127  -10.913 -8.042  1.00 24.52 ? 583 HOH A O   1 
HETATM 1253 O  O   . HOH C 3 .   ? -3.010  2.024   -23.055 1.00 22.99 ? 584 HOH A O   1 
HETATM 1254 O  O   . HOH C 3 .   ? 9.577   -10.429 4.102   1.00 24.42 ? 585 HOH A O   1 
HETATM 1255 O  O   . HOH C 3 .   ? -1.648  18.341  2.913   1.00 26.59 ? 586 HOH A O   1 
HETATM 1256 O  O   . HOH C 3 .   ? 0.052   -15.919 1.748   1.00 22.75 ? 587 HOH A O   1 
HETATM 1257 O  O   . HOH C 3 .   ? -7.408  3.363   -15.388 1.00 28.26 ? 588 HOH A O   1 
HETATM 1258 O  O   . HOH C 3 .   ? -2.073  11.875  4.784   1.00 32.77 ? 589 HOH A O   1 
HETATM 1259 O  O   . HOH C 3 .   ? 16.426  -12.868 1.894   1.00 37.94 ? 590 HOH A O   1 
HETATM 1260 O  O   . HOH C 3 .   ? 10.743  2.834   9.402   1.00 26.84 ? 591 HOH A O   1 
HETATM 1261 O  O   . HOH C 3 .   ? 1.575   18.555  -1.363  1.00 30.98 ? 592 HOH A O   1 
HETATM 1262 O  O   . HOH C 3 .   ? 7.436   -12.907 8.430   1.00 33.99 ? 593 HOH A O   1 
HETATM 1263 O  O   . HOH C 3 .   ? 10.407  15.601  -0.240  1.00 30.71 ? 594 HOH A O   1 
HETATM 1264 O  O   . HOH C 3 .   ? 9.029   13.578  -14.279 1.00 29.18 ? 595 HOH A O   1 
HETATM 1265 O  O   . HOH C 3 .   ? 4.770   0.882   -20.796 1.00 38.37 ? 596 HOH A O   1 
HETATM 1266 O  O   . HOH C 3 .   ? 15.567  7.066   -0.569  1.00 24.97 ? 597 HOH A O   1 
HETATM 1267 O  O   . HOH C 3 .   ? -11.177 -8.624  -10.597 1.00 36.62 ? 598 HOH A O   1 
HETATM 1268 O  O   . HOH C 3 .   ? 9.920   1.553   -20.379 1.00 27.79 ? 599 HOH A O   1 
HETATM 1269 O  O   . HOH C 3 .   ? 8.004   -11.863 13.708  1.00 34.96 ? 600 HOH A O   1 
HETATM 1270 O  O   . HOH C 3 .   ? -14.435 7.658   -0.546  1.00 42.64 ? 601 HOH A O   1 
HETATM 1271 O  O   . HOH C 3 .   ? 1.606   -19.110 4.890   1.00 29.80 ? 602 HOH A O   1 
HETATM 1272 O  O   . HOH C 3 .   ? 13.540  0.934   7.725   1.00 30.88 ? 603 HOH A O   1 
HETATM 1273 O  O   . HOH C 3 .   ? 15.110  -12.493 -3.574  1.00 39.08 ? 604 HOH A O   1 
HETATM 1274 O  O   . HOH C 3 .   ? 9.447   -4.916  -16.046 1.00 41.14 ? 605 HOH A O   1 
HETATM 1275 O  O   . HOH C 3 .   ? -2.360  2.554   -9.129  1.00 48.60 ? 606 HOH A O   1 
HETATM 1276 O  O   . HOH C 3 .   ? -6.216  10.276  -15.177 1.00 42.69 ? 607 HOH A O   1 
HETATM 1277 O  O   . HOH C 3 .   ? -2.084  7.726   -21.430 1.00 27.83 ? 608 HOH A O   1 
HETATM 1278 O  O   . HOH C 3 .   ? -6.797  10.856  -17.626 1.00 30.97 ? 609 HOH A O   1 
HETATM 1279 O  O   . HOH C 3 .   ? -3.558  16.240  3.770   1.00 33.88 ? 610 HOH A O   1 
HETATM 1280 O  O   . HOH C 3 .   ? -1.495  13.965  3.473   1.00 33.53 ? 611 HOH A O   1 
HETATM 1281 O  O   . HOH C 3 .   ? 12.197  2.684   -1.298  1.00 20.04 ? 612 HOH A O   1 
HETATM 1282 O  O   . HOH C 3 .   ? 11.309  -0.871  -20.864 1.00 27.35 ? 613 HOH A O   1 
HETATM 1283 O  O   . HOH C 3 .   ? 7.466   17.210  -2.619  1.00 30.61 ? 614 HOH A O   1 
HETATM 1284 O  O   . HOH C 3 .   ? -7.559  -11.938 9.071   1.00 34.72 ? 615 HOH A O   1 
# 
